data_2BUN
#
_entry.id   2BUN
#
_cell.length_a   1.000
_cell.length_b   1.000
_cell.length_c   1.000
_cell.angle_alpha   90.00
_cell.angle_beta   90.00
_cell.angle_gamma   90.00
#
_symmetry.space_group_name_H-M   'P 1'
#
loop_
_entity.id
_entity.type
_entity.pdbx_description
1 polymer APPA
2 non-polymer 'FLAVIN-ADENINE DINUCLEOTIDE'
#
_entity_poly.entity_id   1
_entity_poly.type   'polypeptide(L)'
_entity_poly.pdbx_seq_one_letter_code
;LEADVTMTGSDLVSCCYRSLAAPDLTLRDLLDIVETSQAHNARAQLTGALFYSQGVFFQWLEGHPAAVAEVMSHIQRDRR
HSNVEILAEESIAKRRFAGWHMQLSCSEADMRSLGLAESRQ
;
_entity_poly.pdbx_strand_id   A
#
# COMPACT_ATOMS: atom_id res chain seq x y z
N LEU A 1 17.21 -0.45 -33.75
CA LEU A 1 15.99 -0.12 -33.04
C LEU A 1 15.20 -1.39 -32.78
N GLU A 2 14.84 -1.61 -31.55
CA GLU A 2 14.08 -2.75 -31.17
C GLU A 2 12.73 -2.30 -30.63
N ALA A 3 11.73 -3.09 -30.86
CA ALA A 3 10.39 -2.75 -30.47
C ALA A 3 10.16 -3.08 -29.00
N ASP A 4 9.51 -2.18 -28.30
CA ASP A 4 9.20 -2.39 -26.91
C ASP A 4 7.98 -3.29 -26.79
N VAL A 5 7.88 -3.98 -25.67
CA VAL A 5 6.80 -4.88 -25.41
C VAL A 5 5.44 -4.19 -25.32
N THR A 6 5.46 -2.86 -25.06
CA THR A 6 4.27 -2.03 -24.91
C THR A 6 3.41 -2.47 -23.72
N MET A 7 2.14 -2.12 -23.70
CA MET A 7 1.29 -2.46 -22.60
C MET A 7 0.92 -3.95 -22.62
N THR A 8 1.74 -4.74 -21.95
CA THR A 8 1.51 -6.14 -21.81
C THR A 8 1.21 -6.51 -20.37
N GLY A 9 -0.05 -6.68 -20.12
CA GLY A 9 -0.51 -7.01 -18.82
C GLY A 9 -1.92 -7.45 -18.90
N SER A 10 -2.11 -8.72 -19.09
CA SER A 10 -3.41 -9.27 -19.24
C SER A 10 -4.08 -9.49 -17.88
N ASP A 11 -3.32 -9.96 -16.91
CA ASP A 11 -3.85 -10.34 -15.68
C ASP A 11 -3.26 -9.62 -14.51
N LEU A 12 -3.38 -8.36 -14.56
CA LEU A 12 -3.13 -7.55 -13.45
C LEU A 12 -4.41 -6.92 -13.06
N VAL A 13 -4.42 -6.51 -11.88
CA VAL A 13 -5.50 -5.95 -11.24
C VAL A 13 -4.95 -4.98 -10.22
N SER A 14 -5.66 -3.96 -9.97
CA SER A 14 -5.26 -2.96 -9.04
C SER A 14 -6.41 -2.68 -8.08
N CYS A 15 -6.22 -3.05 -6.85
CA CYS A 15 -7.16 -2.73 -5.82
C CYS A 15 -6.70 -1.44 -5.20
N CYS A 16 -7.57 -0.47 -5.18
CA CYS A 16 -7.24 0.86 -4.72
C CYS A 16 -8.12 1.17 -3.56
N TYR A 17 -7.59 1.25 -2.35
CA TYR A 17 -8.46 1.37 -1.23
C TYR A 17 -8.28 2.67 -0.48
N ARG A 18 -9.31 3.02 0.25
CA ARG A 18 -9.33 4.20 1.07
C ARG A 18 -9.54 3.73 2.51
N SER A 19 -8.67 4.11 3.40
CA SER A 19 -8.83 3.73 4.76
C SER A 19 -8.56 4.92 5.67
N LEU A 20 -8.89 4.80 6.94
CA LEU A 20 -8.77 5.96 7.85
C LEU A 20 -7.93 5.67 9.09
N ALA A 21 -6.85 4.89 8.92
CA ALA A 21 -5.85 4.47 9.98
C ALA A 21 -6.40 4.47 11.41
N ALA A 22 -6.69 3.30 11.97
CA ALA A 22 -7.34 3.26 13.24
C ALA A 22 -6.44 3.80 14.34
N PRO A 23 -7.00 4.49 15.33
CA PRO A 23 -6.27 5.03 16.52
C PRO A 23 -5.62 3.94 17.38
N ASP A 24 -5.90 2.73 17.03
CA ASP A 24 -5.40 1.53 17.65
C ASP A 24 -4.04 1.17 17.06
N LEU A 25 -3.71 1.84 15.98
CA LEU A 25 -2.46 1.66 15.30
C LEU A 25 -1.32 2.27 16.02
N THR A 26 -0.23 1.58 15.96
CA THR A 26 0.98 2.06 16.43
C THR A 26 1.93 2.16 15.31
N LEU A 27 2.89 3.01 15.44
CA LEU A 27 3.96 3.13 14.51
C LEU A 27 4.62 1.80 14.35
N ARG A 28 4.74 1.04 15.45
CA ARG A 28 5.40 -0.22 15.33
C ARG A 28 4.57 -1.16 14.46
N ASP A 29 3.26 -1.00 14.52
CA ASP A 29 2.37 -1.80 13.70
C ASP A 29 2.60 -1.43 12.24
N LEU A 30 2.76 -0.09 11.93
CA LEU A 30 3.02 0.31 10.49
C LEU A 30 4.32 -0.23 10.02
N LEU A 31 5.29 -0.14 10.87
CA LEU A 31 6.68 -0.53 10.57
C LEU A 31 6.81 -2.02 10.41
N ASP A 32 5.94 -2.72 11.06
CA ASP A 32 5.84 -4.16 10.84
C ASP A 32 5.08 -4.45 9.55
N ILE A 33 3.96 -3.73 9.36
CA ILE A 33 3.13 -3.82 8.13
C ILE A 33 3.99 -3.62 6.89
N VAL A 34 4.73 -2.51 6.83
CA VAL A 34 5.56 -2.18 5.69
C VAL A 34 6.53 -3.31 5.33
N GLU A 35 7.24 -3.78 6.32
CA GLU A 35 8.21 -4.81 6.12
C GLU A 35 7.61 -6.12 5.62
N THR A 36 6.51 -6.55 6.21
CA THR A 36 5.90 -7.80 5.80
C THR A 36 5.18 -7.67 4.43
N SER A 37 4.60 -6.50 4.14
CA SER A 37 3.87 -6.29 2.91
C SER A 37 4.78 -6.27 1.69
N GLN A 38 5.94 -5.63 1.81
CA GLN A 38 6.94 -5.61 0.71
C GLN A 38 7.34 -6.99 0.35
N ALA A 39 7.59 -7.77 1.37
CA ALA A 39 8.05 -9.12 1.23
C ALA A 39 7.00 -9.98 0.54
N HIS A 40 5.76 -9.79 0.93
CA HIS A 40 4.66 -10.51 0.32
C HIS A 40 4.43 -10.00 -1.10
N ASN A 41 4.46 -8.68 -1.29
CA ASN A 41 4.26 -8.08 -2.61
C ASN A 41 5.31 -8.47 -3.59
N ALA A 42 6.56 -8.52 -3.14
CA ALA A 42 7.67 -8.95 -3.98
C ALA A 42 7.41 -10.35 -4.48
N ARG A 43 6.96 -11.21 -3.58
CA ARG A 43 6.64 -12.59 -3.92
C ARG A 43 5.40 -12.66 -4.79
N ALA A 44 4.35 -12.00 -4.35
CA ALA A 44 3.09 -12.10 -5.03
C ALA A 44 3.04 -11.33 -6.35
N GLN A 45 4.13 -10.56 -6.64
CA GLN A 45 4.32 -9.81 -7.93
C GLN A 45 3.48 -8.53 -7.95
N LEU A 46 3.18 -8.10 -6.76
CA LEU A 46 2.40 -6.91 -6.49
C LEU A 46 3.25 -5.67 -6.31
N THR A 47 2.85 -4.62 -6.99
CA THR A 47 3.48 -3.35 -6.95
C THR A 47 2.56 -2.34 -6.32
N GLY A 48 3.11 -1.36 -5.65
CA GLY A 48 2.28 -0.53 -4.85
C GLY A 48 2.93 0.71 -4.36
N ALA A 49 2.16 1.45 -3.67
CA ALA A 49 2.56 2.65 -2.99
C ALA A 49 1.47 3.03 -2.01
N LEU A 50 1.78 3.92 -1.13
CA LEU A 50 0.89 4.30 -0.08
C LEU A 50 0.95 5.78 0.18
N PHE A 51 -0.18 6.37 0.31
CA PHE A 51 -0.31 7.75 0.66
C PHE A 51 -0.97 7.82 2.02
N TYR A 52 -0.24 8.29 2.97
CA TYR A 52 -0.73 8.39 4.32
C TYR A 52 -0.49 9.82 4.77
N SER A 53 -1.53 10.52 5.13
CA SER A 53 -1.43 11.86 5.63
C SER A 53 -2.68 12.12 6.39
N GLN A 54 -2.59 12.88 7.48
CA GLN A 54 -3.77 13.30 8.27
C GLN A 54 -4.50 12.11 8.91
N GLY A 55 -3.80 10.98 8.99
CA GLY A 55 -4.37 9.76 9.53
C GLY A 55 -5.22 9.02 8.52
N VAL A 56 -5.25 9.49 7.29
CA VAL A 56 -6.02 8.81 6.29
C VAL A 56 -5.10 8.05 5.37
N PHE A 57 -5.57 6.94 4.91
CA PHE A 57 -4.82 6.03 4.08
C PHE A 57 -5.35 5.98 2.68
N PHE A 58 -4.49 6.16 1.74
CA PHE A 58 -4.80 5.75 0.43
C PHE A 58 -3.73 4.79 0.04
N GLN A 59 -4.09 3.57 -0.18
CA GLN A 59 -3.11 2.54 -0.42
C GLN A 59 -3.67 1.67 -1.50
N TRP A 60 -2.87 1.32 -2.45
CA TRP A 60 -3.35 0.46 -3.46
C TRP A 60 -2.27 -0.53 -3.86
N LEU A 61 -2.69 -1.57 -4.53
CA LEU A 61 -1.82 -2.65 -4.92
C LEU A 61 -2.14 -3.13 -6.33
N GLU A 62 -1.10 -3.31 -7.12
CA GLU A 62 -1.21 -3.81 -8.48
C GLU A 62 -0.64 -5.21 -8.51
N GLY A 63 -1.38 -6.17 -8.95
CA GLY A 63 -0.89 -7.51 -8.99
C GLY A 63 -1.77 -8.40 -9.80
N HIS A 64 -1.40 -9.65 -9.97
CA HIS A 64 -2.27 -10.63 -10.64
C HIS A 64 -3.48 -10.89 -9.72
N PRO A 65 -4.74 -10.77 -10.25
CA PRO A 65 -6.02 -10.78 -9.48
C PRO A 65 -6.04 -11.61 -8.19
N ALA A 66 -5.77 -12.88 -8.30
CA ALA A 66 -5.85 -13.74 -7.14
C ALA A 66 -4.77 -13.50 -6.13
N ALA A 67 -3.69 -12.95 -6.55
CA ALA A 67 -2.63 -12.60 -5.65
C ALA A 67 -3.08 -11.42 -4.83
N VAL A 68 -3.73 -10.51 -5.53
CA VAL A 68 -4.25 -9.29 -4.96
C VAL A 68 -5.29 -9.66 -3.95
N ALA A 69 -6.13 -10.62 -4.32
CA ALA A 69 -7.17 -11.09 -3.44
C ALA A 69 -6.63 -11.94 -2.30
N GLU A 70 -5.59 -12.70 -2.56
CA GLU A 70 -4.89 -13.46 -1.51
C GLU A 70 -4.40 -12.45 -0.50
N VAL A 71 -3.81 -11.41 -1.02
CA VAL A 71 -3.43 -10.29 -0.24
C VAL A 71 -4.66 -9.66 0.45
N MET A 72 -5.74 -9.32 -0.30
CA MET A 72 -6.96 -8.79 0.27
C MET A 72 -7.48 -9.61 1.43
N SER A 73 -7.62 -10.90 1.25
CA SER A 73 -8.11 -11.77 2.31
C SER A 73 -7.17 -11.78 3.52
N HIS A 74 -5.89 -11.62 3.28
CA HIS A 74 -4.93 -11.51 4.38
C HIS A 74 -5.02 -10.13 5.06
N ILE A 75 -5.34 -9.09 4.31
CA ILE A 75 -5.40 -7.74 4.89
C ILE A 75 -6.74 -7.50 5.53
N GLN A 76 -7.83 -7.81 4.81
CA GLN A 76 -9.23 -7.54 5.20
C GLN A 76 -9.70 -8.21 6.50
N ARG A 77 -8.83 -8.97 7.13
CA ARG A 77 -9.11 -9.50 8.45
C ARG A 77 -8.46 -8.62 9.53
N ASP A 78 -8.10 -7.41 9.12
CA ASP A 78 -7.49 -6.37 9.94
C ASP A 78 -8.39 -5.83 11.10
N ARG A 79 -8.19 -4.51 11.41
CA ARG A 79 -8.69 -3.76 12.58
C ARG A 79 -7.69 -2.59 12.76
N ARG A 80 -6.52 -2.81 12.13
CA ARG A 80 -5.42 -1.85 12.01
C ARG A 80 -5.83 -0.53 11.32
N HIS A 81 -6.20 -0.64 10.10
CA HIS A 81 -6.48 0.48 9.24
C HIS A 81 -7.97 0.68 9.10
N SER A 82 -8.45 1.64 9.84
CA SER A 82 -9.84 1.96 10.14
C SER A 82 -11.00 1.20 9.47
N ASN A 83 -11.04 1.21 8.18
CA ASN A 83 -12.17 0.56 7.46
C ASN A 83 -11.73 -0.28 6.32
N VAL A 84 -10.61 0.06 5.82
CA VAL A 84 -10.08 -0.40 4.58
C VAL A 84 -11.09 -0.62 3.48
N GLU A 85 -11.61 0.46 3.01
CA GLU A 85 -12.57 0.43 1.96
C GLU A 85 -11.89 0.38 0.64
N ILE A 86 -11.57 -0.84 0.22
CA ILE A 86 -11.04 -1.13 -1.12
C ILE A 86 -11.93 -0.43 -2.07
N LEU A 87 -13.08 -0.96 -2.20
CA LEU A 87 -14.19 -0.46 -3.03
C LEU A 87 -13.85 -0.34 -4.52
N ALA A 88 -12.57 -0.40 -4.86
CA ALA A 88 -12.13 -0.32 -6.22
C ALA A 88 -11.17 -1.43 -6.49
N GLU A 89 -11.57 -2.34 -7.33
CA GLU A 89 -10.71 -3.40 -7.78
C GLU A 89 -10.89 -3.46 -9.28
N GLU A 90 -9.89 -3.08 -9.99
CA GLU A 90 -9.98 -2.95 -11.43
C GLU A 90 -8.83 -3.66 -12.13
N SER A 91 -9.14 -4.34 -13.23
CA SER A 91 -8.15 -5.11 -13.95
C SER A 91 -7.25 -4.18 -14.76
N ILE A 92 -5.98 -4.23 -14.46
CA ILE A 92 -5.00 -3.37 -15.09
C ILE A 92 -3.98 -4.11 -15.92
N ALA A 93 -3.16 -3.36 -16.62
CA ALA A 93 -2.06 -3.91 -17.41
C ALA A 93 -0.79 -3.86 -16.66
N LYS A 94 -0.82 -2.96 -15.77
CA LYS A 94 0.21 -2.58 -14.93
C LYS A 94 1.49 -2.14 -15.71
N ARG A 95 2.48 -1.65 -14.96
CA ARG A 95 3.85 -1.24 -15.44
C ARG A 95 4.37 -0.16 -14.52
N ARG A 96 3.43 0.57 -14.01
CA ARG A 96 3.59 1.75 -13.16
C ARG A 96 4.62 1.57 -12.05
N PHE A 97 4.52 0.49 -11.31
CA PHE A 97 5.44 0.25 -10.25
C PHE A 97 6.07 -1.09 -10.40
N ALA A 98 7.24 -1.25 -9.83
CA ALA A 98 7.92 -2.51 -9.79
C ALA A 98 8.09 -2.95 -8.35
N GLY A 99 7.71 -2.07 -7.45
CA GLY A 99 7.74 -2.35 -6.05
C GLY A 99 6.70 -1.55 -5.32
N TRP A 100 6.31 -2.03 -4.17
CA TRP A 100 5.36 -1.36 -3.32
C TRP A 100 6.09 -0.35 -2.40
N HIS A 101 5.46 0.80 -2.14
CA HIS A 101 6.07 1.88 -1.38
C HIS A 101 5.25 2.21 -0.15
N MET A 102 5.87 2.83 0.83
CA MET A 102 5.21 3.24 2.05
C MET A 102 5.89 4.54 2.48
N GLN A 103 5.13 5.51 2.94
CA GLN A 103 5.73 6.77 3.39
C GLN A 103 6.35 6.58 4.76
N LEU A 104 5.63 5.89 5.63
CA LEU A 104 6.09 5.73 7.00
C LEU A 104 7.22 4.75 7.08
N SER A 105 8.30 5.24 7.58
CA SER A 105 9.51 4.52 7.77
C SER A 105 9.97 4.81 9.20
N CYS A 106 11.25 4.62 9.50
CA CYS A 106 11.76 4.99 10.80
C CYS A 106 11.73 6.51 10.92
N SER A 107 10.59 6.97 11.42
CA SER A 107 10.22 8.36 11.55
C SER A 107 9.92 8.94 10.14
N GLU A 108 9.38 10.10 10.12
CA GLU A 108 9.02 10.77 8.88
C GLU A 108 9.97 11.94 8.60
N ALA A 109 10.47 12.52 9.69
CA ALA A 109 11.38 13.63 9.73
C ALA A 109 10.72 14.96 9.36
N ASP A 110 10.71 15.83 10.34
CA ASP A 110 10.25 17.24 10.23
C ASP A 110 8.74 17.43 10.18
N MET A 111 8.01 16.57 9.50
CA MET A 111 6.55 16.75 9.35
C MET A 111 5.80 16.25 10.58
N ARG A 112 6.56 15.80 11.54
CA ARG A 112 6.10 15.30 12.83
C ARG A 112 5.23 16.30 13.57
N SER A 113 5.43 17.57 13.31
CA SER A 113 4.68 18.61 13.95
C SER A 113 3.22 18.63 13.47
N LEU A 114 2.94 17.87 12.43
CA LEU A 114 1.63 17.83 11.81
C LEU A 114 0.82 16.63 12.30
N GLY A 115 1.29 15.93 13.32
CA GLY A 115 0.51 14.79 13.82
C GLY A 115 1.26 13.93 14.83
N LEU A 116 2.50 13.58 14.50
CA LEU A 116 3.33 12.73 15.37
C LEU A 116 3.56 13.42 16.70
N ALA A 117 4.20 14.55 16.63
CA ALA A 117 4.54 15.28 17.80
C ALA A 117 3.58 16.43 17.99
N GLU A 118 2.41 16.10 18.49
CA GLU A 118 1.35 17.07 18.71
C GLU A 118 1.68 18.01 19.87
N SER A 119 2.04 17.45 20.98
CA SER A 119 2.39 18.25 22.14
C SER A 119 3.51 17.59 22.89
N ARG A 120 4.07 18.30 23.82
CA ARG A 120 5.22 17.82 24.54
C ARG A 120 4.81 17.27 25.88
N GLN A 121 4.10 18.07 26.65
CA GLN A 121 3.72 17.72 28.00
C GLN A 121 2.59 18.64 28.42
N LEU A 1 11.27 -2.50 -38.53
CA LEU A 1 10.72 -2.33 -37.17
C LEU A 1 9.27 -2.80 -37.14
N GLU A 2 8.88 -3.37 -36.03
CA GLU A 2 7.54 -3.79 -35.80
C GLU A 2 6.91 -2.84 -34.80
N ALA A 3 5.64 -2.68 -34.89
CA ALA A 3 4.89 -1.77 -34.03
C ALA A 3 4.83 -2.32 -32.61
N ASP A 4 4.79 -1.43 -31.65
CA ASP A 4 4.85 -1.82 -30.23
C ASP A 4 3.50 -2.35 -29.74
N VAL A 5 3.53 -3.41 -28.96
CA VAL A 5 2.35 -4.08 -28.44
C VAL A 5 1.65 -3.32 -27.29
N THR A 6 2.14 -2.11 -27.00
CA THR A 6 1.65 -1.19 -25.96
C THR A 6 1.98 -1.71 -24.56
N MET A 7 1.45 -1.08 -23.54
CA MET A 7 1.77 -1.42 -22.15
C MET A 7 0.93 -2.60 -21.65
N THR A 8 0.28 -3.29 -22.57
CA THR A 8 -0.67 -4.35 -22.26
C THR A 8 -0.17 -5.40 -21.27
N GLY A 9 -1.00 -5.67 -20.30
CA GLY A 9 -0.76 -6.66 -19.31
C GLY A 9 -2.03 -7.42 -19.11
N SER A 10 -1.95 -8.70 -18.93
CA SER A 10 -3.14 -9.51 -18.90
C SER A 10 -3.74 -9.68 -17.52
N ASP A 11 -3.02 -10.28 -16.60
CA ASP A 11 -3.59 -10.70 -15.38
C ASP A 11 -3.08 -9.95 -14.21
N LEU A 12 -3.17 -8.70 -14.31
CA LEU A 12 -2.89 -7.83 -13.25
C LEU A 12 -4.10 -7.06 -12.93
N VAL A 13 -4.19 -6.67 -11.71
CA VAL A 13 -5.29 -6.02 -11.17
C VAL A 13 -4.78 -5.05 -10.07
N SER A 14 -5.52 -4.00 -9.85
CA SER A 14 -5.25 -3.02 -8.84
C SER A 14 -6.48 -2.75 -8.00
N CYS A 15 -6.40 -3.12 -6.77
CA CYS A 15 -7.40 -2.74 -5.84
C CYS A 15 -6.91 -1.48 -5.19
N CYS A 16 -7.69 -0.45 -5.26
CA CYS A 16 -7.27 0.85 -4.79
C CYS A 16 -8.14 1.20 -3.64
N TYR A 17 -7.62 1.15 -2.44
CA TYR A 17 -8.48 1.24 -1.32
C TYR A 17 -8.14 2.37 -0.41
N ARG A 18 -9.01 2.60 0.51
CA ARG A 18 -8.79 3.59 1.51
C ARG A 18 -8.92 2.95 2.87
N SER A 19 -8.41 3.60 3.83
CA SER A 19 -8.61 3.24 5.19
C SER A 19 -8.48 4.47 6.01
N LEU A 20 -9.06 4.47 7.13
CA LEU A 20 -8.92 5.62 8.02
C LEU A 20 -8.03 5.28 9.21
N ALA A 21 -6.80 4.76 8.88
CA ALA A 21 -5.76 4.21 9.82
C ALA A 21 -6.14 4.26 11.28
N ALA A 22 -6.40 3.09 11.85
CA ALA A 22 -6.90 2.96 13.15
C ALA A 22 -5.94 3.56 14.17
N PRO A 23 -6.40 4.51 14.97
CA PRO A 23 -5.61 5.13 16.06
C PRO A 23 -5.24 4.11 17.18
N ASP A 24 -5.71 2.92 16.98
CA ASP A 24 -5.54 1.78 17.89
C ASP A 24 -4.17 1.13 17.67
N LEU A 25 -3.57 1.45 16.54
CA LEU A 25 -2.31 0.85 16.12
C LEU A 25 -1.13 1.58 16.78
N THR A 26 0.02 0.97 16.68
CA THR A 26 1.25 1.58 17.12
C THR A 26 2.06 2.02 15.95
N LEU A 27 3.16 2.64 16.22
CA LEU A 27 4.11 2.97 15.20
C LEU A 27 4.75 1.72 14.72
N ARG A 28 5.04 0.78 15.64
CA ARG A 28 5.73 -0.41 15.18
C ARG A 28 4.79 -1.23 14.34
N ASP A 29 3.52 -1.02 14.54
CA ASP A 29 2.49 -1.62 13.73
C ASP A 29 2.66 -1.18 12.29
N LEU A 30 2.89 0.15 12.06
CA LEU A 30 3.03 0.62 10.64
C LEU A 30 4.36 0.21 10.10
N LEU A 31 5.34 0.29 10.95
CA LEU A 31 6.71 -0.03 10.59
C LEU A 31 6.88 -1.53 10.39
N ASP A 32 5.97 -2.28 10.92
CA ASP A 32 5.89 -3.73 10.71
C ASP A 32 5.17 -4.00 9.39
N ILE A 33 4.07 -3.26 9.17
CA ILE A 33 3.25 -3.34 7.94
C ILE A 33 4.13 -3.17 6.72
N VAL A 34 4.94 -2.11 6.72
CA VAL A 34 5.84 -1.83 5.60
C VAL A 34 6.78 -3.03 5.30
N GLU A 35 7.33 -3.63 6.37
CA GLU A 35 8.25 -4.76 6.24
C GLU A 35 7.57 -5.95 5.60
N THR A 36 6.46 -6.37 6.19
CA THR A 36 5.76 -7.56 5.73
C THR A 36 5.14 -7.35 4.31
N SER A 37 4.65 -6.14 4.04
CA SER A 37 4.00 -5.84 2.78
C SER A 37 5.00 -5.95 1.61
N GLN A 38 6.18 -5.33 1.75
CA GLN A 38 7.23 -5.36 0.71
C GLN A 38 7.67 -6.74 0.42
N ALA A 39 7.91 -7.48 1.47
CA ALA A 39 8.45 -8.79 1.40
C ALA A 39 7.49 -9.77 0.69
N HIS A 40 6.22 -9.67 1.01
CA HIS A 40 5.23 -10.52 0.37
C HIS A 40 4.99 -10.03 -1.04
N ASN A 41 4.99 -8.71 -1.23
CA ASN A 41 4.79 -8.13 -2.57
C ASN A 41 5.87 -8.47 -3.53
N ALA A 42 7.11 -8.38 -3.09
CA ALA A 42 8.24 -8.73 -3.94
C ALA A 42 8.11 -10.18 -4.37
N ARG A 43 7.69 -11.01 -3.44
CA ARG A 43 7.52 -12.41 -3.68
C ARG A 43 6.32 -12.66 -4.61
N ALA A 44 5.22 -12.02 -4.30
CA ALA A 44 4.00 -12.21 -5.05
C ALA A 44 4.01 -11.49 -6.38
N GLN A 45 5.08 -10.69 -6.63
CA GLN A 45 5.29 -9.93 -7.89
C GLN A 45 4.30 -8.77 -7.96
N LEU A 46 3.85 -8.41 -6.80
CA LEU A 46 2.94 -7.32 -6.56
C LEU A 46 3.67 -6.01 -6.36
N THR A 47 3.20 -5.00 -7.00
CA THR A 47 3.76 -3.71 -6.92
C THR A 47 2.75 -2.78 -6.27
N GLY A 48 3.17 -1.66 -5.76
CA GLY A 48 2.29 -0.90 -4.93
C GLY A 48 2.78 0.47 -4.61
N ALA A 49 1.97 1.17 -3.90
CA ALA A 49 2.28 2.47 -3.36
C ALA A 49 1.14 2.88 -2.46
N LEU A 50 1.34 3.85 -1.63
CA LEU A 50 0.30 4.28 -0.77
C LEU A 50 0.50 5.70 -0.34
N PHE A 51 -0.58 6.34 0.01
CA PHE A 51 -0.56 7.68 0.45
C PHE A 51 -1.14 7.69 1.86
N TYR A 52 -0.33 7.98 2.81
CA TYR A 52 -0.76 8.03 4.20
C TYR A 52 -0.37 9.40 4.71
N SER A 53 -1.32 10.18 5.14
CA SER A 53 -1.06 11.48 5.69
C SER A 53 -2.23 11.85 6.56
N GLN A 54 -1.96 12.54 7.66
CA GLN A 54 -3.00 13.06 8.57
C GLN A 54 -3.78 11.97 9.33
N GLY A 55 -3.47 10.73 9.05
CA GLY A 55 -4.16 9.63 9.67
C GLY A 55 -5.00 8.86 8.68
N VAL A 56 -5.12 9.39 7.47
CA VAL A 56 -5.91 8.70 6.46
C VAL A 56 -5.03 7.82 5.61
N PHE A 57 -5.52 6.65 5.30
CA PHE A 57 -4.83 5.70 4.44
C PHE A 57 -5.42 5.67 3.04
N PHE A 58 -4.59 5.77 2.06
CA PHE A 58 -4.96 5.43 0.71
C PHE A 58 -3.92 4.45 0.25
N GLN A 59 -4.30 3.25 -0.05
CA GLN A 59 -3.34 2.22 -0.34
C GLN A 59 -3.83 1.43 -1.52
N TRP A 60 -2.99 1.22 -2.50
CA TRP A 60 -3.40 0.41 -3.59
C TRP A 60 -2.26 -0.47 -4.04
N LEU A 61 -2.56 -1.55 -4.70
CA LEU A 61 -1.55 -2.48 -5.12
C LEU A 61 -1.84 -3.01 -6.51
N GLU A 62 -0.80 -3.36 -7.19
CA GLU A 62 -0.87 -3.93 -8.51
C GLU A 62 -0.40 -5.37 -8.39
N GLY A 63 -1.18 -6.31 -8.82
CA GLY A 63 -0.74 -7.67 -8.75
C GLY A 63 -1.65 -8.57 -9.54
N HIS A 64 -1.30 -9.85 -9.62
CA HIS A 64 -2.20 -10.81 -10.26
C HIS A 64 -3.42 -11.00 -9.34
N PRO A 65 -4.68 -10.90 -9.88
CA PRO A 65 -5.96 -10.85 -9.13
C PRO A 65 -6.03 -11.69 -7.86
N ALA A 66 -5.56 -12.90 -7.91
CA ALA A 66 -5.68 -13.78 -6.76
C ALA A 66 -4.73 -13.44 -5.65
N ALA A 67 -3.63 -12.86 -6.00
CA ALA A 67 -2.67 -12.43 -5.00
C ALA A 67 -3.25 -11.24 -4.30
N VAL A 68 -3.91 -10.43 -5.10
CA VAL A 68 -4.55 -9.25 -4.63
C VAL A 68 -5.67 -9.67 -3.70
N ALA A 69 -6.38 -10.70 -4.10
CA ALA A 69 -7.49 -11.22 -3.32
C ALA A 69 -7.04 -11.94 -2.07
N GLU A 70 -5.89 -12.56 -2.13
CA GLU A 70 -5.27 -13.16 -0.95
C GLU A 70 -5.11 -12.09 0.09
N VAL A 71 -4.61 -10.96 -0.32
CA VAL A 71 -4.48 -9.91 0.56
C VAL A 71 -5.86 -9.29 0.87
N MET A 72 -6.78 -9.15 -0.15
CA MET A 72 -8.16 -8.66 0.10
C MET A 72 -8.85 -9.44 1.18
N SER A 73 -8.85 -10.75 1.07
CA SER A 73 -9.54 -11.60 2.03
C SER A 73 -8.96 -11.43 3.43
N HIS A 74 -7.65 -11.30 3.49
CA HIS A 74 -6.99 -11.08 4.76
C HIS A 74 -7.31 -9.65 5.28
N ILE A 75 -7.19 -8.71 4.38
CA ILE A 75 -7.36 -7.29 4.60
C ILE A 75 -8.81 -6.88 4.92
N GLN A 76 -9.75 -7.36 4.21
CA GLN A 76 -11.15 -7.09 4.46
C GLN A 76 -11.65 -7.68 5.78
N ARG A 77 -10.84 -8.52 6.36
CA ARG A 77 -11.07 -9.05 7.69
C ARG A 77 -10.00 -8.51 8.65
N ASP A 78 -9.44 -7.35 8.33
CA ASP A 78 -8.28 -6.83 9.06
C ASP A 78 -8.60 -6.06 10.34
N ARG A 79 -7.61 -5.27 10.72
CA ARG A 79 -7.44 -4.62 12.00
C ARG A 79 -6.33 -3.52 11.90
N ARG A 80 -5.28 -3.78 11.07
CA ARG A 80 -4.08 -2.90 10.92
C ARG A 80 -4.39 -1.66 10.05
N HIS A 81 -5.65 -1.41 9.88
CA HIS A 81 -6.19 -0.35 9.09
C HIS A 81 -7.63 -0.29 9.41
N SER A 82 -8.07 0.90 9.69
CA SER A 82 -9.33 1.19 10.33
C SER A 82 -10.56 0.52 9.72
N ASN A 83 -10.67 0.57 8.45
CA ASN A 83 -11.89 0.08 7.79
C ASN A 83 -11.62 -0.78 6.61
N VAL A 84 -10.60 -0.41 5.95
CA VAL A 84 -10.23 -0.87 4.68
C VAL A 84 -11.33 -1.05 3.68
N GLU A 85 -11.65 0.03 3.07
CA GLU A 85 -12.66 0.07 2.07
C GLU A 85 -12.00 0.16 0.74
N ILE A 86 -11.83 -1.00 0.13
CA ILE A 86 -11.31 -1.15 -1.23
C ILE A 86 -12.00 -0.18 -2.11
N LEU A 87 -13.24 -0.39 -2.28
CA LEU A 87 -14.17 0.47 -3.00
C LEU A 87 -13.90 0.54 -4.52
N ALA A 88 -12.66 0.30 -4.90
CA ALA A 88 -12.26 0.32 -6.30
C ALA A 88 -11.39 -0.87 -6.62
N GLU A 89 -11.81 -1.60 -7.61
CA GLU A 89 -11.12 -2.79 -8.05
C GLU A 89 -11.04 -2.72 -9.56
N GLU A 90 -9.86 -2.55 -10.10
CA GLU A 90 -9.69 -2.41 -11.53
C GLU A 90 -8.63 -3.35 -12.09
N SER A 91 -8.85 -3.86 -13.28
CA SER A 91 -7.89 -4.72 -13.95
C SER A 91 -6.80 -3.85 -14.55
N ILE A 92 -5.57 -4.18 -14.31
CA ILE A 92 -4.48 -3.37 -14.79
C ILE A 92 -3.51 -4.09 -15.68
N ALA A 93 -2.57 -3.33 -16.20
CA ALA A 93 -1.50 -3.87 -17.01
C ALA A 93 -0.25 -3.95 -16.23
N LYS A 94 -0.35 -3.37 -15.10
CA LYS A 94 0.66 -3.18 -14.17
C LYS A 94 1.88 -2.49 -14.77
N ARG A 95 2.99 -2.55 -14.07
CA ARG A 95 4.28 -1.97 -14.48
C ARG A 95 4.25 -0.47 -14.22
N ARG A 96 3.36 -0.09 -13.34
CA ARG A 96 3.14 1.29 -13.02
C ARG A 96 4.14 1.74 -11.97
N PHE A 97 4.21 1.04 -10.85
CA PHE A 97 5.13 1.46 -9.80
C PHE A 97 6.32 0.55 -9.60
N ALA A 98 6.24 -0.60 -10.21
CA ALA A 98 7.32 -1.65 -10.25
C ALA A 98 7.73 -2.24 -8.87
N GLY A 99 7.38 -1.58 -7.83
CA GLY A 99 7.59 -2.04 -6.49
C GLY A 99 6.51 -1.45 -5.63
N TRP A 100 6.29 -1.95 -4.45
CA TRP A 100 5.31 -1.35 -3.54
C TRP A 100 5.97 -0.20 -2.78
N HIS A 101 5.23 0.90 -2.54
CA HIS A 101 5.84 2.04 -1.92
C HIS A 101 5.05 2.53 -0.72
N MET A 102 5.77 2.90 0.30
CA MET A 102 5.25 3.52 1.48
C MET A 102 5.67 4.98 1.45
N GLN A 103 4.76 5.86 1.79
CA GLN A 103 5.04 7.29 1.74
C GLN A 103 5.92 7.73 2.93
N LEU A 104 5.65 7.16 4.10
CA LEU A 104 6.37 7.52 5.31
C LEU A 104 7.73 6.87 5.38
N SER A 105 7.75 5.59 5.78
CA SER A 105 8.96 4.77 5.96
C SER A 105 9.81 5.24 7.16
N CYS A 106 9.93 6.53 7.31
CA CYS A 106 10.67 7.17 8.38
C CYS A 106 10.31 8.66 8.42
N SER A 107 9.96 9.20 7.23
CA SER A 107 9.70 10.63 7.04
C SER A 107 10.86 11.45 7.54
N GLU A 108 11.99 11.22 6.87
CA GLU A 108 13.32 11.78 7.16
C GLU A 108 13.85 11.28 8.49
N ALA A 109 13.24 11.80 9.56
CA ALA A 109 13.69 11.69 10.95
C ALA A 109 14.96 12.49 11.15
N ASP A 110 15.22 13.34 10.18
CA ASP A 110 16.37 14.22 10.18
C ASP A 110 15.93 15.62 10.51
N MET A 111 15.22 16.24 9.57
CA MET A 111 14.78 17.62 9.74
C MET A 111 13.60 17.61 10.68
N ARG A 112 12.62 16.76 10.36
CA ARG A 112 11.45 16.50 11.21
C ARG A 112 10.48 17.69 11.31
N SER A 113 10.85 18.80 10.68
CA SER A 113 10.06 20.04 10.69
C SER A 113 8.78 19.91 9.85
N LEU A 114 8.54 18.72 9.34
CA LEU A 114 7.33 18.40 8.60
C LEU A 114 6.09 18.22 9.52
N GLY A 115 6.30 18.39 10.82
CA GLY A 115 5.19 18.29 11.74
C GLY A 115 5.56 17.56 13.01
N LEU A 116 6.54 16.67 12.89
CA LEU A 116 7.02 15.87 14.02
C LEU A 116 7.71 16.80 15.01
N ALA A 117 8.59 17.61 14.47
CA ALA A 117 9.28 18.57 15.25
C ALA A 117 8.76 19.94 14.91
N GLU A 118 7.74 20.35 15.63
CA GLU A 118 7.16 21.66 15.45
C GLU A 118 7.78 22.62 16.45
N SER A 119 8.14 22.07 17.62
CA SER A 119 8.72 22.80 18.73
C SER A 119 7.73 23.78 19.39
N ARG A 120 7.25 23.37 20.56
CA ARG A 120 6.37 24.16 21.44
C ARG A 120 6.94 25.56 21.73
N GLN A 121 8.24 25.71 21.58
CA GLN A 121 8.91 26.97 21.77
C GLN A 121 10.21 26.94 20.98
N LEU A 1 5.62 -7.85 -38.70
CA LEU A 1 5.38 -7.63 -37.29
C LEU A 1 4.33 -8.60 -36.80
N GLU A 2 4.54 -9.11 -35.61
CA GLU A 2 3.65 -10.01 -35.00
C GLU A 2 2.84 -9.27 -33.95
N ALA A 3 1.79 -9.89 -33.50
CA ALA A 3 0.91 -9.33 -32.47
C ALA A 3 1.68 -8.80 -31.27
N ASP A 4 1.33 -7.63 -30.86
CA ASP A 4 1.96 -6.95 -29.74
C ASP A 4 1.19 -7.28 -28.47
N VAL A 5 1.76 -6.98 -27.31
CA VAL A 5 1.11 -7.19 -26.05
C VAL A 5 -0.20 -6.38 -25.93
N THR A 6 -0.26 -5.25 -26.65
CA THR A 6 -1.42 -4.38 -26.73
C THR A 6 -1.89 -3.85 -25.36
N MET A 7 -3.11 -3.35 -25.27
CA MET A 7 -3.63 -2.77 -24.05
C MET A 7 -4.15 -3.82 -23.09
N THR A 8 -4.43 -3.38 -21.86
CA THR A 8 -4.96 -4.17 -20.73
C THR A 8 -3.99 -5.20 -20.14
N GLY A 9 -2.94 -5.52 -20.87
CA GLY A 9 -2.03 -6.56 -20.43
C GLY A 9 -2.76 -7.88 -20.48
N SER A 10 -3.26 -8.32 -19.34
CA SER A 10 -4.06 -9.52 -19.24
C SER A 10 -4.54 -9.74 -17.81
N ASP A 11 -3.66 -10.25 -16.97
CA ASP A 11 -4.03 -10.71 -15.70
C ASP A 11 -3.43 -9.91 -14.60
N LEU A 12 -3.57 -8.67 -14.72
CA LEU A 12 -3.22 -7.79 -13.69
C LEU A 12 -4.44 -7.06 -13.28
N VAL A 13 -4.47 -6.74 -12.05
CA VAL A 13 -5.52 -6.09 -11.40
C VAL A 13 -4.91 -5.25 -10.27
N SER A 14 -5.52 -4.17 -9.95
CA SER A 14 -5.08 -3.36 -8.86
C SER A 14 -6.24 -3.13 -7.91
N CYS A 15 -6.01 -3.32 -6.65
CA CYS A 15 -7.01 -3.00 -5.69
C CYS A 15 -6.63 -1.66 -5.11
N CYS A 16 -7.49 -0.70 -5.26
CA CYS A 16 -7.21 0.64 -4.81
C CYS A 16 -8.04 0.85 -3.60
N TYR A 17 -7.44 0.92 -2.44
CA TYR A 17 -8.23 0.99 -1.27
C TYR A 17 -7.85 2.14 -0.39
N ARG A 18 -8.75 2.48 0.48
CA ARG A 18 -8.52 3.49 1.46
C ARG A 18 -8.75 2.88 2.82
N SER A 19 -8.26 3.52 3.82
CA SER A 19 -8.57 3.16 5.16
C SER A 19 -8.49 4.40 5.99
N LEU A 20 -9.10 4.39 7.10
CA LEU A 20 -9.00 5.52 8.00
C LEU A 20 -8.24 5.12 9.22
N ALA A 21 -6.92 4.88 9.05
CA ALA A 21 -5.98 4.28 10.06
C ALA A 21 -6.44 4.47 11.49
N ALA A 22 -6.55 3.36 12.24
CA ALA A 22 -7.09 3.41 13.55
C ALA A 22 -6.34 4.39 14.45
N PRO A 23 -7.07 5.25 15.14
CA PRO A 23 -6.52 6.24 16.09
C PRO A 23 -5.80 5.62 17.29
N ASP A 24 -5.83 4.34 17.36
CA ASP A 24 -5.23 3.60 18.44
C ASP A 24 -4.01 2.84 17.94
N LEU A 25 -3.51 3.29 16.81
CA LEU A 25 -2.37 2.68 16.17
C LEU A 25 -1.07 2.98 16.81
N THR A 26 -0.29 1.96 16.78
CA THR A 26 1.02 1.93 17.24
C THR A 26 1.99 1.99 16.09
N LEU A 27 3.08 2.68 16.29
CA LEU A 27 4.17 2.79 15.30
C LEU A 27 4.67 1.45 14.91
N ARG A 28 4.82 0.55 15.88
CA ARG A 28 5.29 -0.78 15.58
C ARG A 28 4.38 -1.45 14.56
N ASP A 29 3.10 -1.12 14.62
CA ASP A 29 2.13 -1.62 13.68
C ASP A 29 2.43 -1.16 12.29
N LEU A 30 2.89 0.09 12.12
CA LEU A 30 3.20 0.57 10.76
C LEU A 30 4.47 -0.07 10.30
N LEU A 31 5.34 -0.23 11.25
CA LEU A 31 6.66 -0.83 11.04
C LEU A 31 6.54 -2.32 10.74
N ASP A 32 5.46 -2.91 11.17
CA ASP A 32 5.14 -4.29 10.78
C ASP A 32 4.54 -4.28 9.41
N ILE A 33 3.51 -3.43 9.22
CA ILE A 33 2.80 -3.27 7.95
C ILE A 33 3.77 -3.15 6.77
N VAL A 34 4.71 -2.19 6.87
CA VAL A 34 5.71 -1.96 5.82
C VAL A 34 6.47 -3.26 5.47
N GLU A 35 6.91 -3.97 6.47
CA GLU A 35 7.69 -5.18 6.29
C GLU A 35 6.86 -6.33 5.74
N THR A 36 5.67 -6.52 6.28
CA THR A 36 4.75 -7.55 5.85
C THR A 36 4.37 -7.36 4.36
N SER A 37 4.19 -6.10 3.97
CA SER A 37 3.80 -5.76 2.62
C SER A 37 4.86 -6.17 1.61
N GLN A 38 6.10 -5.71 1.81
CA GLN A 38 7.21 -6.04 0.89
C GLN A 38 7.34 -7.51 0.70
N ALA A 39 7.37 -8.21 1.80
CA ALA A 39 7.58 -9.63 1.80
C ALA A 39 6.54 -10.39 0.96
N HIS A 40 5.28 -10.02 1.03
CA HIS A 40 4.30 -10.70 0.20
C HIS A 40 4.27 -10.11 -1.17
N ASN A 41 4.31 -8.82 -1.25
CA ASN A 41 4.12 -8.16 -2.53
C ASN A 41 5.29 -8.37 -3.45
N ALA A 42 6.49 -8.37 -2.92
CA ALA A 42 7.67 -8.64 -3.73
C ALA A 42 7.64 -10.08 -4.19
N ARG A 43 7.13 -10.94 -3.34
CA ARG A 43 7.05 -12.35 -3.63
C ARG A 43 5.96 -12.61 -4.65
N ALA A 44 4.78 -12.08 -4.39
CA ALA A 44 3.65 -12.33 -5.26
C ALA A 44 3.66 -11.44 -6.51
N GLN A 45 4.68 -10.57 -6.62
CA GLN A 45 4.93 -9.70 -7.80
C GLN A 45 3.91 -8.58 -7.90
N LEU A 46 3.62 -8.07 -6.75
CA LEU A 46 2.73 -6.95 -6.56
C LEU A 46 3.51 -5.66 -6.36
N THR A 47 3.20 -4.68 -7.16
CA THR A 47 3.86 -3.42 -7.12
C THR A 47 2.90 -2.36 -6.57
N GLY A 48 3.40 -1.36 -5.89
CA GLY A 48 2.50 -0.55 -5.09
C GLY A 48 3.06 0.73 -4.60
N ALA A 49 2.23 1.43 -3.92
CA ALA A 49 2.59 2.64 -3.20
C ALA A 49 1.56 2.87 -2.11
N LEU A 50 2.01 3.33 -0.98
CA LEU A 50 1.16 3.55 0.17
C LEU A 50 1.21 5.00 0.56
N PHE A 51 0.08 5.64 0.59
CA PHE A 51 -0.02 7.01 0.99
C PHE A 51 -0.78 7.10 2.30
N TYR A 52 -0.07 7.38 3.34
CA TYR A 52 -0.66 7.58 4.64
C TYR A 52 -0.22 8.95 5.06
N SER A 53 -1.14 9.83 5.27
CA SER A 53 -0.79 11.13 5.70
C SER A 53 -1.96 11.72 6.49
N GLN A 54 -1.74 11.83 7.80
CA GLN A 54 -2.68 12.41 8.75
C GLN A 54 -3.99 11.61 8.82
N GLY A 55 -3.94 10.46 9.49
CA GLY A 55 -5.13 9.64 9.71
C GLY A 55 -5.58 8.80 8.51
N VAL A 56 -5.58 9.39 7.34
CA VAL A 56 -6.10 8.69 6.19
C VAL A 56 -5.06 7.76 5.55
N PHE A 57 -5.48 6.52 5.36
CA PHE A 57 -4.71 5.52 4.65
C PHE A 57 -5.16 5.43 3.18
N PHE A 58 -4.23 5.30 2.28
CA PHE A 58 -4.51 4.99 0.90
C PHE A 58 -3.46 4.00 0.41
N GLN A 59 -3.91 2.84 0.00
CA GLN A 59 -3.00 1.79 -0.45
C GLN A 59 -3.59 1.12 -1.65
N TRP A 60 -2.81 0.99 -2.68
CA TRP A 60 -3.25 0.22 -3.78
C TRP A 60 -2.08 -0.58 -4.30
N LEU A 61 -2.36 -1.63 -5.00
CA LEU A 61 -1.30 -2.51 -5.48
C LEU A 61 -1.65 -3.13 -6.80
N GLU A 62 -0.66 -3.24 -7.64
CA GLU A 62 -0.76 -3.82 -8.94
C GLU A 62 -0.33 -5.28 -8.81
N GLY A 63 -1.14 -6.20 -9.21
CA GLY A 63 -0.74 -7.57 -9.13
C GLY A 63 -1.67 -8.45 -9.93
N HIS A 64 -1.37 -9.73 -10.03
CA HIS A 64 -2.29 -10.68 -10.64
C HIS A 64 -3.51 -10.83 -9.71
N PRO A 65 -4.78 -10.74 -10.25
CA PRO A 65 -6.06 -10.69 -9.47
C PRO A 65 -6.11 -11.49 -8.19
N ALA A 66 -5.67 -12.71 -8.24
CA ALA A 66 -5.79 -13.56 -7.07
C ALA A 66 -4.74 -13.30 -6.04
N ALA A 67 -3.67 -12.73 -6.45
CA ALA A 67 -2.66 -12.33 -5.52
C ALA A 67 -3.17 -11.17 -4.75
N VAL A 68 -3.88 -10.35 -5.49
CA VAL A 68 -4.52 -9.18 -5.01
C VAL A 68 -5.57 -9.60 -4.02
N ALA A 69 -6.36 -10.57 -4.40
CA ALA A 69 -7.40 -11.05 -3.53
C ALA A 69 -6.86 -11.81 -2.34
N GLU A 70 -5.80 -12.56 -2.54
CA GLU A 70 -5.12 -13.25 -1.45
C GLU A 70 -4.59 -12.23 -0.47
N VAL A 71 -4.16 -11.11 -0.99
CA VAL A 71 -3.77 -10.09 -0.12
C VAL A 71 -5.04 -9.48 0.52
N MET A 72 -6.11 -9.25 -0.30
CA MET A 72 -7.39 -8.73 0.23
C MET A 72 -7.88 -9.57 1.38
N SER A 73 -7.97 -10.86 1.19
CA SER A 73 -8.49 -11.76 2.21
C SER A 73 -7.72 -11.64 3.52
N HIS A 74 -6.42 -11.52 3.42
CA HIS A 74 -5.59 -11.38 4.60
C HIS A 74 -5.59 -9.95 5.17
N ILE A 75 -5.78 -8.95 4.33
CA ILE A 75 -5.74 -7.56 4.78
C ILE A 75 -7.14 -7.05 5.21
N GLN A 76 -8.20 -7.64 4.66
CA GLN A 76 -9.57 -7.19 4.98
C GLN A 76 -9.97 -7.62 6.37
N ARG A 77 -9.34 -8.67 6.84
CA ARG A 77 -9.60 -9.18 8.19
C ARG A 77 -8.73 -8.44 9.22
N ASP A 78 -8.32 -7.22 8.88
CA ASP A 78 -7.49 -6.44 9.76
C ASP A 78 -8.34 -5.65 10.80
N ARG A 79 -7.87 -4.48 11.21
CA ARG A 79 -8.33 -3.79 12.41
C ARG A 79 -7.49 -2.52 12.65
N ARG A 80 -6.20 -2.59 12.27
CA ARG A 80 -5.23 -1.53 12.46
C ARG A 80 -5.59 -0.40 11.51
N HIS A 81 -5.89 -0.77 10.33
CA HIS A 81 -6.37 0.12 9.35
C HIS A 81 -7.85 0.08 9.39
N SER A 82 -8.34 1.08 9.97
CA SER A 82 -9.72 1.22 10.39
C SER A 82 -10.89 0.83 9.48
N ASN A 83 -10.67 0.61 8.24
CA ASN A 83 -11.80 0.34 7.33
C ASN A 83 -11.49 -0.63 6.29
N VAL A 84 -10.48 -0.36 5.65
CA VAL A 84 -10.07 -0.94 4.45
C VAL A 84 -11.13 -1.09 3.41
N GLU A 85 -11.50 0.04 2.91
CA GLU A 85 -12.45 0.13 1.88
C GLU A 85 -11.73 0.18 0.59
N ILE A 86 -11.50 -1.00 0.06
CA ILE A 86 -11.02 -1.19 -1.30
C ILE A 86 -11.93 -0.39 -2.17
N LEU A 87 -13.08 -0.90 -2.32
CA LEU A 87 -14.16 -0.34 -3.10
C LEU A 87 -13.81 -0.23 -4.60
N ALA A 88 -12.53 -0.39 -4.95
CA ALA A 88 -12.13 -0.36 -6.32
C ALA A 88 -11.09 -1.41 -6.61
N GLU A 89 -11.47 -2.37 -7.39
CA GLU A 89 -10.59 -3.39 -7.86
C GLU A 89 -10.72 -3.37 -9.35
N GLU A 90 -9.69 -2.94 -10.01
CA GLU A 90 -9.75 -2.74 -11.44
C GLU A 90 -8.71 -3.54 -12.17
N SER A 91 -9.07 -4.04 -13.34
CA SER A 91 -8.15 -4.78 -14.16
C SER A 91 -7.11 -3.82 -14.72
N ILE A 92 -5.87 -4.15 -14.53
CA ILE A 92 -4.80 -3.30 -14.99
C ILE A 92 -3.86 -3.94 -15.97
N ALA A 93 -3.06 -3.09 -16.60
CA ALA A 93 -2.00 -3.52 -17.53
C ALA A 93 -0.74 -3.58 -16.80
N LYS A 94 -0.84 -3.08 -15.63
CA LYS A 94 0.18 -2.91 -14.73
C LYS A 94 1.33 -2.02 -15.31
N ARG A 95 2.45 -1.96 -14.59
CA ARG A 95 3.63 -1.23 -14.96
C ARG A 95 3.50 0.24 -14.60
N ARG A 96 3.07 0.46 -13.38
CA ARG A 96 3.00 1.78 -12.86
C ARG A 96 4.18 2.07 -11.92
N PHE A 97 4.25 1.39 -10.80
CA PHE A 97 5.27 1.75 -9.80
C PHE A 97 6.45 0.85 -9.77
N ALA A 98 6.28 -0.30 -10.34
CA ALA A 98 7.33 -1.35 -10.49
C ALA A 98 7.76 -2.02 -9.15
N GLY A 99 7.54 -1.35 -8.08
CA GLY A 99 7.79 -1.87 -6.77
C GLY A 99 6.85 -1.19 -5.83
N TRP A 100 6.60 -1.75 -4.67
CA TRP A 100 5.74 -1.09 -3.70
C TRP A 100 6.51 -0.05 -2.90
N HIS A 101 5.92 1.14 -2.78
CA HIS A 101 6.57 2.27 -2.17
C HIS A 101 5.76 2.82 -1.01
N MET A 102 6.19 2.60 0.20
CA MET A 102 5.47 3.16 1.32
C MET A 102 5.93 4.60 1.53
N GLN A 103 4.99 5.52 1.51
CA GLN A 103 5.33 6.94 1.63
C GLN A 103 5.45 7.35 3.07
N LEU A 104 4.72 6.68 3.96
CA LEU A 104 4.92 6.89 5.37
C LEU A 104 6.04 5.98 5.81
N SER A 105 7.20 6.41 5.48
CA SER A 105 8.40 5.70 5.67
C SER A 105 9.49 6.75 5.58
N CYS A 106 10.39 6.77 6.56
CA CYS A 106 11.45 7.74 6.62
C CYS A 106 10.87 9.18 6.65
N SER A 107 9.98 9.44 7.57
CA SER A 107 9.38 10.74 7.72
C SER A 107 10.37 11.64 8.49
N GLU A 108 11.32 12.15 7.74
CA GLU A 108 12.47 12.90 8.18
C GLU A 108 13.23 12.23 9.35
N ALA A 109 12.81 12.47 10.60
CA ALA A 109 13.44 11.95 11.83
C ALA A 109 14.95 12.24 11.87
N ASP A 110 15.35 13.21 11.11
CA ASP A 110 16.76 13.53 10.90
C ASP A 110 16.96 15.01 10.98
N MET A 111 15.98 15.74 10.48
CA MET A 111 15.96 17.19 10.57
C MET A 111 15.50 17.50 11.99
N ARG A 112 14.61 16.62 12.46
CA ARG A 112 14.12 16.55 13.82
C ARG A 112 13.18 17.69 14.16
N SER A 113 12.59 18.26 13.13
CA SER A 113 11.70 19.39 13.24
C SER A 113 10.28 18.91 13.56
N LEU A 114 9.99 17.64 13.29
CA LEU A 114 8.65 17.06 13.58
C LEU A 114 8.35 16.92 15.07
N GLY A 115 9.23 17.40 15.90
CA GLY A 115 9.00 17.34 17.32
C GLY A 115 9.94 16.41 18.02
N LEU A 116 10.84 15.81 17.26
CA LEU A 116 11.84 14.92 17.82
C LEU A 116 12.82 15.78 18.62
N ALA A 117 13.34 16.80 17.97
CA ALA A 117 14.20 17.74 18.61
C ALA A 117 13.38 18.92 19.01
N GLU A 118 12.83 18.81 20.16
CA GLU A 118 11.96 19.79 20.72
C GLU A 118 12.20 19.69 22.21
N SER A 119 11.46 20.37 22.99
CA SER A 119 11.57 20.31 24.40
C SER A 119 10.34 19.61 25.00
N ARG A 120 10.43 19.20 26.24
CA ARG A 120 9.31 18.62 26.93
C ARG A 120 9.50 18.84 28.40
N GLN A 121 8.49 19.33 29.04
CA GLN A 121 8.53 19.60 30.46
C GLN A 121 7.47 18.78 31.16
N LEU A 1 4.05 0.45 -40.89
CA LEU A 1 3.11 -0.43 -40.22
C LEU A 1 3.34 -0.25 -38.74
N GLU A 2 2.31 0.04 -38.01
CA GLU A 2 2.41 0.25 -36.61
C GLU A 2 2.20 -1.05 -35.88
N ALA A 3 2.85 -1.20 -34.78
CA ALA A 3 2.78 -2.41 -34.02
C ALA A 3 2.01 -2.19 -32.73
N ASP A 4 1.29 -3.20 -32.32
CA ASP A 4 0.57 -3.20 -31.08
C ASP A 4 0.92 -4.50 -30.35
N VAL A 5 1.15 -4.40 -29.04
CA VAL A 5 1.38 -5.55 -28.23
C VAL A 5 0.11 -6.39 -28.07
N THR A 6 -1.00 -5.83 -28.55
CA THR A 6 -2.34 -6.46 -28.64
C THR A 6 -2.94 -6.80 -27.28
N MET A 7 -2.48 -6.13 -26.25
CA MET A 7 -2.92 -6.41 -24.93
C MET A 7 -4.15 -5.61 -24.54
N THR A 8 -5.18 -6.32 -24.17
CA THR A 8 -6.39 -5.74 -23.66
C THR A 8 -6.44 -5.97 -22.15
N GLY A 9 -5.47 -6.70 -21.69
CA GLY A 9 -5.34 -7.03 -20.31
C GLY A 9 -4.26 -8.03 -20.15
N SER A 10 -4.16 -8.58 -19.00
CA SER A 10 -3.21 -9.57 -18.67
C SER A 10 -3.76 -10.28 -17.45
N ASP A 11 -2.94 -10.49 -16.48
CA ASP A 11 -3.31 -11.16 -15.33
C ASP A 11 -2.94 -10.35 -14.13
N LEU A 12 -3.28 -9.11 -14.21
CA LEU A 12 -3.10 -8.20 -13.17
C LEU A 12 -4.39 -7.57 -12.83
N VAL A 13 -4.44 -7.10 -11.66
CA VAL A 13 -5.54 -6.48 -11.09
C VAL A 13 -4.98 -5.46 -10.10
N SER A 14 -5.69 -4.42 -9.88
CA SER A 14 -5.27 -3.40 -8.99
C SER A 14 -6.43 -3.04 -8.08
N CYS A 15 -6.24 -3.29 -6.83
CA CYS A 15 -7.17 -2.87 -5.84
C CYS A 15 -6.68 -1.57 -5.27
N CYS A 16 -7.52 -0.59 -5.29
CA CYS A 16 -7.18 0.73 -4.88
C CYS A 16 -8.06 1.01 -3.70
N TYR A 17 -7.51 1.14 -2.51
CA TYR A 17 -8.35 1.24 -1.33
C TYR A 17 -7.93 2.37 -0.42
N ARG A 18 -8.82 2.77 0.45
CA ARG A 18 -8.44 3.73 1.45
C ARG A 18 -8.87 3.23 2.79
N SER A 19 -8.29 3.76 3.78
CA SER A 19 -8.70 3.53 5.10
C SER A 19 -8.50 4.80 5.84
N LEU A 20 -9.06 4.90 6.96
CA LEU A 20 -8.82 6.06 7.80
C LEU A 20 -8.10 5.59 9.02
N ALA A 21 -6.76 5.31 8.84
CA ALA A 21 -5.88 4.61 9.81
C ALA A 21 -6.38 4.70 11.21
N ALA A 22 -6.83 3.54 11.74
CA ALA A 22 -7.56 3.49 12.92
C ALA A 22 -6.82 4.18 14.06
N PRO A 23 -7.50 5.02 14.80
CA PRO A 23 -6.94 5.81 15.94
C PRO A 23 -6.34 4.96 17.07
N ASP A 24 -6.47 3.70 16.96
CA ASP A 24 -6.03 2.77 17.97
C ASP A 24 -4.89 1.90 17.45
N LEU A 25 -4.30 2.33 16.36
CA LEU A 25 -3.20 1.59 15.76
C LEU A 25 -1.90 1.80 16.46
N THR A 26 -1.09 0.81 16.37
CA THR A 26 0.23 0.79 16.86
C THR A 26 1.22 1.11 15.77
N LEU A 27 2.13 1.99 16.10
CA LEU A 27 3.21 2.39 15.21
C LEU A 27 4.04 1.21 14.86
N ARG A 28 4.31 0.33 15.84
CA ARG A 28 5.15 -0.81 15.53
C ARG A 28 4.50 -1.68 14.48
N ASP A 29 3.19 -1.70 14.51
CA ASP A 29 2.42 -2.42 13.52
C ASP A 29 2.60 -1.82 12.13
N LEU A 30 2.67 -0.46 12.02
CA LEU A 30 2.88 0.16 10.67
C LEU A 30 4.26 -0.17 10.18
N LEU A 31 5.17 -0.10 11.09
CA LEU A 31 6.58 -0.32 10.82
C LEU A 31 6.85 -1.78 10.53
N ASP A 32 6.00 -2.63 11.03
CA ASP A 32 6.08 -4.05 10.70
C ASP A 32 5.41 -4.32 9.35
N ILE A 33 4.27 -3.62 9.09
CA ILE A 33 3.55 -3.72 7.82
C ILE A 33 4.47 -3.47 6.66
N VAL A 34 5.19 -2.36 6.68
CA VAL A 34 6.12 -1.99 5.60
C VAL A 34 7.09 -3.13 5.25
N GLU A 35 7.58 -3.80 6.27
CA GLU A 35 8.51 -4.91 6.13
C GLU A 35 7.79 -6.12 5.52
N THR A 36 6.79 -6.60 6.23
CA THR A 36 6.04 -7.79 5.88
C THR A 36 5.35 -7.67 4.49
N SER A 37 4.84 -6.49 4.19
CA SER A 37 4.09 -6.31 2.98
C SER A 37 4.96 -6.32 1.73
N GLN A 38 6.01 -5.49 1.68
CA GLN A 38 6.83 -5.38 0.47
C GLN A 38 7.55 -6.65 0.16
N ALA A 39 7.93 -7.37 1.19
CA ALA A 39 8.65 -8.60 1.04
C ALA A 39 7.72 -9.67 0.47
N HIS A 40 6.43 -9.51 0.69
CA HIS A 40 5.43 -10.39 0.15
C HIS A 40 5.03 -9.89 -1.23
N ASN A 41 4.93 -8.58 -1.36
CA ASN A 41 4.57 -7.94 -2.61
C ASN A 41 5.58 -8.20 -3.68
N ALA A 42 6.86 -8.07 -3.34
CA ALA A 42 7.96 -8.33 -4.27
C ALA A 42 7.89 -9.76 -4.75
N ARG A 43 7.61 -10.66 -3.82
CA ARG A 43 7.50 -12.06 -4.11
C ARG A 43 6.30 -12.33 -4.98
N ALA A 44 5.18 -11.76 -4.58
CA ALA A 44 3.97 -12.01 -5.30
C ALA A 44 3.83 -11.17 -6.58
N GLN A 45 4.85 -10.33 -6.85
CA GLN A 45 4.98 -9.51 -8.10
C GLN A 45 4.02 -8.32 -8.09
N LEU A 46 3.77 -7.83 -6.92
CA LEU A 46 2.90 -6.69 -6.67
C LEU A 46 3.66 -5.35 -6.64
N THR A 47 3.08 -4.36 -7.30
CA THR A 47 3.56 -3.02 -7.34
C THR A 47 2.59 -2.10 -6.61
N GLY A 48 3.11 -1.12 -5.92
CA GLY A 48 2.29 -0.41 -5.00
C GLY A 48 2.88 0.86 -4.48
N ALA A 49 2.10 1.50 -3.67
CA ALA A 49 2.49 2.65 -2.88
C ALA A 49 1.46 2.90 -1.80
N LEU A 50 1.93 3.11 -0.62
CA LEU A 50 1.12 3.36 0.54
C LEU A 50 1.38 4.78 1.00
N PHE A 51 0.34 5.52 1.16
CA PHE A 51 0.38 6.85 1.66
C PHE A 51 -0.33 6.87 2.97
N TYR A 52 0.23 7.54 3.91
CA TYR A 52 -0.35 7.66 5.22
C TYR A 52 0.07 9.02 5.73
N SER A 53 -0.87 9.91 5.83
CA SER A 53 -0.66 11.22 6.35
C SER A 53 -2.00 11.80 6.63
N GLN A 54 -2.09 12.73 7.58
CA GLN A 54 -3.35 13.44 7.88
C GLN A 54 -4.40 12.47 8.45
N GLY A 55 -3.97 11.32 8.89
CA GLY A 55 -4.87 10.32 9.43
C GLY A 55 -5.47 9.43 8.36
N VAL A 56 -5.28 9.79 7.10
CA VAL A 56 -5.86 9.01 6.04
C VAL A 56 -4.87 7.96 5.56
N PHE A 57 -5.34 6.77 5.40
CA PHE A 57 -4.52 5.69 4.96
C PHE A 57 -4.87 5.39 3.49
N PHE A 58 -3.92 5.40 2.61
CA PHE A 58 -4.23 5.04 1.26
C PHE A 58 -3.23 4.04 0.71
N GLN A 59 -3.72 2.94 0.21
CA GLN A 59 -2.86 2.00 -0.44
C GLN A 59 -3.55 1.47 -1.64
N TRP A 60 -2.81 1.17 -2.63
CA TRP A 60 -3.33 0.44 -3.70
C TRP A 60 -2.25 -0.51 -4.12
N LEU A 61 -2.60 -1.57 -4.72
CA LEU A 61 -1.66 -2.57 -5.12
C LEU A 61 -2.02 -3.12 -6.45
N GLU A 62 -1.02 -3.32 -7.26
CA GLU A 62 -1.18 -3.84 -8.58
C GLU A 62 -0.47 -5.18 -8.59
N GLY A 63 -1.17 -6.22 -8.92
CA GLY A 63 -0.62 -7.54 -8.85
C GLY A 63 -1.49 -8.52 -9.55
N HIS A 64 -1.09 -9.77 -9.61
CA HIS A 64 -1.95 -10.80 -10.20
C HIS A 64 -3.16 -11.00 -9.27
N PRO A 65 -4.43 -10.98 -9.82
CA PRO A 65 -5.71 -10.99 -9.08
C PRO A 65 -5.73 -11.70 -7.74
N ALA A 66 -5.31 -12.93 -7.72
CA ALA A 66 -5.37 -13.70 -6.49
C ALA A 66 -4.37 -13.30 -5.47
N ALA A 67 -3.34 -12.69 -5.87
CA ALA A 67 -2.38 -12.18 -4.94
C ALA A 67 -2.98 -11.00 -4.25
N VAL A 68 -3.61 -10.18 -5.05
CA VAL A 68 -4.27 -8.97 -4.61
C VAL A 68 -5.38 -9.35 -3.67
N ALA A 69 -6.12 -10.39 -4.03
CA ALA A 69 -7.21 -10.86 -3.23
C ALA A 69 -6.76 -11.56 -1.97
N GLU A 70 -5.67 -12.28 -2.04
CA GLU A 70 -5.02 -12.90 -0.87
C GLU A 70 -4.72 -11.80 0.12
N VAL A 71 -4.21 -10.74 -0.41
CA VAL A 71 -3.98 -9.54 0.31
C VAL A 71 -5.33 -8.97 0.81
N MET A 72 -6.33 -8.83 -0.09
CA MET A 72 -7.67 -8.36 0.27
C MET A 72 -8.29 -9.15 1.39
N SER A 73 -8.31 -10.46 1.28
CA SER A 73 -8.93 -11.31 2.30
C SER A 73 -8.30 -11.04 3.66
N HIS A 74 -6.99 -10.93 3.70
CA HIS A 74 -6.32 -10.61 4.97
C HIS A 74 -6.63 -9.17 5.43
N ILE A 75 -6.64 -8.28 4.50
CA ILE A 75 -6.88 -6.87 4.71
C ILE A 75 -8.32 -6.54 5.12
N GLN A 76 -9.26 -7.17 4.47
CA GLN A 76 -10.68 -7.09 4.76
C GLN A 76 -11.05 -7.91 6.02
N ARG A 77 -10.05 -8.49 6.64
CA ARG A 77 -10.16 -9.06 7.98
C ARG A 77 -9.47 -8.08 8.90
N ASP A 78 -9.57 -6.80 8.51
CA ASP A 78 -8.96 -5.60 9.08
C ASP A 78 -8.47 -5.67 10.48
N ARG A 79 -7.27 -5.15 10.65
CA ARG A 79 -6.55 -5.16 11.90
C ARG A 79 -5.78 -3.87 12.05
N ARG A 80 -4.73 -3.69 11.26
CA ARG A 80 -3.89 -2.51 11.40
C ARG A 80 -4.36 -1.34 10.48
N HIS A 81 -5.65 -1.12 10.42
CA HIS A 81 -6.25 -0.02 9.67
C HIS A 81 -7.68 0.06 10.01
N SER A 82 -8.27 1.09 9.53
CA SER A 82 -9.65 1.33 9.70
C SER A 82 -10.48 0.45 8.69
N ASN A 83 -11.63 1.00 8.27
CA ASN A 83 -12.70 0.38 7.42
C ASN A 83 -12.21 -0.43 6.29
N VAL A 84 -11.13 -0.02 5.79
CA VAL A 84 -10.53 -0.48 4.63
C VAL A 84 -11.46 -0.68 3.48
N GLU A 85 -11.84 0.44 2.98
CA GLU A 85 -12.72 0.54 1.88
C GLU A 85 -11.94 0.53 0.62
N ILE A 86 -11.74 -0.67 0.12
CA ILE A 86 -11.21 -0.91 -1.21
C ILE A 86 -11.99 -0.06 -2.15
N LEU A 87 -13.17 -0.47 -2.36
CA LEU A 87 -14.16 0.16 -3.21
C LEU A 87 -13.78 0.10 -4.69
N ALA A 88 -12.50 0.05 -4.99
CA ALA A 88 -12.08 0.03 -6.36
C ALA A 88 -11.17 -1.13 -6.63
N GLU A 89 -11.64 -2.04 -7.44
CA GLU A 89 -10.86 -3.17 -7.87
C GLU A 89 -10.95 -3.21 -9.38
N GLU A 90 -9.88 -2.94 -10.04
CA GLU A 90 -9.85 -2.90 -11.48
C GLU A 90 -8.88 -3.92 -12.04
N SER A 91 -9.27 -4.56 -13.10
CA SER A 91 -8.42 -5.47 -13.81
C SER A 91 -7.40 -4.69 -14.61
N ILE A 92 -6.14 -4.94 -14.37
CA ILE A 92 -5.10 -4.17 -15.03
C ILE A 92 -4.11 -4.99 -15.81
N ALA A 93 -3.30 -4.30 -16.58
CA ALA A 93 -2.19 -4.93 -17.28
C ALA A 93 -0.92 -4.54 -16.62
N LYS A 94 -1.13 -3.75 -15.62
CA LYS A 94 -0.20 -3.16 -14.84
C LYS A 94 0.70 -2.24 -15.67
N ARG A 95 1.87 -1.98 -15.16
CA ARG A 95 2.87 -1.11 -15.77
C ARG A 95 2.65 0.34 -15.40
N ARG A 96 2.89 0.64 -14.14
CA ARG A 96 2.79 1.97 -13.58
C ARG A 96 3.92 2.09 -12.57
N PHE A 97 3.87 1.23 -11.58
CA PHE A 97 4.90 1.14 -10.58
C PHE A 97 5.61 -0.17 -10.77
N ALA A 98 6.83 -0.27 -10.31
CA ALA A 98 7.56 -1.52 -10.43
C ALA A 98 7.83 -2.11 -9.06
N GLY A 99 7.50 -1.37 -8.05
CA GLY A 99 7.62 -1.85 -6.72
C GLY A 99 6.61 -1.17 -5.85
N TRP A 100 6.29 -1.77 -4.75
CA TRP A 100 5.41 -1.17 -3.77
C TRP A 100 6.22 -0.20 -2.89
N HIS A 101 5.64 0.94 -2.60
CA HIS A 101 6.29 2.01 -1.87
C HIS A 101 5.51 2.31 -0.62
N MET A 102 6.12 2.98 0.32
CA MET A 102 5.42 3.39 1.52
C MET A 102 6.04 4.66 2.06
N GLN A 103 5.20 5.60 2.43
CA GLN A 103 5.64 6.86 3.01
C GLN A 103 6.35 6.66 4.33
N LEU A 104 5.81 5.81 5.17
CA LEU A 104 6.41 5.51 6.43
C LEU A 104 7.25 4.25 6.28
N SER A 105 8.50 4.43 6.01
CA SER A 105 9.38 3.30 5.81
C SER A 105 10.52 3.34 6.81
N CYS A 106 11.17 4.49 6.90
CA CYS A 106 12.26 4.66 7.83
C CYS A 106 12.29 6.08 8.40
N SER A 107 11.72 7.01 7.63
CA SER A 107 11.72 8.46 7.88
C SER A 107 13.13 9.03 7.83
N GLU A 108 13.25 10.33 7.77
CA GLU A 108 14.55 10.93 7.66
C GLU A 108 15.23 11.06 9.01
N ALA A 109 14.41 11.03 10.08
CA ALA A 109 14.89 11.16 11.46
C ALA A 109 15.64 12.47 11.66
N ASP A 110 15.34 13.41 10.82
CA ASP A 110 16.02 14.68 10.83
C ASP A 110 15.04 15.82 10.95
N MET A 111 13.91 15.73 10.24
CA MET A 111 12.86 16.73 10.37
C MET A 111 12.35 16.67 11.78
N ARG A 112 12.01 15.44 12.20
CA ARG A 112 11.60 15.06 13.58
C ARG A 112 10.29 15.70 14.05
N SER A 113 10.13 17.00 13.79
CA SER A 113 8.99 17.83 14.20
C SER A 113 7.65 17.11 13.99
N LEU A 114 7.54 16.40 12.89
CA LEU A 114 6.35 15.64 12.49
C LEU A 114 5.83 14.65 13.56
N GLY A 115 6.71 14.16 14.40
CA GLY A 115 6.29 13.24 15.44
C GLY A 115 6.85 13.62 16.79
N LEU A 116 7.84 14.48 16.77
CA LEU A 116 8.53 14.90 17.99
C LEU A 116 7.98 16.22 18.50
N ALA A 117 7.90 17.18 17.61
CA ALA A 117 7.56 18.54 17.99
C ALA A 117 6.07 18.80 17.82
N GLU A 118 5.34 17.77 18.02
CA GLU A 118 3.91 17.81 17.98
C GLU A 118 3.44 17.33 19.33
N SER A 119 2.89 18.21 20.11
CA SER A 119 2.54 17.87 21.45
C SER A 119 1.15 17.23 21.51
N ARG A 120 1.04 16.30 22.40
CA ARG A 120 -0.16 15.60 22.69
C ARG A 120 -0.12 15.32 24.18
N GLN A 121 -1.09 15.78 24.87
CA GLN A 121 -1.07 15.72 26.31
C GLN A 121 -2.28 14.95 26.83
N LEU A 1 9.53 -11.04 -35.57
CA LEU A 1 10.44 -10.45 -34.60
C LEU A 1 10.20 -11.11 -33.26
N GLU A 2 11.22 -11.17 -32.41
CA GLU A 2 11.08 -11.66 -31.06
C GLU A 2 10.33 -10.63 -30.26
N ALA A 3 9.74 -11.07 -29.18
CA ALA A 3 8.96 -10.20 -28.32
C ALA A 3 9.76 -8.99 -27.88
N ASP A 4 9.18 -7.86 -28.14
CA ASP A 4 9.73 -6.57 -27.81
C ASP A 4 9.44 -6.27 -26.35
N VAL A 5 10.15 -5.30 -25.75
CA VAL A 5 9.95 -4.91 -24.37
C VAL A 5 8.54 -4.42 -24.06
N THR A 6 7.74 -4.18 -25.11
CA THR A 6 6.36 -3.78 -25.00
C THR A 6 5.60 -4.59 -23.95
N MET A 7 5.11 -3.92 -22.94
CA MET A 7 4.41 -4.59 -21.89
C MET A 7 2.99 -4.92 -22.29
N THR A 8 2.57 -6.09 -21.91
CA THR A 8 1.25 -6.55 -22.20
C THR A 8 0.33 -6.33 -21.00
N GLY A 9 0.59 -7.07 -19.93
CA GLY A 9 -0.18 -6.94 -18.73
C GLY A 9 -1.55 -7.56 -18.90
N SER A 10 -1.63 -8.83 -18.73
CA SER A 10 -2.85 -9.52 -18.94
C SER A 10 -3.58 -9.88 -17.64
N ASP A 11 -2.86 -10.39 -16.66
CA ASP A 11 -3.46 -10.91 -15.50
C ASP A 11 -3.11 -10.14 -14.28
N LEU A 12 -3.25 -8.90 -14.39
CA LEU A 12 -3.03 -8.02 -13.34
C LEU A 12 -4.29 -7.30 -13.03
N VAL A 13 -4.40 -6.93 -11.83
CA VAL A 13 -5.48 -6.27 -11.28
C VAL A 13 -4.91 -5.35 -10.19
N SER A 14 -5.56 -4.27 -9.95
CA SER A 14 -5.13 -3.34 -8.97
C SER A 14 -6.31 -2.99 -8.08
N CYS A 15 -6.12 -3.16 -6.82
CA CYS A 15 -7.09 -2.76 -5.87
C CYS A 15 -6.60 -1.45 -5.30
N CYS A 16 -7.43 -0.45 -5.25
CA CYS A 16 -7.03 0.84 -4.75
C CYS A 16 -7.91 1.15 -3.61
N TYR A 17 -7.40 1.06 -2.40
CA TYR A 17 -8.27 1.15 -1.25
C TYR A 17 -7.89 2.27 -0.33
N ARG A 18 -8.77 2.56 0.59
CA ARG A 18 -8.52 3.53 1.60
C ARG A 18 -8.77 2.94 2.96
N SER A 19 -8.25 3.57 3.97
CA SER A 19 -8.56 3.22 5.31
C SER A 19 -8.44 4.45 6.19
N LEU A 20 -9.20 4.52 7.22
CA LEU A 20 -9.13 5.68 8.13
C LEU A 20 -8.39 5.31 9.39
N ALA A 21 -7.07 5.05 9.22
CA ALA A 21 -6.15 4.45 10.24
C ALA A 21 -6.57 4.68 11.67
N ALA A 22 -6.84 3.56 12.33
CA ALA A 22 -7.38 3.50 13.63
C ALA A 22 -6.54 4.23 14.65
N PRO A 23 -7.21 4.96 15.53
CA PRO A 23 -6.57 5.68 16.65
C PRO A 23 -5.93 4.74 17.68
N ASP A 24 -6.12 3.48 17.49
CA ASP A 24 -5.64 2.46 18.42
C ASP A 24 -4.45 1.71 17.85
N LEU A 25 -3.95 2.15 16.71
CA LEU A 25 -2.88 1.45 16.04
C LEU A 25 -1.55 1.50 16.75
N THR A 26 -0.80 0.49 16.52
CA THR A 26 0.50 0.34 17.00
C THR A 26 1.52 0.72 15.96
N LEU A 27 2.42 1.62 16.32
CA LEU A 27 3.50 2.06 15.45
C LEU A 27 4.29 0.90 14.98
N ARG A 28 4.59 -0.04 15.88
CA ARG A 28 5.42 -1.14 15.46
C ARG A 28 4.67 -2.00 14.47
N ASP A 29 3.37 -1.92 14.49
CA ASP A 29 2.60 -2.59 13.49
C ASP A 29 2.71 -1.90 12.17
N LEU A 30 2.74 -0.54 12.13
CA LEU A 30 2.90 0.14 10.79
C LEU A 30 4.23 -0.21 10.21
N LEU A 31 5.19 -0.22 11.07
CA LEU A 31 6.57 -0.51 10.71
C LEU A 31 6.73 -1.97 10.33
N ASP A 32 6.00 -2.83 10.99
CA ASP A 32 5.98 -4.25 10.63
C ASP A 32 5.22 -4.45 9.31
N ILE A 33 4.14 -3.68 9.13
CA ILE A 33 3.35 -3.67 7.89
C ILE A 33 4.21 -3.36 6.70
N VAL A 34 4.91 -2.22 6.74
CA VAL A 34 5.78 -1.79 5.62
C VAL A 34 6.77 -2.89 5.23
N GLU A 35 7.43 -3.46 6.22
CA GLU A 35 8.43 -4.48 5.99
C GLU A 35 7.82 -5.78 5.43
N THR A 36 6.77 -6.26 6.09
CA THR A 36 6.12 -7.51 5.68
C THR A 36 5.42 -7.35 4.31
N SER A 37 4.91 -6.16 4.04
CA SER A 37 4.21 -5.86 2.81
C SER A 37 5.13 -6.12 1.61
N GLN A 38 6.32 -5.54 1.65
CA GLN A 38 7.33 -5.69 0.58
C GLN A 38 7.65 -7.12 0.32
N ALA A 39 7.91 -7.83 1.40
CA ALA A 39 8.34 -9.21 1.35
C ALA A 39 7.34 -10.10 0.61
N HIS A 40 6.06 -9.90 0.86
CA HIS A 40 5.05 -10.68 0.15
C HIS A 40 4.78 -10.09 -1.21
N ASN A 41 4.73 -8.77 -1.29
CA ASN A 41 4.42 -8.12 -2.55
C ASN A 41 5.46 -8.41 -3.59
N ALA A 42 6.72 -8.34 -3.20
CA ALA A 42 7.83 -8.65 -4.11
C ALA A 42 7.71 -10.09 -4.58
N ARG A 43 7.38 -10.97 -3.64
CA ARG A 43 7.22 -12.39 -3.92
C ARG A 43 6.05 -12.61 -4.88
N ALA A 44 4.90 -12.06 -4.53
CA ALA A 44 3.71 -12.27 -5.29
C ALA A 44 3.65 -11.43 -6.57
N GLN A 45 4.70 -10.60 -6.79
CA GLN A 45 4.90 -9.78 -8.02
C GLN A 45 3.99 -8.55 -8.04
N LEU A 46 3.68 -8.13 -6.86
CA LEU A 46 2.84 -6.97 -6.59
C LEU A 46 3.67 -5.71 -6.47
N THR A 47 3.29 -4.74 -7.25
CA THR A 47 3.92 -3.48 -7.26
C THR A 47 2.93 -2.45 -6.71
N GLY A 48 3.40 -1.49 -5.99
CA GLY A 48 2.50 -0.74 -5.14
C GLY A 48 3.06 0.53 -4.58
N ALA A 49 2.24 1.18 -3.83
CA ALA A 49 2.58 2.37 -3.08
C ALA A 49 1.44 2.70 -2.15
N LEU A 50 1.67 3.53 -1.17
CA LEU A 50 0.61 3.94 -0.30
C LEU A 50 0.88 5.33 0.20
N PHE A 51 -0.18 6.07 0.34
CA PHE A 51 -0.11 7.40 0.82
C PHE A 51 -0.88 7.47 2.11
N TYR A 52 -0.15 7.58 3.18
CA TYR A 52 -0.72 7.69 4.50
C TYR A 52 -0.49 9.13 4.93
N SER A 53 -1.56 9.88 5.02
CA SER A 53 -1.46 11.28 5.39
C SER A 53 -2.76 11.72 6.03
N GLN A 54 -2.66 12.53 7.09
CA GLN A 54 -3.83 13.05 7.86
C GLN A 54 -4.56 11.89 8.58
N GLY A 55 -3.91 10.74 8.61
CA GLY A 55 -4.50 9.58 9.20
C GLY A 55 -5.22 8.72 8.16
N VAL A 56 -5.46 9.26 6.99
CA VAL A 56 -6.12 8.49 5.99
C VAL A 56 -5.11 7.68 5.18
N PHE A 57 -5.43 6.44 5.06
CA PHE A 57 -4.67 5.51 4.29
C PHE A 57 -5.17 5.46 2.88
N PHE A 58 -4.33 5.68 1.94
CA PHE A 58 -4.64 5.30 0.59
C PHE A 58 -3.60 4.28 0.22
N GLN A 59 -4.01 3.10 -0.04
CA GLN A 59 -3.08 2.01 -0.26
C GLN A 59 -3.58 1.24 -1.45
N TRP A 60 -2.75 1.07 -2.44
CA TRP A 60 -3.18 0.30 -3.55
C TRP A 60 -2.03 -0.55 -4.06
N LEU A 61 -2.32 -1.55 -4.83
CA LEU A 61 -1.30 -2.43 -5.35
C LEU A 61 -1.67 -2.98 -6.71
N GLU A 62 -0.68 -3.28 -7.48
CA GLU A 62 -0.81 -3.87 -8.79
C GLU A 62 -0.33 -5.32 -8.64
N GLY A 63 -1.14 -6.27 -9.00
CA GLY A 63 -0.71 -7.64 -8.87
C GLY A 63 -1.64 -8.57 -9.61
N HIS A 64 -1.33 -9.85 -9.66
CA HIS A 64 -2.25 -10.82 -10.26
C HIS A 64 -3.47 -10.94 -9.33
N PRO A 65 -4.73 -10.86 -9.88
CA PRO A 65 -6.01 -10.82 -9.14
C PRO A 65 -6.07 -11.61 -7.83
N ALA A 66 -5.57 -12.81 -7.84
CA ALA A 66 -5.66 -13.63 -6.65
C ALA A 66 -4.70 -13.24 -5.57
N ALA A 67 -3.61 -12.67 -5.95
CA ALA A 67 -2.65 -12.17 -4.99
C ALA A 67 -3.28 -11.03 -4.28
N VAL A 68 -3.89 -10.20 -5.10
CA VAL A 68 -4.59 -9.02 -4.66
C VAL A 68 -5.65 -9.45 -3.68
N ALA A 69 -6.36 -10.49 -4.02
CA ALA A 69 -7.40 -11.01 -3.19
C ALA A 69 -6.91 -11.71 -1.94
N GLU A 70 -5.79 -12.40 -2.03
CA GLU A 70 -5.17 -13.02 -0.84
C GLU A 70 -4.82 -11.91 0.13
N VAL A 71 -4.28 -10.86 -0.44
CA VAL A 71 -4.01 -9.64 0.25
C VAL A 71 -5.33 -9.06 0.81
N MET A 72 -6.37 -8.96 -0.04
CA MET A 72 -7.69 -8.51 0.38
C MET A 72 -8.21 -9.32 1.55
N SER A 73 -8.19 -10.63 1.42
CA SER A 73 -8.69 -11.53 2.48
C SER A 73 -7.98 -11.25 3.80
N HIS A 74 -6.70 -11.03 3.73
CA HIS A 74 -5.92 -10.72 4.91
C HIS A 74 -6.22 -9.31 5.44
N ILE A 75 -6.37 -8.39 4.54
CA ILE A 75 -6.60 -6.97 4.81
C ILE A 75 -8.02 -6.65 5.30
N GLN A 76 -9.00 -7.25 4.67
CA GLN A 76 -10.39 -7.14 5.03
C GLN A 76 -10.67 -7.76 6.41
N ARG A 77 -9.69 -8.48 6.95
CA ARG A 77 -9.71 -8.94 8.36
C ARG A 77 -9.28 -7.79 9.31
N ASP A 78 -9.42 -6.55 8.81
CA ASP A 78 -9.10 -5.27 9.47
C ASP A 78 -8.98 -5.25 10.97
N ARG A 79 -7.94 -4.58 11.37
CA ARG A 79 -7.38 -4.63 12.69
C ARG A 79 -6.28 -3.54 12.81
N ARG A 80 -5.41 -3.45 11.78
CA ARG A 80 -4.32 -2.46 11.75
C ARG A 80 -4.61 -1.28 10.83
N HIS A 81 -5.85 -1.01 10.59
CA HIS A 81 -6.28 0.10 9.81
C HIS A 81 -7.68 0.36 10.18
N SER A 82 -8.40 1.05 9.38
CA SER A 82 -9.76 1.26 9.67
C SER A 82 -10.65 1.21 8.47
N ASN A 83 -11.54 0.25 8.51
CA ASN A 83 -12.65 0.04 7.55
C ASN A 83 -12.27 -0.61 6.28
N VAL A 84 -11.12 -0.26 5.82
CA VAL A 84 -10.53 -0.69 4.61
C VAL A 84 -11.45 -0.84 3.43
N GLU A 85 -11.81 0.28 2.96
CA GLU A 85 -12.70 0.41 1.89
C GLU A 85 -11.93 0.42 0.61
N ILE A 86 -11.77 -0.76 0.06
CA ILE A 86 -11.22 -0.98 -1.27
C ILE A 86 -11.86 0.01 -2.18
N LEU A 87 -13.10 -0.17 -2.41
CA LEU A 87 -13.96 0.73 -3.20
C LEU A 87 -13.58 0.77 -4.68
N ALA A 88 -12.38 0.31 -5.03
CA ALA A 88 -11.96 0.27 -6.41
C ALA A 88 -11.07 -0.92 -6.67
N GLU A 89 -11.51 -1.78 -7.54
CA GLU A 89 -10.70 -2.89 -8.02
C GLU A 89 -10.78 -2.90 -9.54
N GLU A 90 -9.67 -2.62 -10.17
CA GLU A 90 -9.62 -2.53 -11.61
C GLU A 90 -8.65 -3.53 -12.21
N SER A 91 -9.00 -4.08 -13.36
CA SER A 91 -8.13 -4.99 -14.07
C SER A 91 -7.05 -4.17 -14.74
N ILE A 92 -5.81 -4.50 -14.47
CA ILE A 92 -4.72 -3.70 -14.97
C ILE A 92 -3.72 -4.43 -15.83
N ALA A 93 -2.84 -3.66 -16.42
CA ALA A 93 -1.74 -4.18 -17.21
C ALA A 93 -0.47 -4.02 -16.47
N LYS A 94 -0.63 -3.47 -15.33
CA LYS A 94 0.37 -3.15 -14.41
C LYS A 94 1.45 -2.25 -15.04
N ARG A 95 2.59 -2.15 -14.36
CA ARG A 95 3.78 -1.43 -14.82
C ARG A 95 3.69 0.05 -14.50
N ARG A 96 2.97 0.35 -13.45
CA ARG A 96 2.83 1.71 -13.01
C ARG A 96 3.94 2.06 -12.01
N PHE A 97 3.97 1.39 -10.88
CA PHE A 97 4.91 1.77 -9.82
C PHE A 97 6.10 0.87 -9.70
N ALA A 98 6.02 -0.22 -10.40
CA ALA A 98 7.11 -1.21 -10.58
C ALA A 98 7.59 -1.95 -9.31
N GLY A 99 7.35 -1.40 -8.17
CA GLY A 99 7.62 -2.02 -6.90
C GLY A 99 6.65 -1.46 -5.91
N TRP A 100 6.48 -2.04 -4.74
CA TRP A 100 5.58 -1.46 -3.76
C TRP A 100 6.35 -0.44 -2.93
N HIS A 101 5.69 0.65 -2.56
CA HIS A 101 6.34 1.74 -1.87
C HIS A 101 5.48 2.24 -0.73
N MET A 102 6.09 2.86 0.23
CA MET A 102 5.36 3.50 1.29
C MET A 102 5.95 4.88 1.44
N GLN A 103 5.11 5.90 1.48
CA GLN A 103 5.64 7.27 1.52
C GLN A 103 5.99 7.70 2.95
N LEU A 104 6.04 6.72 3.84
CA LEU A 104 6.32 6.95 5.25
C LEU A 104 7.69 7.58 5.43
N SER A 105 8.74 6.85 5.07
CA SER A 105 10.12 7.30 5.21
C SER A 105 10.42 7.66 6.69
N CYS A 106 10.24 8.91 7.03
CA CYS A 106 10.35 9.42 8.38
C CYS A 106 9.50 10.67 8.46
N SER A 107 8.51 10.73 7.55
CA SER A 107 7.65 11.91 7.30
C SER A 107 8.50 13.14 6.94
N GLU A 108 9.14 13.75 7.91
CA GLU A 108 10.11 14.78 7.67
C GLU A 108 11.04 14.88 8.86
N ALA A 109 10.44 15.05 10.08
CA ALA A 109 11.19 15.17 11.35
C ALA A 109 12.13 16.38 11.25
N ASP A 110 11.74 17.28 10.40
CA ASP A 110 12.52 18.45 10.06
C ASP A 110 12.04 19.62 10.87
N MET A 111 10.76 19.87 10.79
CA MET A 111 10.17 20.95 11.55
C MET A 111 9.22 20.43 12.59
N ARG A 112 8.31 19.54 12.16
CA ARG A 112 7.26 18.99 12.99
C ARG A 112 6.25 20.10 13.32
N SER A 113 6.19 21.10 12.44
CA SER A 113 5.28 22.24 12.58
C SER A 113 3.84 21.83 12.25
N LEU A 114 3.71 20.55 11.96
CA LEU A 114 2.46 19.86 11.74
C LEU A 114 1.58 19.98 12.99
N GLY A 115 2.22 20.08 14.14
CA GLY A 115 1.49 20.19 15.37
C GLY A 115 2.38 20.17 16.59
N LEU A 116 3.61 19.71 16.44
CA LEU A 116 4.53 19.66 17.57
C LEU A 116 5.20 21.00 17.75
N ALA A 117 6.16 21.28 16.89
CA ALA A 117 6.83 22.54 16.92
C ALA A 117 6.02 23.52 16.10
N GLU A 118 4.95 23.93 16.68
CA GLU A 118 3.99 24.83 16.09
C GLU A 118 3.62 25.77 17.20
N SER A 119 3.24 25.16 18.33
CA SER A 119 3.02 25.82 19.60
C SER A 119 1.74 26.65 19.67
N ARG A 120 1.04 26.48 20.76
CA ARG A 120 -0.14 27.24 21.05
C ARG A 120 0.03 27.79 22.44
N GLN A 121 0.04 29.06 22.51
CA GLN A 121 0.27 29.79 23.73
C GLN A 121 -0.95 30.65 24.04
N LEU A 1 12.11 0.63 -34.82
CA LEU A 1 11.03 0.68 -33.87
C LEU A 1 10.31 -0.64 -33.89
N GLU A 2 9.98 -1.10 -32.72
CA GLU A 2 9.29 -2.33 -32.53
C GLU A 2 7.86 -2.02 -32.18
N ALA A 3 7.00 -3.00 -32.35
CA ALA A 3 5.61 -2.88 -32.00
C ALA A 3 5.48 -2.55 -30.54
N ASP A 4 4.64 -1.59 -30.24
CA ASP A 4 4.47 -1.13 -28.89
C ASP A 4 3.60 -2.12 -28.17
N VAL A 5 3.98 -2.46 -26.95
CA VAL A 5 3.27 -3.43 -26.17
C VAL A 5 1.87 -2.97 -25.77
N THR A 6 1.61 -1.65 -25.90
CA THR A 6 0.37 -1.00 -25.54
C THR A 6 0.03 -1.31 -24.07
N MET A 7 -1.19 -1.21 -23.69
CA MET A 7 -1.58 -1.64 -22.41
C MET A 7 -2.32 -2.92 -22.50
N THR A 8 -1.55 -3.96 -22.56
CA THR A 8 -2.05 -5.28 -22.57
C THR A 8 -1.76 -5.90 -21.22
N GLY A 9 -0.48 -5.99 -20.91
CA GLY A 9 -0.04 -6.54 -19.66
C GLY A 9 -0.30 -8.00 -19.63
N SER A 10 -1.17 -8.42 -18.73
CA SER A 10 -1.53 -9.79 -18.59
C SER A 10 -2.76 -9.95 -17.69
N ASP A 11 -2.53 -10.22 -16.45
CA ASP A 11 -3.50 -10.52 -15.51
C ASP A 11 -3.20 -9.82 -14.25
N LEU A 12 -3.29 -8.56 -14.33
CA LEU A 12 -3.07 -7.73 -13.23
C LEU A 12 -4.33 -7.02 -12.92
N VAL A 13 -4.38 -6.58 -11.75
CA VAL A 13 -5.47 -5.97 -11.17
C VAL A 13 -4.93 -5.01 -10.08
N SER A 14 -5.66 -3.98 -9.83
CA SER A 14 -5.38 -3.07 -8.77
C SER A 14 -6.57 -2.92 -7.89
N CYS A 15 -6.47 -3.41 -6.71
CA CYS A 15 -7.43 -3.13 -5.72
C CYS A 15 -6.95 -1.87 -5.05
N CYS A 16 -7.69 -0.83 -5.24
CA CYS A 16 -7.32 0.45 -4.76
C CYS A 16 -8.19 0.68 -3.59
N TYR A 17 -7.69 1.14 -2.49
CA TYR A 17 -8.52 1.27 -1.35
C TYR A 17 -8.15 2.45 -0.52
N ARG A 18 -9.03 2.83 0.36
CA ARG A 18 -8.72 3.84 1.29
C ARG A 18 -9.06 3.34 2.66
N SER A 19 -8.50 3.92 3.63
CA SER A 19 -8.83 3.60 4.96
C SER A 19 -8.73 4.83 5.79
N LEU A 20 -9.17 4.76 6.99
CA LEU A 20 -9.07 5.93 7.88
C LEU A 20 -8.14 5.67 9.05
N ALA A 21 -7.05 4.88 8.77
CA ALA A 21 -5.97 4.47 9.76
C ALA A 21 -6.41 4.52 11.21
N ALA A 22 -6.68 3.35 11.77
CA ALA A 22 -7.30 3.22 13.03
C ALA A 22 -6.57 3.96 14.12
N PRO A 23 -7.26 4.84 14.81
CA PRO A 23 -6.69 5.67 15.91
C PRO A 23 -6.17 4.88 17.10
N ASP A 24 -6.36 3.60 17.05
CA ASP A 24 -5.96 2.72 18.13
C ASP A 24 -4.67 2.01 17.77
N LEU A 25 -4.03 2.57 16.77
CA LEU A 25 -2.83 2.04 16.21
C LEU A 25 -1.58 2.20 17.02
N THR A 26 -0.68 1.30 16.72
CA THR A 26 0.62 1.26 17.22
C THR A 26 1.63 1.32 16.10
N LEU A 27 2.49 2.32 16.16
CA LEU A 27 3.57 2.55 15.21
C LEU A 27 4.34 1.30 14.92
N ARG A 28 4.60 0.50 15.93
CA ARG A 28 5.44 -0.67 15.70
C ARG A 28 4.75 -1.66 14.78
N ASP A 29 3.44 -1.65 14.80
CA ASP A 29 2.67 -2.54 13.97
C ASP A 29 2.55 -1.94 12.56
N LEU A 30 2.73 -0.60 12.42
CA LEU A 30 2.78 0.02 11.04
C LEU A 30 4.05 -0.38 10.39
N LEU A 31 5.06 -0.37 11.19
CA LEU A 31 6.40 -0.70 10.77
C LEU A 31 6.50 -2.19 10.51
N ASP A 32 5.74 -2.96 11.25
CA ASP A 32 5.59 -4.39 10.91
C ASP A 32 4.92 -4.59 9.57
N ILE A 33 3.92 -3.75 9.27
CA ILE A 33 3.19 -3.77 7.98
C ILE A 33 4.16 -3.70 6.83
N VAL A 34 4.99 -2.67 6.83
CA VAL A 34 5.92 -2.45 5.74
C VAL A 34 6.89 -3.62 5.54
N GLU A 35 7.43 -4.12 6.64
CA GLU A 35 8.39 -5.21 6.59
C GLU A 35 7.78 -6.52 6.05
N THR A 36 6.51 -6.77 6.34
CA THR A 36 5.87 -7.99 5.84
C THR A 36 5.32 -7.78 4.42
N SER A 37 4.95 -6.54 4.11
CA SER A 37 4.33 -6.22 2.84
C SER A 37 5.28 -6.46 1.67
N GLN A 38 6.42 -5.73 1.65
CA GLN A 38 7.40 -5.79 0.53
C GLN A 38 7.80 -7.20 0.19
N ALA A 39 7.95 -7.98 1.21
CA ALA A 39 8.36 -9.35 1.10
C ALA A 39 7.34 -10.17 0.29
N HIS A 40 6.07 -9.98 0.60
CA HIS A 40 5.00 -10.69 -0.11
C HIS A 40 4.73 -10.02 -1.44
N ASN A 41 4.88 -8.70 -1.49
CA ASN A 41 4.72 -7.95 -2.74
C ASN A 41 5.68 -8.43 -3.77
N ALA A 42 6.96 -8.49 -3.40
CA ALA A 42 8.01 -8.94 -4.30
C ALA A 42 7.76 -10.36 -4.74
N ARG A 43 7.39 -11.19 -3.77
CA ARG A 43 7.11 -12.59 -4.01
C ARG A 43 5.98 -12.75 -4.99
N ALA A 44 4.88 -12.10 -4.72
CA ALA A 44 3.73 -12.26 -5.54
C ALA A 44 3.80 -11.42 -6.82
N GLN A 45 4.89 -10.61 -6.96
CA GLN A 45 5.16 -9.76 -8.15
C GLN A 45 4.22 -8.55 -8.20
N LEU A 46 3.75 -8.24 -7.03
CA LEU A 46 2.86 -7.14 -6.74
C LEU A 46 3.60 -5.82 -6.52
N THR A 47 3.19 -4.83 -7.24
CA THR A 47 3.77 -3.52 -7.18
C THR A 47 2.77 -2.56 -6.54
N GLY A 48 3.24 -1.54 -5.86
CA GLY A 48 2.34 -0.80 -5.03
C GLY A 48 2.87 0.50 -4.52
N ALA A 49 2.03 1.19 -3.81
CA ALA A 49 2.39 2.40 -3.08
C ALA A 49 1.26 2.75 -2.14
N LEU A 50 1.53 3.58 -1.16
CA LEU A 50 0.50 4.00 -0.26
C LEU A 50 0.79 5.37 0.26
N PHE A 51 -0.22 6.09 0.55
CA PHE A 51 -0.12 7.42 1.05
C PHE A 51 -0.94 7.54 2.30
N TYR A 52 -0.28 7.63 3.39
CA TYR A 52 -0.89 7.84 4.66
C TYR A 52 -0.75 9.33 4.91
N SER A 53 -1.85 10.01 5.07
CA SER A 53 -1.79 11.43 5.32
C SER A 53 -2.80 11.83 6.37
N GLN A 54 -2.28 12.27 7.54
CA GLN A 54 -3.07 12.70 8.71
C GLN A 54 -3.79 11.50 9.37
N GLY A 55 -4.70 10.92 8.64
CA GLY A 55 -5.46 9.80 9.10
C GLY A 55 -5.93 8.94 7.94
N VAL A 56 -6.24 9.57 6.83
CA VAL A 56 -6.69 8.83 5.68
C VAL A 56 -5.55 8.06 5.02
N PHE A 57 -5.75 6.79 4.97
CA PHE A 57 -4.89 5.86 4.31
C PHE A 57 -5.33 5.72 2.86
N PHE A 58 -4.47 5.97 1.92
CA PHE A 58 -4.77 5.62 0.55
C PHE A 58 -3.76 4.58 0.14
N GLN A 59 -4.22 3.40 -0.17
CA GLN A 59 -3.32 2.29 -0.41
C GLN A 59 -3.84 1.48 -1.58
N TRP A 60 -3.00 1.21 -2.55
CA TRP A 60 -3.42 0.34 -3.61
C TRP A 60 -2.25 -0.52 -4.06
N LEU A 61 -2.53 -1.57 -4.78
CA LEU A 61 -1.49 -2.44 -5.28
C LEU A 61 -1.85 -3.01 -6.63
N GLU A 62 -0.84 -3.24 -7.42
CA GLU A 62 -0.97 -3.82 -8.73
C GLU A 62 -0.46 -5.27 -8.63
N GLY A 63 -1.25 -6.21 -9.01
CA GLY A 63 -0.80 -7.56 -8.96
C GLY A 63 -1.75 -8.49 -9.68
N HIS A 64 -1.42 -9.77 -9.79
CA HIS A 64 -2.37 -10.74 -10.35
C HIS A 64 -3.55 -10.91 -9.39
N PRO A 65 -4.82 -10.79 -9.89
CA PRO A 65 -6.08 -10.74 -9.08
C PRO A 65 -6.09 -11.55 -7.79
N ALA A 66 -5.77 -12.82 -7.86
CA ALA A 66 -5.81 -13.65 -6.65
C ALA A 66 -4.74 -13.33 -5.65
N ALA A 67 -3.65 -12.83 -6.11
CA ALA A 67 -2.58 -12.43 -5.25
C ALA A 67 -3.02 -11.22 -4.49
N VAL A 68 -3.71 -10.37 -5.22
CA VAL A 68 -4.24 -9.13 -4.69
C VAL A 68 -5.31 -9.47 -3.70
N ALA A 69 -6.07 -10.50 -3.99
CA ALA A 69 -7.12 -10.96 -3.13
C ALA A 69 -6.60 -11.69 -1.90
N GLU A 70 -5.49 -12.39 -2.06
CA GLU A 70 -4.80 -13.02 -0.94
C GLU A 70 -4.39 -11.91 0.01
N VAL A 71 -3.94 -10.83 -0.59
CA VAL A 71 -3.67 -9.61 0.10
C VAL A 71 -4.97 -9.05 0.72
N MET A 72 -6.04 -8.89 -0.10
CA MET A 72 -7.37 -8.46 0.38
C MET A 72 -7.84 -9.27 1.55
N SER A 73 -7.76 -10.58 1.45
CA SER A 73 -8.19 -11.48 2.51
C SER A 73 -7.47 -11.15 3.81
N HIS A 74 -6.17 -10.95 3.74
CA HIS A 74 -5.41 -10.59 4.95
C HIS A 74 -5.67 -9.14 5.36
N ILE A 75 -5.95 -8.33 4.39
CA ILE A 75 -6.19 -6.91 4.56
C ILE A 75 -7.58 -6.57 5.14
N GLN A 76 -8.62 -7.15 4.60
CA GLN A 76 -9.97 -6.98 5.07
C GLN A 76 -10.17 -7.59 6.47
N ARG A 77 -9.25 -8.45 6.85
CA ARG A 77 -9.23 -9.08 8.17
C ARG A 77 -8.10 -8.47 9.02
N ASP A 78 -7.92 -7.17 8.91
CA ASP A 78 -6.83 -6.46 9.60
C ASP A 78 -7.33 -5.76 10.90
N ARG A 79 -6.84 -4.53 11.13
CA ARG A 79 -6.99 -3.83 12.39
C ARG A 79 -6.38 -2.39 12.32
N ARG A 80 -5.32 -2.22 11.53
CA ARG A 80 -4.56 -0.98 11.43
C ARG A 80 -5.27 0.02 10.55
N HIS A 81 -5.66 -0.44 9.45
CA HIS A 81 -6.28 0.37 8.46
C HIS A 81 -7.76 0.37 8.63
N SER A 82 -8.17 1.38 9.36
CA SER A 82 -9.47 1.56 10.00
C SER A 82 -10.68 0.86 9.38
N ASN A 83 -10.84 0.98 8.11
CA ASN A 83 -12.02 0.40 7.46
C ASN A 83 -11.65 -0.50 6.34
N VAL A 84 -10.54 -0.21 5.80
CA VAL A 84 -10.08 -0.73 4.57
C VAL A 84 -11.13 -0.92 3.49
N GLU A 85 -11.61 0.19 3.05
CA GLU A 85 -12.60 0.25 2.02
C GLU A 85 -11.93 0.34 0.70
N ILE A 86 -11.76 -0.83 0.11
CA ILE A 86 -11.29 -1.00 -1.26
C ILE A 86 -12.09 -0.08 -2.12
N LEU A 87 -13.28 -0.47 -2.37
CA LEU A 87 -14.26 0.27 -3.11
C LEU A 87 -13.90 0.44 -4.61
N ALA A 88 -12.64 0.18 -4.98
CA ALA A 88 -12.24 0.24 -6.37
C ALA A 88 -11.32 -0.90 -6.71
N GLU A 89 -11.78 -1.78 -7.55
CA GLU A 89 -10.95 -2.86 -8.01
C GLU A 89 -10.98 -2.85 -9.52
N GLU A 90 -9.88 -2.52 -10.11
CA GLU A 90 -9.77 -2.39 -11.54
C GLU A 90 -8.78 -3.41 -12.10
N SER A 91 -9.13 -4.00 -13.20
CA SER A 91 -8.26 -4.92 -13.88
C SER A 91 -7.25 -4.11 -14.68
N ILE A 92 -5.98 -4.30 -14.39
CA ILE A 92 -4.95 -3.45 -14.97
C ILE A 92 -3.97 -4.17 -15.86
N ALA A 93 -3.11 -3.37 -16.49
CA ALA A 93 -2.01 -3.89 -17.30
C ALA A 93 -0.74 -3.71 -16.57
N LYS A 94 -0.90 -3.14 -15.44
CA LYS A 94 0.08 -2.79 -14.53
C LYS A 94 1.15 -1.87 -15.15
N ARG A 95 2.27 -1.77 -14.47
CA ARG A 95 3.46 -1.06 -14.90
C ARG A 95 3.39 0.42 -14.51
N ARG A 96 2.74 0.66 -13.40
CA ARG A 96 2.73 1.96 -12.81
C ARG A 96 3.90 2.03 -11.85
N PHE A 97 4.08 0.95 -11.10
CA PHE A 97 5.19 0.80 -10.21
C PHE A 97 5.88 -0.52 -10.48
N ALA A 98 7.08 -0.67 -9.96
CA ALA A 98 7.84 -1.90 -10.11
C ALA A 98 8.09 -2.50 -8.73
N GLY A 99 7.71 -1.77 -7.72
CA GLY A 99 7.79 -2.22 -6.36
C GLY A 99 6.73 -1.53 -5.55
N TRP A 100 6.31 -2.12 -4.45
CA TRP A 100 5.36 -1.48 -3.55
C TRP A 100 6.08 -0.47 -2.66
N HIS A 101 5.42 0.63 -2.38
CA HIS A 101 6.02 1.70 -1.62
C HIS A 101 5.17 2.02 -0.44
N MET A 102 5.79 2.40 0.63
CA MET A 102 5.06 2.78 1.81
C MET A 102 5.13 4.30 1.84
N GLN A 103 4.39 4.92 2.68
CA GLN A 103 4.49 6.33 2.84
C GLN A 103 5.70 6.63 3.72
N LEU A 104 5.89 5.80 4.72
CA LEU A 104 6.98 5.97 5.63
C LEU A 104 8.19 5.19 5.11
N SER A 105 8.71 5.68 4.03
CA SER A 105 9.97 5.23 3.50
C SER A 105 10.99 6.33 3.85
N CYS A 106 10.42 7.50 4.02
CA CYS A 106 11.03 8.71 4.45
C CYS A 106 9.91 9.71 4.27
N SER A 107 10.13 10.96 4.55
CA SER A 107 9.13 11.97 4.38
C SER A 107 9.79 13.32 4.42
N GLU A 108 8.98 14.36 4.41
CA GLU A 108 9.43 15.72 4.48
C GLU A 108 10.25 15.90 5.74
N ALA A 109 9.64 15.51 6.87
CA ALA A 109 10.25 15.50 8.22
C ALA A 109 10.68 16.87 8.73
N ASP A 110 10.62 17.88 7.91
CA ASP A 110 10.96 19.22 8.31
C ASP A 110 9.78 19.87 8.97
N MET A 111 8.59 19.56 8.44
CA MET A 111 7.35 20.08 8.96
C MET A 111 7.17 19.55 10.38
N ARG A 112 7.44 18.23 10.53
CA ARG A 112 7.41 17.48 11.80
C ARG A 112 6.01 17.32 12.40
N SER A 113 5.12 18.24 12.10
CA SER A 113 3.75 18.30 12.62
C SER A 113 2.86 17.13 12.15
N LEU A 114 3.46 16.24 11.37
CA LEU A 114 2.82 15.05 10.85
C LEU A 114 2.68 13.96 11.93
N GLY A 115 3.19 14.22 13.12
CA GLY A 115 3.08 13.27 14.20
C GLY A 115 4.22 13.35 15.18
N LEU A 116 5.35 13.85 14.72
CA LEU A 116 6.53 13.98 15.55
C LEU A 116 6.36 15.21 16.44
N ALA A 117 6.20 16.33 15.80
CA ALA A 117 6.10 17.56 16.50
C ALA A 117 4.67 17.97 16.59
N GLU A 118 4.05 17.57 17.62
CA GLU A 118 2.73 17.94 17.93
C GLU A 118 2.70 18.17 19.40
N SER A 119 1.81 18.99 19.86
CA SER A 119 1.74 19.30 21.26
C SER A 119 1.33 18.07 22.07
N ARG A 120 1.83 17.98 23.26
CA ARG A 120 1.59 16.83 24.11
C ARG A 120 1.07 17.34 25.45
N GLN A 121 0.43 18.49 25.39
CA GLN A 121 -0.01 19.25 26.55
C GLN A 121 1.20 19.70 27.37
N LEU A 1 2.72 -2.26 -41.28
CA LEU A 1 3.66 -2.43 -40.18
C LEU A 1 3.27 -3.69 -39.44
N GLU A 2 4.22 -4.35 -38.81
CA GLU A 2 3.92 -5.51 -38.06
C GLU A 2 3.61 -5.11 -36.63
N ALA A 3 2.76 -5.85 -36.02
CA ALA A 3 2.33 -5.56 -34.69
C ALA A 3 3.23 -6.27 -33.71
N ASP A 4 3.59 -5.57 -32.68
CA ASP A 4 4.38 -6.13 -31.62
C ASP A 4 3.45 -6.60 -30.54
N VAL A 5 3.87 -7.59 -29.76
CA VAL A 5 3.07 -8.11 -28.70
C VAL A 5 2.65 -7.04 -27.68
N THR A 6 3.54 -6.05 -27.44
CA THR A 6 3.31 -4.96 -26.51
C THR A 6 2.70 -5.41 -25.18
N MET A 7 3.40 -6.27 -24.49
CA MET A 7 2.90 -6.84 -23.30
C MET A 7 3.32 -6.05 -22.09
N THR A 8 2.50 -5.15 -21.69
CA THR A 8 2.70 -4.46 -20.48
C THR A 8 2.23 -5.35 -19.35
N GLY A 9 1.00 -5.75 -19.45
CA GLY A 9 0.42 -6.63 -18.52
C GLY A 9 -0.96 -6.99 -18.96
N SER A 10 -1.44 -8.09 -18.50
CA SER A 10 -2.74 -8.57 -18.88
C SER A 10 -3.50 -9.14 -17.69
N ASP A 11 -2.79 -9.86 -16.86
CA ASP A 11 -3.33 -10.57 -15.76
C ASP A 11 -3.06 -9.87 -14.48
N LEU A 12 -3.25 -8.62 -14.51
CA LEU A 12 -3.07 -7.79 -13.39
C LEU A 12 -4.33 -7.06 -13.08
N VAL A 13 -4.40 -6.67 -11.86
CA VAL A 13 -5.50 -6.02 -11.29
C VAL A 13 -4.97 -5.08 -10.18
N SER A 14 -5.69 -4.02 -9.94
CA SER A 14 -5.42 -3.06 -8.91
C SER A 14 -6.63 -2.89 -8.01
N CYS A 15 -6.45 -3.18 -6.77
CA CYS A 15 -7.43 -2.85 -5.80
C CYS A 15 -6.97 -1.55 -5.17
N CYS A 16 -7.75 -0.52 -5.31
CA CYS A 16 -7.38 0.79 -4.85
C CYS A 16 -8.22 1.09 -3.67
N TYR A 17 -7.66 1.08 -2.48
CA TYR A 17 -8.49 1.22 -1.33
C TYR A 17 -8.09 2.39 -0.48
N ARG A 18 -8.99 2.81 0.35
CA ARG A 18 -8.67 3.82 1.30
C ARG A 18 -9.07 3.33 2.67
N SER A 19 -8.55 3.91 3.68
CA SER A 19 -8.94 3.56 5.00
C SER A 19 -8.80 4.77 5.88
N LEU A 20 -9.34 4.69 7.03
CA LEU A 20 -9.14 5.74 8.01
C LEU A 20 -8.32 5.18 9.13
N ALA A 21 -6.99 5.14 8.93
CA ALA A 21 -6.03 4.46 9.83
C ALA A 21 -6.34 4.67 11.29
N ALA A 22 -6.52 3.56 12.02
CA ALA A 22 -6.88 3.61 13.39
C ALA A 22 -5.80 4.31 14.18
N PRO A 23 -6.11 5.42 14.80
CA PRO A 23 -5.18 6.13 15.71
C PRO A 23 -4.86 5.31 16.96
N ASP A 24 -5.45 4.15 17.02
CA ASP A 24 -5.28 3.22 18.11
C ASP A 24 -4.08 2.31 17.84
N LEU A 25 -3.69 2.24 16.57
CA LEU A 25 -2.58 1.39 16.12
C LEU A 25 -1.27 1.89 16.68
N THR A 26 -0.32 1.02 16.72
CA THR A 26 0.98 1.36 17.14
C THR A 26 1.78 1.78 15.97
N LEU A 27 2.79 2.56 16.22
CA LEU A 27 3.75 2.91 15.20
C LEU A 27 4.42 1.65 14.77
N ARG A 28 4.62 0.73 15.72
CA ARG A 28 5.27 -0.50 15.37
C ARG A 28 4.40 -1.29 14.42
N ASP A 29 3.09 -1.08 14.49
CA ASP A 29 2.19 -1.72 13.58
C ASP A 29 2.45 -1.19 12.17
N LEU A 30 2.63 0.16 12.03
CA LEU A 30 2.85 0.73 10.66
C LEU A 30 4.19 0.32 10.14
N LEU A 31 5.12 0.27 11.03
CA LEU A 31 6.50 -0.08 10.74
C LEU A 31 6.63 -1.57 10.49
N ASP A 32 5.71 -2.33 11.02
CA ASP A 32 5.64 -3.78 10.74
C ASP A 32 4.93 -4.02 9.41
N ILE A 33 3.97 -3.14 9.11
CA ILE A 33 3.24 -3.12 7.83
C ILE A 33 4.20 -3.04 6.67
N VAL A 34 5.11 -2.07 6.73
CA VAL A 34 6.11 -1.89 5.67
C VAL A 34 6.96 -3.17 5.47
N GLU A 35 7.37 -3.79 6.59
CA GLU A 35 8.15 -5.02 6.58
C GLU A 35 7.40 -6.13 5.85
N THR A 36 6.19 -6.38 6.33
CA THR A 36 5.34 -7.45 5.84
C THR A 36 4.92 -7.24 4.37
N SER A 37 4.54 -6.03 4.02
CA SER A 37 4.02 -5.74 2.69
C SER A 37 5.03 -6.03 1.58
N GLN A 38 6.28 -5.63 1.73
CA GLN A 38 7.31 -5.88 0.71
C GLN A 38 7.53 -7.35 0.52
N ALA A 39 7.65 -8.03 1.62
CA ALA A 39 7.93 -9.43 1.65
C ALA A 39 6.80 -10.25 1.00
N HIS A 40 5.59 -9.80 1.19
CA HIS A 40 4.45 -10.46 0.60
C HIS A 40 4.25 -9.98 -0.85
N ASN A 41 4.57 -8.72 -1.13
CA ASN A 41 4.49 -8.15 -2.49
C ASN A 41 5.46 -8.81 -3.40
N ALA A 42 6.68 -8.98 -2.93
CA ALA A 42 7.72 -9.66 -3.68
C ALA A 42 7.23 -11.05 -4.01
N ARG A 43 6.68 -11.70 -3.02
CA ARG A 43 6.14 -13.04 -3.15
C ARG A 43 5.03 -13.09 -4.15
N ALA A 44 4.05 -12.23 -3.97
CA ALA A 44 2.90 -12.28 -4.81
C ALA A 44 3.12 -11.63 -6.18
N GLN A 45 4.32 -11.05 -6.41
CA GLN A 45 4.73 -10.43 -7.72
C GLN A 45 3.97 -9.13 -7.95
N LEU A 46 3.70 -8.48 -6.85
CA LEU A 46 2.99 -7.23 -6.77
C LEU A 46 3.89 -5.98 -6.80
N THR A 47 3.26 -4.86 -7.19
CA THR A 47 3.83 -3.52 -7.29
C THR A 47 2.82 -2.56 -6.65
N GLY A 48 3.27 -1.50 -5.99
CA GLY A 48 2.34 -0.76 -5.16
C GLY A 48 2.82 0.57 -4.68
N ALA A 49 1.95 1.24 -3.98
CA ALA A 49 2.27 2.47 -3.28
C ALA A 49 1.14 2.79 -2.31
N LEU A 50 1.46 3.28 -1.15
CA LEU A 50 0.46 3.73 -0.24
C LEU A 50 0.82 5.10 0.25
N PHE A 51 -0.19 5.86 0.53
CA PHE A 51 -0.04 7.16 1.08
C PHE A 51 -0.81 7.19 2.36
N TYR A 52 -0.26 7.80 3.34
CA TYR A 52 -0.87 7.87 4.62
C TYR A 52 -0.64 9.28 5.14
N SER A 53 -1.67 10.06 5.13
CA SER A 53 -1.57 11.41 5.56
C SER A 53 -2.50 11.69 6.71
N GLN A 54 -1.89 11.91 7.87
CA GLN A 54 -2.56 12.23 9.14
C GLN A 54 -3.38 11.04 9.65
N GLY A 55 -4.51 10.81 9.04
CA GLY A 55 -5.38 9.73 9.44
C GLY A 55 -5.96 8.96 8.28
N VAL A 56 -5.78 9.45 7.08
CA VAL A 56 -6.36 8.79 5.95
C VAL A 56 -5.35 7.86 5.30
N PHE A 57 -5.72 6.61 5.21
CA PHE A 57 -4.93 5.64 4.53
C PHE A 57 -5.36 5.55 3.07
N PHE A 58 -4.41 5.43 2.18
CA PHE A 58 -4.71 5.11 0.81
C PHE A 58 -3.65 4.16 0.30
N GLN A 59 -4.06 2.99 -0.08
CA GLN A 59 -3.17 1.96 -0.56
C GLN A 59 -3.80 1.30 -1.74
N TRP A 60 -3.07 1.19 -2.80
CA TRP A 60 -3.56 0.43 -3.88
C TRP A 60 -2.43 -0.45 -4.36
N LEU A 61 -2.75 -1.56 -4.89
CA LEU A 61 -1.73 -2.50 -5.28
C LEU A 61 -1.99 -3.04 -6.65
N GLU A 62 -0.93 -3.20 -7.39
CA GLU A 62 -0.98 -3.77 -8.68
C GLU A 62 -0.48 -5.20 -8.56
N GLY A 63 -1.24 -6.14 -8.98
CA GLY A 63 -0.80 -7.50 -8.93
C GLY A 63 -1.72 -8.39 -9.73
N HIS A 64 -1.41 -9.66 -9.85
CA HIS A 64 -2.30 -10.62 -10.53
C HIS A 64 -3.55 -10.82 -9.64
N PRO A 65 -4.81 -10.74 -10.20
CA PRO A 65 -6.10 -10.74 -9.46
C PRO A 65 -6.14 -11.56 -8.17
N ALA A 66 -5.80 -12.81 -8.25
CA ALA A 66 -5.88 -13.68 -7.07
C ALA A 66 -4.84 -13.37 -6.03
N ALA A 67 -3.76 -12.83 -6.46
CA ALA A 67 -2.72 -12.42 -5.56
C ALA A 67 -3.24 -11.26 -4.76
N VAL A 68 -3.86 -10.35 -5.48
CA VAL A 68 -4.44 -9.15 -4.94
C VAL A 68 -5.51 -9.56 -3.97
N ALA A 69 -6.27 -10.57 -4.33
CA ALA A 69 -7.34 -11.06 -3.48
C ALA A 69 -6.84 -11.83 -2.27
N GLU A 70 -5.75 -12.54 -2.41
CA GLU A 70 -5.13 -13.20 -1.26
C GLU A 70 -4.70 -12.11 -0.30
N VAL A 71 -4.14 -11.07 -0.88
CA VAL A 71 -3.82 -9.88 -0.17
C VAL A 71 -5.10 -9.28 0.46
N MET A 72 -6.17 -9.11 -0.34
CA MET A 72 -7.48 -8.66 0.15
C MET A 72 -7.95 -9.50 1.32
N SER A 73 -7.89 -10.81 1.18
CA SER A 73 -8.29 -11.72 2.25
C SER A 73 -7.53 -11.43 3.53
N HIS A 74 -6.25 -11.22 3.44
CA HIS A 74 -5.49 -10.82 4.61
C HIS A 74 -5.87 -9.41 5.08
N ILE A 75 -5.87 -8.48 4.14
CA ILE A 75 -6.13 -7.07 4.38
C ILE A 75 -7.53 -6.76 5.00
N GLN A 76 -8.55 -7.30 4.42
CA GLN A 76 -9.90 -7.15 4.88
C GLN A 76 -10.11 -7.77 6.25
N ARG A 77 -9.23 -8.64 6.64
CA ARG A 77 -9.32 -9.30 7.92
C ARG A 77 -8.16 -8.87 8.83
N ASP A 78 -7.63 -7.67 8.62
CA ASP A 78 -6.52 -7.20 9.46
C ASP A 78 -6.97 -6.60 10.78
N ARG A 79 -6.84 -5.24 10.85
CA ARG A 79 -6.91 -4.43 12.10
C ARG A 79 -6.12 -3.15 11.85
N ARG A 80 -5.09 -3.30 11.03
CA ARG A 80 -4.04 -2.30 10.77
C ARG A 80 -4.50 -1.13 9.89
N HIS A 81 -5.78 -0.96 9.78
CA HIS A 81 -6.41 -0.01 8.91
C HIS A 81 -7.87 -0.09 9.14
N SER A 82 -8.38 0.97 9.68
CA SER A 82 -9.72 1.06 10.23
C SER A 82 -10.91 0.61 9.41
N ASN A 83 -10.80 0.66 8.14
CA ASN A 83 -11.94 0.28 7.31
C ASN A 83 -11.60 -0.63 6.22
N VAL A 84 -10.54 -0.31 5.64
CA VAL A 84 -10.08 -0.85 4.44
C VAL A 84 -11.12 -1.01 3.36
N GLU A 85 -11.62 0.13 2.97
CA GLU A 85 -12.61 0.28 1.97
C GLU A 85 -11.93 0.31 0.65
N ILE A 86 -11.73 -0.86 0.11
CA ILE A 86 -11.25 -1.06 -1.24
C ILE A 86 -12.06 -0.18 -2.13
N LEU A 87 -13.26 -0.54 -2.33
CA LEU A 87 -14.27 0.19 -3.09
C LEU A 87 -13.93 0.34 -4.59
N ALA A 88 -12.66 0.16 -4.94
CA ALA A 88 -12.22 0.25 -6.31
C ALA A 88 -11.34 -0.92 -6.65
N GLU A 89 -11.78 -1.71 -7.59
CA GLU A 89 -11.05 -2.86 -8.03
C GLU A 89 -11.09 -2.88 -9.54
N GLU A 90 -9.98 -2.65 -10.14
CA GLU A 90 -9.91 -2.53 -11.58
C GLU A 90 -8.83 -3.44 -12.16
N SER A 91 -9.07 -3.95 -13.34
CA SER A 91 -8.11 -4.79 -14.02
C SER A 91 -7.06 -3.90 -14.67
N ILE A 92 -5.81 -4.22 -14.44
CA ILE A 92 -4.72 -3.38 -14.93
C ILE A 92 -3.69 -4.11 -15.76
N ALA A 93 -2.72 -3.35 -16.24
CA ALA A 93 -1.60 -3.90 -16.98
C ALA A 93 -0.36 -3.83 -16.17
N LYS A 94 -0.54 -3.27 -15.04
CA LYS A 94 0.45 -3.04 -14.08
C LYS A 94 1.64 -2.26 -14.69
N ARG A 95 2.76 -2.35 -14.03
CA ARG A 95 4.03 -1.82 -14.48
C ARG A 95 4.08 -0.33 -14.27
N ARG A 96 3.37 0.12 -13.27
CA ARG A 96 3.34 1.51 -12.94
C ARG A 96 4.20 1.75 -11.71
N PHE A 97 3.91 1.03 -10.66
CA PHE A 97 4.63 1.24 -9.41
C PHE A 97 5.39 -0.01 -9.02
N ALA A 98 6.41 -0.29 -9.85
CA ALA A 98 7.31 -1.47 -9.88
C ALA A 98 7.91 -1.86 -8.53
N GLY A 99 7.81 -1.01 -7.62
CA GLY A 99 8.24 -1.26 -6.31
C GLY A 99 7.24 -0.66 -5.43
N TRP A 100 6.63 -1.45 -4.58
CA TRP A 100 5.64 -0.92 -3.68
C TRP A 100 6.23 0.16 -2.77
N HIS A 101 5.54 1.27 -2.70
CA HIS A 101 5.99 2.40 -1.95
C HIS A 101 5.15 2.55 -0.69
N MET A 102 5.71 3.13 0.33
CA MET A 102 5.00 3.35 1.57
C MET A 102 5.29 4.77 1.98
N GLN A 103 4.29 5.47 2.52
CA GLN A 103 4.43 6.86 2.96
C GLN A 103 5.63 6.98 3.91
N LEU A 104 5.76 6.06 4.81
CA LEU A 104 6.86 6.01 5.71
C LEU A 104 7.52 4.64 5.51
N SER A 105 8.27 4.55 4.45
CA SER A 105 8.99 3.34 4.13
C SER A 105 10.28 3.36 4.96
N CYS A 106 10.68 4.55 5.28
CA CYS A 106 11.81 4.89 6.09
C CYS A 106 11.66 6.35 6.41
N SER A 107 12.21 6.80 7.49
CA SER A 107 12.12 8.20 7.78
C SER A 107 13.29 8.93 7.12
N GLU A 108 13.12 10.22 6.89
CA GLU A 108 14.16 11.03 6.30
C GLU A 108 15.39 11.04 7.19
N ALA A 109 15.16 11.23 8.49
CA ALA A 109 16.21 11.18 9.54
C ALA A 109 17.26 12.28 9.48
N ASP A 110 17.52 12.78 8.31
CA ASP A 110 18.48 13.88 8.17
C ASP A 110 17.83 15.20 8.50
N MET A 111 16.57 15.36 8.11
CA MET A 111 15.83 16.57 8.41
C MET A 111 15.73 16.77 9.90
N ARG A 112 15.33 15.69 10.60
CA ARG A 112 15.23 15.63 12.06
C ARG A 112 14.15 16.53 12.68
N SER A 113 14.08 17.79 12.23
CA SER A 113 13.17 18.83 12.75
C SER A 113 11.68 18.45 12.66
N LEU A 114 11.38 17.34 11.99
CA LEU A 114 10.04 16.83 11.89
C LEU A 114 9.54 16.33 13.27
N GLY A 115 10.48 15.97 14.14
CA GLY A 115 10.10 15.47 15.44
C GLY A 115 11.29 15.36 16.38
N LEU A 116 12.38 14.80 15.87
CA LEU A 116 13.61 14.59 16.64
C LEU A 116 14.19 15.95 17.04
N ALA A 117 14.39 16.80 16.05
CA ALA A 117 14.96 18.12 16.27
C ALA A 117 13.86 19.13 16.49
N GLU A 118 12.82 18.66 17.08
CA GLU A 118 11.69 19.43 17.48
C GLU A 118 11.54 19.21 18.95
N SER A 119 11.28 20.25 19.66
CA SER A 119 11.11 20.14 21.06
C SER A 119 9.75 19.55 21.37
N ARG A 120 9.75 18.56 22.24
CA ARG A 120 8.52 17.97 22.76
C ARG A 120 7.85 18.94 23.74
N GLN A 121 8.56 20.02 24.06
CA GLN A 121 8.08 21.04 24.96
C GLN A 121 7.72 22.27 24.14
N LEU A 1 17.74 7.41 -18.70
CA LEU A 1 16.47 6.74 -18.98
C LEU A 1 16.72 5.31 -19.40
N GLU A 2 15.65 4.58 -19.52
CA GLU A 2 15.61 3.27 -20.01
C GLU A 2 14.35 3.20 -20.81
N ALA A 3 14.35 2.40 -21.83
CA ALA A 3 13.21 2.27 -22.70
C ALA A 3 12.04 1.70 -21.91
N ASP A 4 10.88 2.28 -22.11
CA ASP A 4 9.70 1.84 -21.41
C ASP A 4 9.33 0.45 -21.88
N VAL A 5 9.29 -0.46 -20.93
CA VAL A 5 9.08 -1.86 -21.16
C VAL A 5 7.62 -2.23 -21.53
N THR A 6 6.78 -1.21 -21.71
CA THR A 6 5.37 -1.30 -22.10
C THR A 6 4.46 -1.90 -21.04
N MET A 7 3.28 -1.31 -20.92
CA MET A 7 2.27 -1.83 -20.03
C MET A 7 1.56 -2.99 -20.72
N THR A 8 2.27 -4.07 -20.85
CA THR A 8 1.77 -5.23 -21.49
C THR A 8 1.63 -6.38 -20.51
N GLY A 9 0.57 -6.33 -19.77
CA GLY A 9 0.27 -7.34 -18.81
C GLY A 9 -1.18 -7.68 -18.92
N SER A 10 -1.54 -8.85 -18.54
CA SER A 10 -2.88 -9.29 -18.71
C SER A 10 -3.59 -9.59 -17.41
N ASP A 11 -2.90 -10.25 -16.54
CA ASP A 11 -3.44 -10.79 -15.37
C ASP A 11 -3.01 -10.06 -14.16
N LEU A 12 -3.13 -8.80 -14.25
CA LEU A 12 -2.91 -7.93 -13.18
C LEU A 12 -4.16 -7.23 -12.87
N VAL A 13 -4.25 -6.82 -11.69
CA VAL A 13 -5.33 -6.19 -11.12
C VAL A 13 -4.78 -5.30 -10.03
N SER A 14 -5.42 -4.22 -9.78
CA SER A 14 -5.05 -3.33 -8.74
C SER A 14 -6.26 -2.90 -7.95
N CYS A 15 -6.25 -3.27 -6.70
CA CYS A 15 -7.27 -2.87 -5.79
C CYS A 15 -6.77 -1.64 -5.07
N CYS A 16 -7.51 -0.56 -5.15
CA CYS A 16 -7.11 0.71 -4.62
C CYS A 16 -8.00 1.01 -3.48
N TYR A 17 -7.51 0.94 -2.28
CA TYR A 17 -8.38 1.08 -1.19
C TYR A 17 -8.09 2.28 -0.31
N ARG A 18 -9.12 2.73 0.35
CA ARG A 18 -9.09 3.87 1.20
C ARG A 18 -9.44 3.44 2.62
N SER A 19 -8.55 3.66 3.53
CA SER A 19 -8.78 3.38 4.91
C SER A 19 -8.63 4.68 5.71
N LEU A 20 -9.12 4.69 6.92
CA LEU A 20 -8.97 5.88 7.79
C LEU A 20 -8.09 5.57 8.98
N ALA A 21 -6.94 4.87 8.71
CA ALA A 21 -5.93 4.33 9.73
C ALA A 21 -6.35 4.49 11.19
N ALA A 22 -6.69 3.37 11.81
CA ALA A 22 -7.23 3.35 13.10
C ALA A 22 -6.33 4.05 14.10
N PRO A 23 -6.89 4.91 14.91
CA PRO A 23 -6.17 5.63 15.99
C PRO A 23 -5.67 4.70 17.10
N ASP A 24 -5.98 3.46 16.96
CA ASP A 24 -5.62 2.45 17.93
C ASP A 24 -4.43 1.64 17.43
N LEU A 25 -3.86 2.07 16.32
CA LEU A 25 -2.73 1.40 15.75
C LEU A 25 -1.46 1.71 16.48
N THR A 26 -0.52 0.85 16.28
CA THR A 26 0.75 0.93 16.86
C THR A 26 1.84 1.08 15.81
N LEU A 27 2.81 1.91 16.12
CA LEU A 27 3.96 2.19 15.26
C LEU A 27 4.63 0.94 14.81
N ARG A 28 4.84 -0.01 15.71
CA ARG A 28 5.58 -1.19 15.34
C ARG A 28 4.79 -2.01 14.33
N ASP A 29 3.49 -1.82 14.34
CA ASP A 29 2.64 -2.46 13.37
C ASP A 29 2.78 -1.78 12.03
N LEU A 30 3.01 -0.44 12.00
CA LEU A 30 3.23 0.23 10.67
C LEU A 30 4.55 -0.20 10.12
N LEU A 31 5.50 -0.27 11.04
CA LEU A 31 6.86 -0.66 10.72
C LEU A 31 6.95 -2.14 10.40
N ASP A 32 5.94 -2.87 10.82
CA ASP A 32 5.76 -4.26 10.39
C ASP A 32 5.12 -4.29 9.00
N ILE A 33 4.04 -3.51 8.83
CA ILE A 33 3.28 -3.39 7.56
C ILE A 33 4.21 -3.13 6.40
N VAL A 34 5.07 -2.12 6.53
CA VAL A 34 6.03 -1.78 5.47
C VAL A 34 6.87 -3.00 5.04
N GLU A 35 7.32 -3.78 6.02
CA GLU A 35 8.11 -4.97 5.79
C GLU A 35 7.27 -6.05 5.13
N THR A 36 6.22 -6.43 5.84
CA THR A 36 5.30 -7.48 5.45
C THR A 36 4.73 -7.27 4.03
N SER A 37 4.41 -6.03 3.72
CA SER A 37 3.81 -5.68 2.46
C SER A 37 4.83 -5.85 1.31
N GLN A 38 5.96 -5.15 1.39
CA GLN A 38 6.92 -5.13 0.28
C GLN A 38 7.55 -6.49 0.03
N ALA A 39 7.74 -7.24 1.09
CA ALA A 39 8.39 -8.52 1.00
C ALA A 39 7.48 -9.55 0.32
N HIS A 40 6.20 -9.55 0.66
CA HIS A 40 5.28 -10.46 -0.01
C HIS A 40 5.00 -9.94 -1.40
N ASN A 41 5.00 -8.64 -1.56
CA ASN A 41 4.80 -8.03 -2.86
C ASN A 41 5.91 -8.37 -3.81
N ALA A 42 7.14 -8.31 -3.33
CA ALA A 42 8.29 -8.66 -4.15
C ALA A 42 8.20 -10.12 -4.59
N ARG A 43 7.69 -10.94 -3.70
CA ARG A 43 7.52 -12.36 -3.96
C ARG A 43 6.36 -12.61 -4.91
N ALA A 44 5.21 -12.06 -4.56
CA ALA A 44 3.99 -12.29 -5.32
C ALA A 44 3.94 -11.49 -6.61
N GLN A 45 4.99 -10.66 -6.86
CA GLN A 45 5.18 -9.88 -8.12
C GLN A 45 4.26 -8.65 -8.13
N LEU A 46 3.78 -8.36 -6.96
CA LEU A 46 2.90 -7.24 -6.68
C LEU A 46 3.70 -5.95 -6.52
N THR A 47 3.21 -4.90 -7.10
CA THR A 47 3.80 -3.61 -7.04
C THR A 47 2.83 -2.65 -6.38
N GLY A 48 3.32 -1.62 -5.74
CA GLY A 48 2.46 -0.86 -4.88
C GLY A 48 3.01 0.43 -4.43
N ALA A 49 2.23 1.12 -3.70
CA ALA A 49 2.63 2.33 -3.04
C ALA A 49 1.58 2.66 -2.02
N LEU A 50 1.94 3.46 -1.06
CA LEU A 50 1.05 3.81 -0.01
C LEU A 50 1.08 5.30 0.17
N PHE A 51 -0.07 5.85 0.41
CA PHE A 51 -0.22 7.25 0.67
C PHE A 51 -0.97 7.41 1.99
N TYR A 52 -0.27 7.83 3.00
CA TYR A 52 -0.85 8.02 4.30
C TYR A 52 -0.70 9.48 4.63
N SER A 53 -1.80 10.17 4.75
CA SER A 53 -1.77 11.57 5.06
C SER A 53 -2.68 11.88 6.24
N GLN A 54 -2.08 11.94 7.42
CA GLN A 54 -2.71 12.23 8.71
C GLN A 54 -3.67 11.12 9.18
N GLY A 55 -4.83 11.05 8.59
CA GLY A 55 -5.80 10.07 8.98
C GLY A 55 -6.18 9.17 7.86
N VAL A 56 -6.18 9.68 6.65
CA VAL A 56 -6.55 8.86 5.54
C VAL A 56 -5.38 8.00 5.11
N PHE A 57 -5.64 6.75 5.07
CA PHE A 57 -4.67 5.76 4.79
C PHE A 57 -5.03 5.13 3.44
N PHE A 58 -4.25 5.41 2.44
CA PHE A 58 -4.51 4.89 1.12
C PHE A 58 -3.45 3.88 0.75
N GLN A 59 -3.88 2.73 0.36
CA GLN A 59 -3.00 1.65 -0.03
C GLN A 59 -3.60 0.99 -1.25
N TRP A 60 -2.80 0.75 -2.25
CA TRP A 60 -3.27 -0.02 -3.36
C TRP A 60 -2.14 -0.89 -3.83
N LEU A 61 -2.45 -1.90 -4.58
CA LEU A 61 -1.44 -2.81 -5.05
C LEU A 61 -1.77 -3.35 -6.42
N GLU A 62 -0.78 -3.38 -7.27
CA GLU A 62 -0.87 -3.94 -8.59
C GLU A 62 -0.37 -5.38 -8.47
N GLY A 63 -1.14 -6.34 -8.86
CA GLY A 63 -0.69 -7.70 -8.76
C GLY A 63 -1.59 -8.63 -9.51
N HIS A 64 -1.25 -9.91 -9.57
CA HIS A 64 -2.15 -10.89 -10.19
C HIS A 64 -3.38 -11.06 -9.27
N PRO A 65 -4.63 -10.89 -9.82
CA PRO A 65 -5.93 -10.85 -9.10
C PRO A 65 -6.02 -11.64 -7.80
N ALA A 66 -5.60 -12.88 -7.82
CA ALA A 66 -5.75 -13.71 -6.64
C ALA A 66 -4.77 -13.40 -5.56
N ALA A 67 -3.64 -12.89 -5.93
CA ALA A 67 -2.67 -12.47 -4.95
C ALA A 67 -3.22 -11.27 -4.24
N VAL A 68 -3.81 -10.40 -5.05
CA VAL A 68 -4.40 -9.17 -4.59
C VAL A 68 -5.54 -9.51 -3.66
N ALA A 69 -6.32 -10.50 -4.04
CA ALA A 69 -7.45 -10.93 -3.26
C ALA A 69 -7.08 -11.66 -1.99
N GLU A 70 -6.00 -12.41 -2.03
CA GLU A 70 -5.49 -13.04 -0.80
C GLU A 70 -5.16 -11.92 0.16
N VAL A 71 -4.50 -10.93 -0.39
CA VAL A 71 -4.19 -9.72 0.30
C VAL A 71 -5.49 -9.05 0.80
N MET A 72 -6.48 -8.87 -0.09
CA MET A 72 -7.79 -8.35 0.28
C MET A 72 -8.41 -9.10 1.41
N SER A 73 -8.50 -10.41 1.30
CA SER A 73 -9.14 -11.22 2.31
C SER A 73 -8.42 -11.12 3.66
N HIS A 74 -7.12 -10.94 3.63
CA HIS A 74 -6.37 -10.71 4.86
C HIS A 74 -6.68 -9.32 5.39
N ILE A 75 -6.52 -8.38 4.53
CA ILE A 75 -6.72 -6.98 4.78
C ILE A 75 -8.12 -6.61 5.26
N GLN A 76 -9.12 -7.14 4.60
CA GLN A 76 -10.51 -7.00 4.96
C GLN A 76 -10.85 -7.62 6.33
N ARG A 77 -9.90 -8.36 6.91
CA ARG A 77 -10.01 -8.82 8.30
C ARG A 77 -9.26 -7.83 9.20
N ASP A 78 -9.37 -6.57 8.80
CA ASP A 78 -8.86 -5.37 9.47
C ASP A 78 -8.86 -5.39 10.97
N ARG A 79 -7.94 -4.63 11.45
CA ARG A 79 -7.44 -4.58 12.77
C ARG A 79 -6.22 -3.63 12.73
N ARG A 80 -5.52 -3.60 11.57
CA ARG A 80 -4.37 -2.71 11.36
C ARG A 80 -4.66 -1.55 10.39
N HIS A 81 -5.91 -1.26 10.15
CA HIS A 81 -6.32 -0.13 9.33
C HIS A 81 -7.49 0.41 10.10
N SER A 82 -8.30 1.24 9.53
CA SER A 82 -9.46 1.66 10.29
C SER A 82 -10.72 0.88 9.94
N ASN A 83 -11.00 0.78 8.68
CA ASN A 83 -12.18 0.02 8.17
C ASN A 83 -11.91 -0.68 6.84
N VAL A 84 -10.82 -0.32 6.25
CA VAL A 84 -10.38 -0.70 4.92
C VAL A 84 -11.43 -0.87 3.83
N GLU A 85 -11.74 0.24 3.20
CA GLU A 85 -12.64 0.24 2.11
C GLU A 85 -11.94 0.32 0.82
N ILE A 86 -11.90 -0.78 0.19
CA ILE A 86 -11.36 -0.94 -1.16
C ILE A 86 -12.07 0.03 -2.09
N LEU A 87 -13.27 -0.30 -2.43
CA LEU A 87 -14.16 0.50 -3.28
C LEU A 87 -13.65 0.74 -4.69
N ALA A 88 -12.42 0.33 -4.97
CA ALA A 88 -11.89 0.44 -6.31
C ALA A 88 -11.05 -0.75 -6.62
N GLU A 89 -11.44 -1.52 -7.60
CA GLU A 89 -10.65 -2.66 -8.04
C GLU A 89 -10.66 -2.70 -9.55
N GLU A 90 -9.54 -2.42 -10.11
CA GLU A 90 -9.42 -2.32 -11.55
C GLU A 90 -8.41 -3.31 -12.10
N SER A 91 -8.83 -4.08 -13.09
CA SER A 91 -7.96 -5.01 -13.76
C SER A 91 -6.95 -4.23 -14.59
N ILE A 92 -5.69 -4.49 -14.36
CA ILE A 92 -4.63 -3.73 -14.98
C ILE A 92 -3.61 -4.51 -15.78
N ALA A 93 -2.75 -3.74 -16.45
CA ALA A 93 -1.62 -4.28 -17.19
C ALA A 93 -0.36 -4.05 -16.42
N LYS A 94 -0.59 -3.47 -15.30
CA LYS A 94 0.36 -3.11 -14.35
C LYS A 94 1.45 -2.19 -14.95
N ARG A 95 2.56 -2.07 -14.26
CA ARG A 95 3.72 -1.30 -14.69
C ARG A 95 3.64 0.14 -14.29
N ARG A 96 2.89 0.42 -13.27
CA ARG A 96 2.76 1.77 -12.81
C ARG A 96 3.78 2.12 -11.74
N PHE A 97 3.93 1.29 -10.70
CA PHE A 97 4.89 1.63 -9.65
C PHE A 97 6.10 0.73 -9.57
N ALA A 98 6.02 -0.39 -10.24
CA ALA A 98 7.11 -1.43 -10.42
C ALA A 98 7.62 -2.11 -9.12
N GLY A 99 7.39 -1.50 -8.02
CA GLY A 99 7.69 -2.06 -6.73
C GLY A 99 6.72 -1.46 -5.77
N TRP A 100 6.56 -2.01 -4.58
CA TRP A 100 5.70 -1.37 -3.61
C TRP A 100 6.49 -0.30 -2.86
N HIS A 101 5.86 0.83 -2.64
CA HIS A 101 6.52 1.97 -2.03
C HIS A 101 5.82 2.35 -0.75
N MET A 102 6.53 2.98 0.16
CA MET A 102 5.94 3.40 1.43
C MET A 102 6.04 4.90 1.56
N GLN A 103 5.01 5.52 2.08
CA GLN A 103 5.03 6.95 2.22
C GLN A 103 5.72 7.35 3.50
N LEU A 104 5.28 6.79 4.61
CA LEU A 104 5.85 7.15 5.88
C LEU A 104 6.19 5.93 6.71
N SER A 105 7.43 5.81 7.08
CA SER A 105 7.85 4.71 7.89
C SER A 105 7.63 5.03 9.38
N CYS A 106 8.43 5.95 9.89
CA CYS A 106 8.40 6.33 11.31
C CYS A 106 7.22 7.27 11.64
N SER A 107 6.21 7.26 10.76
CA SER A 107 5.07 8.17 10.80
C SER A 107 5.53 9.59 10.50
N GLU A 108 6.13 10.27 11.47
CA GLU A 108 6.68 11.56 11.26
C GLU A 108 7.65 11.86 12.38
N ALA A 109 8.70 12.52 12.02
CA ALA A 109 9.73 12.99 12.92
C ALA A 109 10.07 14.36 12.40
N ASP A 110 9.03 15.01 11.98
CA ASP A 110 9.13 16.24 11.25
C ASP A 110 8.67 17.41 12.10
N MET A 111 7.41 17.39 12.51
CA MET A 111 6.90 18.45 13.36
C MET A 111 7.42 18.24 14.76
N ARG A 112 7.34 16.97 15.22
CA ARG A 112 7.87 16.49 16.52
C ARG A 112 7.14 17.07 17.74
N SER A 113 6.53 18.21 17.59
CA SER A 113 5.78 18.87 18.65
C SER A 113 4.37 18.26 18.75
N LEU A 114 4.21 17.08 18.18
CA LEU A 114 2.95 16.36 18.18
C LEU A 114 2.98 15.27 19.24
N GLY A 115 3.93 15.36 20.15
CA GLY A 115 4.03 14.39 21.21
C GLY A 115 5.34 13.64 21.20
N LEU A 116 6.25 14.04 20.34
CA LEU A 116 7.54 13.37 20.26
C LEU A 116 8.55 14.11 21.11
N ALA A 117 8.62 15.39 20.93
CA ALA A 117 9.55 16.21 21.62
C ALA A 117 8.87 16.82 22.83
N GLU A 118 8.92 16.08 23.92
CA GLU A 118 8.29 16.48 25.17
C GLU A 118 9.00 17.71 25.77
N SER A 119 10.29 17.53 26.14
CA SER A 119 11.12 18.58 26.73
C SER A 119 10.66 18.94 28.18
N ARG A 120 11.62 19.25 29.04
CA ARG A 120 11.34 19.61 30.41
C ARG A 120 12.42 20.55 30.91
N GLN A 121 12.01 21.69 31.33
CA GLN A 121 12.88 22.72 31.83
C GLN A 121 12.17 23.55 32.87
N LEU A 1 9.55 -3.53 -38.88
CA LEU A 1 10.13 -3.34 -37.56
C LEU A 1 9.61 -4.45 -36.70
N GLU A 2 10.31 -4.81 -35.66
CA GLU A 2 9.86 -5.84 -34.79
C GLU A 2 8.96 -5.24 -33.72
N ALA A 3 8.06 -6.02 -33.25
CA ALA A 3 7.18 -5.59 -32.20
C ALA A 3 7.83 -5.88 -30.88
N ASP A 4 7.82 -4.90 -30.03
CA ASP A 4 8.41 -5.05 -28.73
C ASP A 4 7.42 -5.78 -27.86
N VAL A 5 7.92 -6.62 -26.98
CA VAL A 5 7.10 -7.39 -26.09
C VAL A 5 6.13 -6.51 -25.29
N THR A 6 6.62 -5.36 -24.84
CA THR A 6 5.90 -4.36 -24.05
C THR A 6 5.15 -4.91 -22.83
N MET A 7 4.64 -4.02 -22.01
CA MET A 7 3.78 -4.40 -20.96
C MET A 7 2.38 -4.15 -21.41
N THR A 8 1.81 -5.13 -22.05
CA THR A 8 0.50 -5.04 -22.61
C THR A 8 -0.56 -5.09 -21.54
N GLY A 9 -0.43 -6.03 -20.64
CA GLY A 9 -1.35 -6.15 -19.57
C GLY A 9 -2.26 -7.31 -19.72
N SER A 10 -1.98 -8.37 -19.00
CA SER A 10 -2.78 -9.55 -19.11
C SER A 10 -3.55 -9.83 -17.81
N ASP A 11 -2.86 -10.30 -16.80
CA ASP A 11 -3.47 -10.83 -15.64
C ASP A 11 -3.14 -10.03 -14.43
N LEU A 12 -3.29 -8.79 -14.54
CA LEU A 12 -3.04 -7.93 -13.48
C LEU A 12 -4.29 -7.23 -13.11
N VAL A 13 -4.33 -6.87 -11.89
CA VAL A 13 -5.39 -6.24 -11.28
C VAL A 13 -4.80 -5.36 -10.16
N SER A 14 -5.45 -4.30 -9.86
CA SER A 14 -5.06 -3.45 -8.80
C SER A 14 -6.26 -3.10 -7.95
N CYS A 15 -6.25 -3.55 -6.74
CA CYS A 15 -7.27 -3.15 -5.83
C CYS A 15 -6.78 -1.89 -5.16
N CYS A 16 -7.58 -0.88 -5.22
CA CYS A 16 -7.20 0.40 -4.73
C CYS A 16 -8.11 0.71 -3.64
N TYR A 17 -7.60 1.09 -2.48
CA TYR A 17 -8.47 1.24 -1.37
C TYR A 17 -8.16 2.44 -0.56
N ARG A 18 -9.09 2.84 0.24
CA ARG A 18 -8.82 3.89 1.16
C ARG A 18 -9.14 3.38 2.53
N SER A 19 -8.46 3.87 3.47
CA SER A 19 -8.70 3.52 4.78
C SER A 19 -8.48 4.72 5.67
N LEU A 20 -8.96 4.68 6.87
CA LEU A 20 -8.82 5.86 7.75
C LEU A 20 -7.95 5.60 8.98
N ALA A 21 -6.78 4.96 8.76
CA ALA A 21 -5.77 4.55 9.80
C ALA A 21 -6.29 4.60 11.25
N ALA A 22 -6.65 3.45 11.78
CA ALA A 22 -7.37 3.35 13.02
C ALA A 22 -6.59 3.91 14.21
N PRO A 23 -7.30 4.46 15.20
CA PRO A 23 -6.70 4.98 16.47
C PRO A 23 -6.02 3.87 17.28
N ASP A 24 -6.30 2.68 16.87
CA ASP A 24 -5.79 1.46 17.47
C ASP A 24 -4.35 1.23 17.04
N LEU A 25 -3.92 2.01 16.09
CA LEU A 25 -2.63 1.87 15.50
C LEU A 25 -1.48 2.20 16.38
N THR A 26 -0.48 1.42 16.17
CA THR A 26 0.74 1.51 16.79
C THR A 26 1.81 1.54 15.75
N LEU A 27 2.82 2.36 15.96
CA LEU A 27 3.94 2.50 15.04
C LEU A 27 4.58 1.19 14.76
N ARG A 28 4.78 0.38 15.79
CA ARG A 28 5.44 -0.90 15.56
C ARG A 28 4.62 -1.75 14.62
N ASP A 29 3.32 -1.59 14.69
CA ASP A 29 2.44 -2.29 13.79
C ASP A 29 2.64 -1.81 12.37
N LEU A 30 2.79 -0.48 12.14
CA LEU A 30 3.04 0.00 10.74
C LEU A 30 4.33 -0.55 10.24
N LEU A 31 5.27 -0.57 11.12
CA LEU A 31 6.63 -1.02 10.83
C LEU A 31 6.67 -2.51 10.53
N ASP A 32 5.89 -3.26 11.24
CA ASP A 32 5.76 -4.70 10.93
C ASP A 32 5.01 -4.88 9.62
N ILE A 33 4.01 -4.03 9.40
CA ILE A 33 3.23 -4.03 8.16
C ILE A 33 4.14 -3.80 6.95
N VAL A 34 4.85 -2.67 6.95
CA VAL A 34 5.74 -2.31 5.84
C VAL A 34 6.75 -3.42 5.52
N GLU A 35 7.47 -3.87 6.55
CA GLU A 35 8.46 -4.92 6.44
C GLU A 35 7.88 -6.23 5.85
N THR A 36 6.76 -6.67 6.38
CA THR A 36 6.13 -7.89 5.93
C THR A 36 5.54 -7.74 4.50
N SER A 37 5.01 -6.55 4.22
CA SER A 37 4.35 -6.26 2.97
C SER A 37 5.30 -6.43 1.77
N GLN A 38 6.46 -5.76 1.81
CA GLN A 38 7.42 -5.79 0.68
C GLN A 38 7.85 -7.18 0.36
N ALA A 39 8.19 -7.93 1.38
CA ALA A 39 8.71 -9.26 1.23
C ALA A 39 7.69 -10.19 0.55
N HIS A 40 6.43 -9.96 0.79
CA HIS A 40 5.38 -10.74 0.17
C HIS A 40 5.02 -10.16 -1.17
N ASN A 41 4.89 -8.87 -1.23
CA ASN A 41 4.47 -8.19 -2.45
C ASN A 41 5.50 -8.32 -3.54
N ALA A 42 6.76 -8.14 -3.21
CA ALA A 42 7.82 -8.29 -4.20
C ALA A 42 7.87 -9.74 -4.68
N ARG A 43 7.60 -10.66 -3.77
CA ARG A 43 7.61 -12.06 -4.07
C ARG A 43 6.40 -12.40 -4.90
N ALA A 44 5.26 -11.86 -4.53
CA ALA A 44 4.05 -12.12 -5.25
C ALA A 44 3.93 -11.30 -6.54
N GLN A 45 4.94 -10.41 -6.78
CA GLN A 45 5.07 -9.59 -8.04
C GLN A 45 4.13 -8.38 -8.01
N LEU A 46 3.67 -8.09 -6.83
CA LEU A 46 2.78 -7.01 -6.52
C LEU A 46 3.54 -5.69 -6.33
N THR A 47 3.11 -4.72 -7.07
CA THR A 47 3.72 -3.42 -7.10
C THR A 47 2.76 -2.39 -6.49
N GLY A 48 3.27 -1.37 -5.86
CA GLY A 48 2.44 -0.60 -4.98
C GLY A 48 2.96 0.70 -4.51
N ALA A 49 2.16 1.34 -3.74
CA ALA A 49 2.51 2.56 -3.05
C ALA A 49 1.43 2.84 -2.04
N LEU A 50 1.75 3.59 -1.00
CA LEU A 50 0.74 3.98 -0.06
C LEU A 50 1.08 5.32 0.52
N PHE A 51 0.07 6.12 0.69
CA PHE A 51 0.21 7.45 1.19
C PHE A 51 -0.63 7.62 2.44
N TYR A 52 0.04 7.73 3.54
CA TYR A 52 -0.58 7.91 4.83
C TYR A 52 -0.49 9.42 5.12
N SER A 53 -1.61 10.09 5.09
CA SER A 53 -1.60 11.53 5.24
C SER A 53 -2.52 11.99 6.37
N GLN A 54 -1.93 12.27 7.54
CA GLN A 54 -2.60 12.85 8.73
C GLN A 54 -3.65 11.91 9.37
N GLY A 55 -3.87 10.78 8.75
CA GLY A 55 -4.85 9.85 9.24
C GLY A 55 -5.50 9.13 8.11
N VAL A 56 -5.56 9.74 6.94
CA VAL A 56 -6.13 9.06 5.81
C VAL A 56 -5.08 8.15 5.23
N PHE A 57 -5.48 6.96 5.01
CA PHE A 57 -4.60 5.94 4.59
C PHE A 57 -4.97 5.50 3.18
N PHE A 58 -4.17 5.82 2.21
CA PHE A 58 -4.43 5.42 0.84
C PHE A 58 -3.42 4.37 0.43
N GLN A 59 -3.89 3.20 0.11
CA GLN A 59 -3.00 2.09 -0.21
C GLN A 59 -3.59 1.32 -1.37
N TRP A 60 -2.82 1.02 -2.37
CA TRP A 60 -3.29 0.15 -3.42
C TRP A 60 -2.15 -0.72 -3.90
N LEU A 61 -2.47 -1.76 -4.63
CA LEU A 61 -1.46 -2.67 -5.11
C LEU A 61 -1.80 -3.23 -6.46
N GLU A 62 -0.81 -3.35 -7.30
CA GLU A 62 -0.92 -3.92 -8.62
C GLU A 62 -0.42 -5.37 -8.53
N GLY A 63 -1.19 -6.32 -8.93
CA GLY A 63 -0.74 -7.69 -8.86
C GLY A 63 -1.65 -8.59 -9.65
N HIS A 64 -1.33 -9.87 -9.76
CA HIS A 64 -2.27 -10.83 -10.37
C HIS A 64 -3.46 -10.97 -9.43
N PRO A 65 -4.72 -10.81 -9.93
CA PRO A 65 -5.98 -10.75 -9.12
C PRO A 65 -6.01 -11.60 -7.87
N ALA A 66 -5.65 -12.84 -7.98
CA ALA A 66 -5.72 -13.73 -6.83
C ALA A 66 -4.68 -13.47 -5.76
N ALA A 67 -3.60 -12.91 -6.16
CA ALA A 67 -2.56 -12.54 -5.24
C ALA A 67 -3.03 -11.35 -4.47
N VAL A 68 -3.65 -10.47 -5.21
CA VAL A 68 -4.22 -9.23 -4.70
C VAL A 68 -5.31 -9.59 -3.73
N ALA A 69 -6.05 -10.63 -4.05
CA ALA A 69 -7.13 -11.10 -3.23
C ALA A 69 -6.64 -11.83 -2.00
N GLU A 70 -5.52 -12.50 -2.10
CA GLU A 70 -4.90 -13.12 -0.91
C GLU A 70 -4.55 -12.01 0.04
N VAL A 71 -4.05 -10.94 -0.55
CA VAL A 71 -3.79 -9.72 0.14
C VAL A 71 -5.11 -9.13 0.70
N MET A 72 -6.15 -8.99 -0.16
CA MET A 72 -7.48 -8.53 0.27
C MET A 72 -7.98 -9.32 1.46
N SER A 73 -7.95 -10.62 1.35
CA SER A 73 -8.41 -11.50 2.42
C SER A 73 -7.67 -11.20 3.74
N HIS A 74 -6.36 -11.04 3.67
CA HIS A 74 -5.58 -10.70 4.86
C HIS A 74 -5.83 -9.26 5.34
N ILE A 75 -6.21 -8.41 4.42
CA ILE A 75 -6.40 -6.98 4.64
C ILE A 75 -7.80 -6.61 5.15
N GLN A 76 -8.83 -7.13 4.51
CA GLN A 76 -10.21 -6.92 4.85
C GLN A 76 -10.59 -7.42 6.25
N ARG A 77 -9.77 -8.29 6.81
CA ARG A 77 -9.95 -8.75 8.21
C ARG A 77 -9.36 -7.73 9.20
N ASP A 78 -9.24 -6.52 8.69
CA ASP A 78 -8.79 -5.30 9.36
C ASP A 78 -9.26 -5.04 10.78
N ARG A 79 -8.40 -4.24 11.40
CA ARG A 79 -8.39 -3.77 12.77
C ARG A 79 -7.15 -2.83 12.96
N ARG A 80 -6.71 -2.17 11.85
CA ARG A 80 -5.50 -1.30 11.78
C ARG A 80 -5.73 -0.13 10.81
N HIS A 81 -6.24 -0.43 9.68
CA HIS A 81 -6.45 0.54 8.63
C HIS A 81 -7.89 0.82 8.50
N SER A 82 -8.29 1.55 9.48
CA SER A 82 -9.64 1.85 9.94
C SER A 82 -10.86 1.04 9.48
N ASN A 83 -11.04 0.89 8.22
CA ASN A 83 -12.19 0.15 7.64
C ASN A 83 -11.84 -0.58 6.38
N VAL A 84 -10.70 -0.27 5.87
CA VAL A 84 -10.20 -0.68 4.58
C VAL A 84 -11.23 -0.90 3.50
N GLU A 85 -11.69 0.19 3.00
CA GLU A 85 -12.68 0.15 1.98
C GLU A 85 -12.00 0.28 0.66
N ILE A 86 -11.73 -0.88 0.11
CA ILE A 86 -11.23 -1.05 -1.25
C ILE A 86 -12.03 -0.18 -2.14
N LEU A 87 -13.22 -0.58 -2.32
CA LEU A 87 -14.23 0.11 -3.10
C LEU A 87 -13.91 0.10 -4.61
N ALA A 88 -12.63 -0.07 -4.96
CA ALA A 88 -12.25 -0.10 -6.34
C ALA A 88 -11.32 -1.26 -6.61
N GLU A 89 -11.81 -2.19 -7.38
CA GLU A 89 -11.02 -3.32 -7.79
C GLU A 89 -11.01 -3.30 -9.32
N GLU A 90 -9.87 -3.01 -9.87
CA GLU A 90 -9.76 -2.80 -11.31
C GLU A 90 -8.70 -3.68 -11.95
N SER A 91 -9.02 -4.22 -13.11
CA SER A 91 -8.11 -5.04 -13.87
C SER A 91 -7.10 -4.14 -14.56
N ILE A 92 -5.84 -4.43 -14.37
CA ILE A 92 -4.81 -3.56 -14.92
C ILE A 92 -3.85 -4.22 -15.86
N ALA A 93 -3.04 -3.37 -16.48
CA ALA A 93 -1.98 -3.81 -17.39
C ALA A 93 -0.68 -3.94 -16.68
N LYS A 94 -0.71 -3.36 -15.55
CA LYS A 94 0.31 -3.23 -14.58
C LYS A 94 1.65 -2.75 -15.11
N ARG A 95 2.03 -1.69 -14.54
CA ARG A 95 3.22 -0.89 -14.88
C ARG A 95 3.07 0.52 -14.28
N ARG A 96 2.26 0.64 -13.24
CA ARG A 96 1.96 1.92 -12.70
C ARG A 96 3.08 2.34 -11.79
N PHE A 97 3.46 1.49 -10.85
CA PHE A 97 4.55 1.85 -9.96
C PHE A 97 5.74 0.95 -10.03
N ALA A 98 5.52 -0.24 -10.48
CA ALA A 98 6.57 -1.29 -10.71
C ALA A 98 7.26 -1.82 -9.42
N GLY A 99 7.01 -1.19 -8.31
CA GLY A 99 7.49 -1.63 -7.01
C GLY A 99 6.51 -1.15 -5.99
N TRP A 100 6.41 -1.79 -4.81
CA TRP A 100 5.49 -1.33 -3.77
C TRP A 100 6.24 -0.42 -2.84
N HIS A 101 5.67 0.72 -2.48
CA HIS A 101 6.39 1.67 -1.69
C HIS A 101 5.54 2.38 -0.67
N MET A 102 5.88 2.23 0.57
CA MET A 102 5.23 2.95 1.61
C MET A 102 5.98 4.24 1.80
N GLN A 103 5.28 5.37 1.79
CA GLN A 103 5.94 6.67 1.91
C GLN A 103 6.63 6.75 3.27
N LEU A 104 5.84 6.77 4.33
CA LEU A 104 6.39 6.78 5.68
C LEU A 104 6.75 5.35 6.08
N SER A 105 7.92 4.90 5.69
CA SER A 105 8.34 3.53 5.95
C SER A 105 8.74 3.33 7.42
N CYS A 106 9.14 4.39 8.06
CA CYS A 106 9.54 4.35 9.44
C CYS A 106 9.05 5.63 10.09
N SER A 107 7.83 6.03 9.68
CA SER A 107 7.21 7.31 10.04
C SER A 107 8.00 8.40 9.32
N GLU A 108 7.78 9.63 9.66
CA GLU A 108 8.57 10.67 9.10
C GLU A 108 9.87 10.78 9.88
N ALA A 109 9.75 10.94 11.21
CA ALA A 109 10.86 10.98 12.16
C ALA A 109 11.88 12.04 11.77
N ASP A 110 11.44 13.04 11.06
CA ASP A 110 12.33 14.03 10.52
C ASP A 110 12.02 15.38 11.09
N MET A 111 10.77 15.75 11.01
CA MET A 111 10.35 17.04 11.49
C MET A 111 9.59 16.90 12.78
N ARG A 112 8.75 15.86 12.87
CA ARG A 112 7.85 15.59 14.01
C ARG A 112 6.75 16.64 14.18
N SER A 113 7.08 17.90 13.96
CA SER A 113 6.21 19.07 14.15
C SER A 113 4.83 19.01 13.41
N LEU A 114 4.63 18.01 12.59
CA LEU A 114 3.38 17.86 11.89
C LEU A 114 2.30 17.18 12.75
N GLY A 115 2.69 16.69 13.92
CA GLY A 115 1.74 16.04 14.79
C GLY A 115 2.41 15.39 15.98
N LEU A 116 3.61 14.89 15.76
CA LEU A 116 4.40 14.26 16.82
C LEU A 116 4.90 15.31 17.79
N ALA A 117 5.56 16.31 17.24
CA ALA A 117 6.12 17.33 18.06
C ALA A 117 5.31 18.59 17.97
N GLU A 118 4.33 18.64 18.79
CA GLU A 118 3.50 19.78 18.92
C GLU A 118 3.45 20.01 20.40
N SER A 119 3.10 21.17 20.83
CA SER A 119 3.17 21.50 22.22
C SER A 119 1.99 20.88 22.97
N ARG A 120 2.26 19.80 23.68
CA ARG A 120 1.19 19.11 24.40
C ARG A 120 1.55 18.86 25.86
N GLN A 121 2.55 19.57 26.35
CA GLN A 121 2.96 19.38 27.75
C GLN A 121 2.44 20.48 28.69
N LEU A 1 8.96 -13.20 -36.49
CA LEU A 1 8.41 -11.85 -36.26
C LEU A 1 9.02 -11.28 -35.00
N GLU A 2 8.81 -9.99 -34.77
CA GLU A 2 9.41 -9.28 -33.67
C GLU A 2 8.80 -9.69 -32.33
N ALA A 3 9.58 -9.56 -31.30
CA ALA A 3 9.17 -9.85 -29.98
C ALA A 3 8.43 -8.65 -29.44
N ASP A 4 7.28 -8.91 -28.90
CA ASP A 4 6.41 -7.88 -28.40
C ASP A 4 6.98 -7.30 -27.13
N VAL A 5 6.92 -6.01 -26.99
CA VAL A 5 7.45 -5.31 -25.86
C VAL A 5 6.78 -5.70 -24.54
N THR A 6 5.56 -6.19 -24.61
CA THR A 6 4.74 -6.56 -23.48
C THR A 6 4.57 -5.44 -22.47
N MET A 7 3.79 -4.45 -22.86
CA MET A 7 3.47 -3.31 -22.02
C MET A 7 2.27 -3.66 -21.20
N THR A 8 1.35 -4.29 -21.84
CA THR A 8 0.12 -4.66 -21.26
C THR A 8 0.09 -6.16 -20.98
N GLY A 9 -1.03 -6.62 -20.50
CA GLY A 9 -1.19 -8.01 -20.23
C GLY A 9 -2.64 -8.34 -20.17
N SER A 10 -3.06 -8.98 -19.12
CA SER A 10 -4.46 -9.29 -18.91
C SER A 10 -4.73 -9.60 -17.45
N ASP A 11 -3.78 -10.22 -16.78
CA ASP A 11 -4.02 -10.74 -15.51
C ASP A 11 -3.45 -9.91 -14.41
N LEU A 12 -3.62 -8.68 -14.54
CA LEU A 12 -3.30 -7.79 -13.54
C LEU A 12 -4.53 -7.06 -13.13
N VAL A 13 -4.56 -6.74 -11.91
CA VAL A 13 -5.63 -6.13 -11.28
C VAL A 13 -5.04 -5.23 -10.19
N SER A 14 -5.70 -4.17 -9.91
CA SER A 14 -5.26 -3.28 -8.92
C SER A 14 -6.43 -2.91 -8.05
N CYS A 15 -6.28 -3.17 -6.80
CA CYS A 15 -7.24 -2.76 -5.84
C CYS A 15 -6.72 -1.49 -5.22
N CYS A 16 -7.52 -0.46 -5.23
CA CYS A 16 -7.11 0.82 -4.73
C CYS A 16 -7.98 1.10 -3.57
N TYR A 17 -7.45 1.05 -2.37
CA TYR A 17 -8.29 1.12 -1.23
C TYR A 17 -7.98 2.31 -0.39
N ARG A 18 -8.90 2.64 0.45
CA ARG A 18 -8.64 3.63 1.42
C ARG A 18 -9.03 3.08 2.77
N SER A 19 -8.40 3.54 3.75
CA SER A 19 -8.76 3.23 5.07
C SER A 19 -8.63 4.45 5.91
N LEU A 20 -9.16 4.44 7.08
CA LEU A 20 -9.12 5.64 7.91
C LEU A 20 -8.25 5.46 9.12
N ALA A 21 -7.03 4.88 8.87
CA ALA A 21 -5.98 4.52 9.88
C ALA A 21 -6.44 4.64 11.31
N ALA A 22 -6.67 3.51 11.95
CA ALA A 22 -7.31 3.45 13.20
C ALA A 22 -6.59 4.25 14.23
N PRO A 23 -7.31 5.06 14.99
CA PRO A 23 -6.76 5.94 16.04
C PRO A 23 -6.02 5.18 17.13
N ASP A 24 -6.23 3.92 17.13
CA ASP A 24 -5.69 3.02 18.13
C ASP A 24 -4.51 2.26 17.57
N LEU A 25 -4.03 2.74 16.45
CA LEU A 25 -2.89 2.15 15.80
C LEU A 25 -1.60 2.36 16.49
N THR A 26 -0.84 1.33 16.48
CA THR A 26 0.43 1.30 17.03
C THR A 26 1.48 1.37 15.98
N LEU A 27 2.49 2.15 16.23
CA LEU A 27 3.59 2.36 15.32
C LEU A 27 4.28 1.07 15.02
N ARG A 28 4.44 0.21 16.02
CA ARG A 28 5.17 -1.01 15.76
C ARG A 28 4.41 -1.87 14.78
N ASP A 29 3.11 -1.69 14.76
CA ASP A 29 2.29 -2.35 13.80
C ASP A 29 2.56 -1.83 12.43
N LEU A 30 2.65 -0.49 12.24
CA LEU A 30 2.89 0.06 10.86
C LEU A 30 4.25 -0.35 10.38
N LEU A 31 5.18 -0.36 11.29
CA LEU A 31 6.57 -0.67 11.00
C LEU A 31 6.75 -2.13 10.65
N ASP A 32 6.00 -2.96 11.30
CA ASP A 32 5.98 -4.38 10.89
C ASP A 32 5.22 -4.56 9.59
N ILE A 33 4.15 -3.81 9.42
CA ILE A 33 3.35 -3.80 8.19
C ILE A 33 4.22 -3.49 6.99
N VAL A 34 4.92 -2.35 7.03
CA VAL A 34 5.78 -1.91 5.92
C VAL A 34 6.78 -3.00 5.50
N GLU A 35 7.49 -3.55 6.47
CA GLU A 35 8.48 -4.56 6.21
C GLU A 35 7.88 -5.88 5.69
N THR A 36 6.75 -6.26 6.23
CA THR A 36 6.09 -7.50 5.84
C THR A 36 5.39 -7.37 4.47
N SER A 37 4.84 -6.19 4.19
CA SER A 37 4.12 -5.93 2.97
C SER A 37 5.05 -6.08 1.76
N GLN A 38 6.27 -5.54 1.85
CA GLN A 38 7.26 -5.64 0.77
C GLN A 38 7.58 -7.06 0.47
N ALA A 39 7.73 -7.82 1.51
CA ALA A 39 8.12 -9.19 1.43
C ALA A 39 7.06 -10.05 0.72
N HIS A 40 5.79 -9.86 1.06
CA HIS A 40 4.72 -10.63 0.41
C HIS A 40 4.46 -10.07 -0.98
N ASN A 41 4.56 -8.78 -1.13
CA ASN A 41 4.28 -8.15 -2.42
C ASN A 41 5.35 -8.44 -3.43
N ALA A 42 6.60 -8.47 -3.00
CA ALA A 42 7.71 -8.86 -3.88
C ALA A 42 7.50 -10.31 -4.33
N ARG A 43 7.02 -11.10 -3.39
CA ARG A 43 6.73 -12.49 -3.60
C ARG A 43 5.61 -12.65 -4.61
N ALA A 44 4.50 -12.01 -4.34
CA ALA A 44 3.36 -12.17 -5.19
C ALA A 44 3.46 -11.31 -6.47
N GLN A 45 4.57 -10.54 -6.59
CA GLN A 45 4.89 -9.71 -7.79
C GLN A 45 3.97 -8.51 -7.87
N LEU A 46 3.51 -8.14 -6.73
CA LEU A 46 2.68 -6.99 -6.52
C LEU A 46 3.50 -5.72 -6.38
N THR A 47 3.14 -4.75 -7.15
CA THR A 47 3.77 -3.49 -7.14
C THR A 47 2.81 -2.47 -6.56
N GLY A 48 3.30 -1.46 -5.90
CA GLY A 48 2.44 -0.69 -5.07
C GLY A 48 3.00 0.59 -4.59
N ALA A 49 2.20 1.27 -3.85
CA ALA A 49 2.56 2.48 -3.15
C ALA A 49 1.43 2.83 -2.21
N LEU A 50 1.66 3.73 -1.29
CA LEU A 50 0.61 4.18 -0.41
C LEU A 50 0.89 5.58 0.04
N PHE A 51 -0.16 6.29 0.31
CA PHE A 51 -0.11 7.64 0.77
C PHE A 51 -0.93 7.74 2.04
N TYR A 52 -0.27 8.03 3.11
CA TYR A 52 -0.91 8.17 4.38
C TYR A 52 -0.95 9.65 4.68
N SER A 53 -2.12 10.21 4.69
CA SER A 53 -2.27 11.60 4.90
C SER A 53 -3.02 11.88 6.19
N GLN A 54 -2.25 12.01 7.28
CA GLN A 54 -2.72 12.33 8.64
C GLN A 54 -3.63 11.24 9.24
N GLY A 55 -4.77 11.06 8.66
CA GLY A 55 -5.68 10.04 9.12
C GLY A 55 -6.18 9.17 7.99
N VAL A 56 -6.11 9.66 6.77
CA VAL A 56 -6.60 8.88 5.67
C VAL A 56 -5.47 8.05 5.08
N PHE A 57 -5.78 6.84 4.84
CA PHE A 57 -4.84 5.87 4.36
C PHE A 57 -5.22 5.49 2.92
N PHE A 58 -4.45 5.89 1.95
CA PHE A 58 -4.71 5.44 0.59
C PHE A 58 -3.63 4.47 0.21
N GLN A 59 -4.02 3.28 -0.09
CA GLN A 59 -3.09 2.21 -0.32
C GLN A 59 -3.60 1.43 -1.51
N TRP A 60 -2.77 1.18 -2.47
CA TRP A 60 -3.20 0.37 -3.56
C TRP A 60 -2.07 -0.53 -4.02
N LEU A 61 -2.42 -1.56 -4.75
CA LEU A 61 -1.45 -2.51 -5.22
C LEU A 61 -1.82 -3.09 -6.56
N GLU A 62 -0.83 -3.27 -7.38
CA GLU A 62 -0.94 -3.82 -8.70
C GLU A 62 -0.48 -5.26 -8.62
N GLY A 63 -1.29 -6.19 -9.04
CA GLY A 63 -0.86 -7.55 -8.99
C GLY A 63 -1.78 -8.44 -9.79
N HIS A 64 -1.43 -9.70 -9.89
CA HIS A 64 -2.32 -10.69 -10.52
C HIS A 64 -3.53 -10.91 -9.59
N PRO A 65 -4.81 -10.83 -10.11
CA PRO A 65 -6.09 -10.83 -9.32
C PRO A 65 -6.10 -11.68 -8.05
N ALA A 66 -5.62 -12.90 -8.14
CA ALA A 66 -5.69 -13.77 -6.98
C ALA A 66 -4.65 -13.47 -5.95
N ALA A 67 -3.56 -12.94 -6.38
CA ALA A 67 -2.53 -12.54 -5.47
C ALA A 67 -3.06 -11.37 -4.69
N VAL A 68 -3.73 -10.51 -5.43
CA VAL A 68 -4.34 -9.33 -4.91
C VAL A 68 -5.38 -9.73 -3.92
N ALA A 69 -6.14 -10.76 -4.24
CA ALA A 69 -7.18 -11.24 -3.37
C ALA A 69 -6.63 -11.95 -2.15
N GLU A 70 -5.54 -12.67 -2.31
CA GLU A 70 -4.84 -13.28 -1.17
C GLU A 70 -4.43 -12.16 -0.22
N VAL A 71 -4.01 -11.08 -0.82
CA VAL A 71 -3.71 -9.88 -0.12
C VAL A 71 -4.99 -9.27 0.49
N MET A 72 -6.06 -9.15 -0.32
CA MET A 72 -7.36 -8.70 0.15
C MET A 72 -7.83 -9.48 1.35
N SER A 73 -7.79 -10.80 1.27
CA SER A 73 -8.19 -11.62 2.40
C SER A 73 -7.35 -11.28 3.65
N HIS A 74 -6.03 -11.15 3.50
CA HIS A 74 -5.16 -10.75 4.63
C HIS A 74 -5.52 -9.36 5.16
N ILE A 75 -5.88 -8.50 4.26
CA ILE A 75 -6.15 -7.10 4.53
C ILE A 75 -7.56 -6.81 5.09
N GLN A 76 -8.56 -7.35 4.45
CA GLN A 76 -9.96 -7.23 4.85
C GLN A 76 -10.28 -7.84 6.21
N ARG A 77 -9.36 -8.62 6.76
CA ARG A 77 -9.48 -9.14 8.14
C ARG A 77 -8.88 -8.12 9.11
N ASP A 78 -8.88 -6.87 8.66
CA ASP A 78 -8.45 -5.65 9.36
C ASP A 78 -8.58 -5.60 10.87
N ARG A 79 -7.74 -4.72 11.38
CA ARG A 79 -7.39 -4.53 12.74
C ARG A 79 -6.30 -3.43 12.80
N ARG A 80 -5.55 -3.22 11.68
CA ARG A 80 -4.52 -2.17 11.63
C ARG A 80 -4.76 -1.05 10.57
N HIS A 81 -5.99 -0.88 10.11
CA HIS A 81 -6.30 0.17 9.10
C HIS A 81 -7.77 0.37 8.98
N SER A 82 -8.24 1.28 9.79
CA SER A 82 -9.63 1.53 10.13
C SER A 82 -10.74 0.64 9.60
N ASN A 83 -10.94 0.65 8.32
CA ASN A 83 -12.05 -0.11 7.75
C ASN A 83 -11.66 -0.83 6.50
N VAL A 84 -10.51 -0.53 6.01
CA VAL A 84 -10.03 -0.92 4.71
C VAL A 84 -11.07 -1.13 3.64
N GLU A 85 -11.50 -0.03 3.12
CA GLU A 85 -12.49 0.01 2.12
C GLU A 85 -11.83 0.15 0.80
N ILE A 86 -11.57 -1.01 0.22
CA ILE A 86 -11.06 -1.16 -1.13
C ILE A 86 -11.84 -0.26 -2.02
N LEU A 87 -13.04 -0.62 -2.27
CA LEU A 87 -14.03 0.16 -3.01
C LEU A 87 -13.69 0.32 -4.49
N ALA A 88 -12.42 0.21 -4.82
CA ALA A 88 -11.97 0.33 -6.17
C ALA A 88 -11.13 -0.86 -6.52
N GLU A 89 -11.61 -1.66 -7.42
CA GLU A 89 -10.88 -2.80 -7.92
C GLU A 89 -11.03 -2.80 -9.41
N GLU A 90 -9.96 -2.54 -10.07
CA GLU A 90 -9.96 -2.45 -11.50
C GLU A 90 -8.87 -3.32 -12.10
N SER A 91 -9.16 -3.92 -13.22
CA SER A 91 -8.24 -4.76 -13.92
C SER A 91 -7.22 -3.89 -14.61
N ILE A 92 -5.98 -4.16 -14.37
CA ILE A 92 -4.94 -3.32 -14.87
C ILE A 92 -3.97 -3.98 -15.80
N ALA A 93 -3.10 -3.17 -16.37
CA ALA A 93 -2.03 -3.66 -17.23
C ALA A 93 -0.74 -3.67 -16.47
N LYS A 94 -0.87 -3.16 -15.30
CA LYS A 94 0.13 -2.98 -14.35
C LYS A 94 1.34 -2.22 -14.93
N ARG A 95 2.44 -2.27 -14.21
CA ARG A 95 3.74 -1.74 -14.59
C ARG A 95 3.81 -0.25 -14.28
N ARG A 96 3.05 0.17 -13.31
CA ARG A 96 2.99 1.57 -12.96
C ARG A 96 4.07 1.96 -11.97
N PHE A 97 4.16 1.25 -10.85
CA PHE A 97 5.15 1.61 -9.83
C PHE A 97 6.33 0.69 -9.76
N ALA A 98 6.19 -0.43 -10.41
CA ALA A 98 7.24 -1.49 -10.55
C ALA A 98 7.71 -2.15 -9.21
N GLY A 99 7.41 -1.52 -8.11
CA GLY A 99 7.65 -2.06 -6.79
C GLY A 99 6.63 -1.46 -5.86
N TRP A 100 6.44 -2.00 -4.66
CA TRP A 100 5.52 -1.39 -3.71
C TRP A 100 6.30 -0.38 -2.86
N HIS A 101 5.70 0.78 -2.63
CA HIS A 101 6.39 1.87 -1.98
C HIS A 101 5.62 2.39 -0.78
N MET A 102 6.26 2.43 0.35
CA MET A 102 5.65 3.00 1.52
C MET A 102 6.30 4.36 1.71
N GLN A 103 5.53 5.37 2.06
CA GLN A 103 6.07 6.71 2.21
C GLN A 103 7.00 6.83 3.42
N LEU A 104 6.74 6.03 4.44
CA LEU A 104 7.47 6.10 5.70
C LEU A 104 8.64 5.10 5.71
N SER A 105 9.06 4.68 4.52
CA SER A 105 10.19 3.78 4.38
C SER A 105 11.49 4.52 4.76
N CYS A 106 11.54 5.76 4.36
CA CYS A 106 12.65 6.63 4.60
C CYS A 106 12.35 7.53 5.81
N SER A 107 13.19 8.50 6.03
CA SER A 107 13.03 9.46 7.09
C SER A 107 13.49 10.82 6.56
N GLU A 108 14.66 10.78 5.95
CA GLU A 108 15.29 11.89 5.24
C GLU A 108 15.33 13.18 6.04
N ALA A 109 16.27 13.24 6.97
CA ALA A 109 16.48 14.41 7.80
C ALA A 109 17.12 15.51 6.98
N ASP A 110 17.61 15.13 5.83
CA ASP A 110 18.17 16.06 4.85
C ASP A 110 17.05 16.92 4.32
N MET A 111 15.91 16.30 4.08
CA MET A 111 14.79 16.98 3.47
C MET A 111 13.87 17.61 4.48
N ARG A 112 13.30 16.77 5.39
CA ARG A 112 12.32 17.19 6.45
C ARG A 112 10.96 17.60 5.83
N SER A 113 10.97 17.94 4.55
CA SER A 113 9.84 18.44 3.80
C SER A 113 8.98 17.28 3.23
N LEU A 114 9.14 16.10 3.79
CA LEU A 114 8.33 14.97 3.38
C LEU A 114 6.97 15.07 4.05
N GLY A 115 7.01 15.24 5.33
CA GLY A 115 5.83 15.39 6.14
C GLY A 115 6.24 15.51 7.57
N LEU A 116 7.32 16.23 7.79
CA LEU A 116 7.84 16.38 9.12
C LEU A 116 7.72 17.80 9.57
N ALA A 117 8.59 18.65 9.01
CA ALA A 117 8.75 20.03 9.40
C ALA A 117 8.92 20.16 10.91
N GLU A 118 10.11 19.91 11.35
CA GLU A 118 10.39 19.80 12.73
C GLU A 118 11.86 20.14 12.99
N SER A 119 12.09 21.10 13.82
CA SER A 119 13.41 21.53 14.21
C SER A 119 13.32 22.21 15.57
N ARG A 120 14.03 21.72 16.56
CA ARG A 120 13.96 22.29 17.87
C ARG A 120 15.22 22.08 18.64
N GLN A 121 15.63 23.11 19.28
CA GLN A 121 16.82 23.09 20.13
C GLN A 121 16.49 22.49 21.50
N LEU A 1 9.71 -6.95 -34.51
CA LEU A 1 8.78 -7.95 -34.01
C LEU A 1 7.44 -7.32 -33.78
N GLU A 2 6.44 -8.14 -33.71
CA GLU A 2 5.08 -7.72 -33.55
C GLU A 2 4.85 -7.07 -32.19
N ALA A 3 3.86 -6.22 -32.12
CA ALA A 3 3.48 -5.59 -30.89
C ALA A 3 3.03 -6.67 -29.91
N ASP A 4 3.49 -6.56 -28.70
CA ASP A 4 3.25 -7.58 -27.69
C ASP A 4 1.80 -7.52 -27.22
N VAL A 5 1.49 -6.51 -26.43
CA VAL A 5 0.18 -6.30 -25.94
C VAL A 5 -0.20 -4.83 -25.98
N THR A 6 0.71 -4.00 -26.49
CA THR A 6 0.59 -2.54 -26.46
C THR A 6 0.42 -2.04 -25.04
N MET A 7 -0.76 -1.76 -24.69
CA MET A 7 -1.11 -1.47 -23.36
C MET A 7 -2.18 -2.46 -22.93
N THR A 8 -3.37 -2.33 -23.53
CA THR A 8 -4.53 -3.20 -23.32
C THR A 8 -4.82 -3.56 -21.85
N GLY A 9 -4.31 -4.69 -21.44
CA GLY A 9 -4.50 -5.20 -20.13
C GLY A 9 -3.86 -6.55 -20.03
N SER A 10 -3.65 -7.02 -18.85
CA SER A 10 -3.09 -8.29 -18.65
C SER A 10 -3.76 -8.85 -17.41
N ASP A 11 -3.12 -9.76 -16.78
CA ASP A 11 -3.63 -10.45 -15.66
C ASP A 11 -3.20 -9.78 -14.41
N LEU A 12 -3.26 -8.53 -14.44
CA LEU A 12 -3.00 -7.70 -13.37
C LEU A 12 -4.22 -6.90 -13.09
N VAL A 13 -4.30 -6.47 -11.90
CA VAL A 13 -5.37 -5.79 -11.35
C VAL A 13 -4.81 -4.87 -10.25
N SER A 14 -5.45 -3.76 -10.07
CA SER A 14 -5.14 -2.83 -9.03
C SER A 14 -6.32 -2.69 -8.11
N CYS A 15 -6.11 -2.98 -6.88
CA CYS A 15 -7.11 -2.75 -5.91
C CYS A 15 -6.71 -1.46 -5.21
N CYS A 16 -7.50 -0.45 -5.34
CA CYS A 16 -7.16 0.83 -4.83
C CYS A 16 -8.04 1.05 -3.65
N TYR A 17 -7.50 0.99 -2.46
CA TYR A 17 -8.35 1.00 -1.33
C TYR A 17 -8.22 2.23 -0.46
N ARG A 18 -9.35 2.67 0.00
CA ARG A 18 -9.47 3.76 0.91
C ARG A 18 -9.62 3.19 2.30
N SER A 19 -8.99 3.77 3.26
CA SER A 19 -9.14 3.32 4.62
C SER A 19 -8.89 4.43 5.57
N LEU A 20 -8.98 4.12 6.79
CA LEU A 20 -8.59 5.00 7.84
C LEU A 20 -7.52 4.23 8.57
N ALA A 21 -6.67 4.90 9.25
CA ALA A 21 -5.72 4.21 10.08
C ALA A 21 -6.28 4.25 11.46
N ALA A 22 -6.25 3.14 12.22
CA ALA A 22 -6.81 3.20 13.52
C ALA A 22 -6.02 4.17 14.38
N PRO A 23 -6.68 5.14 14.97
CA PRO A 23 -6.06 6.19 15.82
C PRO A 23 -5.33 5.67 17.05
N ASP A 24 -5.39 4.41 17.24
CA ASP A 24 -4.76 3.80 18.41
C ASP A 24 -3.58 2.97 17.96
N LEU A 25 -3.21 3.15 16.71
CA LEU A 25 -2.10 2.47 16.10
C LEU A 25 -0.79 2.76 16.73
N THR A 26 0.06 1.84 16.55
CA THR A 26 1.35 1.86 17.06
C THR A 26 2.38 1.82 15.97
N LEU A 27 3.49 2.47 16.22
CA LEU A 27 4.62 2.53 15.29
C LEU A 27 5.04 1.15 14.87
N ARG A 28 5.15 0.22 15.82
CA ARG A 28 5.62 -1.12 15.45
C ARG A 28 4.60 -1.80 14.55
N ASP A 29 3.39 -1.33 14.60
CA ASP A 29 2.35 -1.82 13.76
C ASP A 29 2.50 -1.27 12.37
N LEU A 30 2.93 0.02 12.24
CA LEU A 30 3.16 0.57 10.86
C LEU A 30 4.35 -0.08 10.28
N LEU A 31 5.30 -0.33 11.14
CA LEU A 31 6.56 -0.93 10.79
C LEU A 31 6.38 -2.40 10.49
N ASP A 32 5.35 -2.98 11.05
CA ASP A 32 5.00 -4.37 10.67
C ASP A 32 4.32 -4.35 9.33
N ILE A 33 3.34 -3.43 9.20
CA ILE A 33 2.59 -3.19 7.97
C ILE A 33 3.53 -3.10 6.78
N VAL A 34 4.46 -2.16 6.84
CA VAL A 34 5.42 -1.95 5.75
C VAL A 34 6.22 -3.23 5.43
N GLU A 35 6.74 -3.88 6.47
CA GLU A 35 7.51 -5.11 6.31
C GLU A 35 6.71 -6.22 5.66
N THR A 36 5.62 -6.60 6.30
CA THR A 36 4.78 -7.68 5.86
C THR A 36 4.20 -7.40 4.45
N SER A 37 3.92 -6.12 4.18
CA SER A 37 3.39 -5.70 2.90
C SER A 37 4.39 -6.04 1.79
N GLN A 38 5.63 -5.59 1.95
CA GLN A 38 6.71 -5.84 0.98
C GLN A 38 6.97 -7.29 0.84
N ALA A 39 7.09 -7.96 1.95
CA ALA A 39 7.45 -9.34 2.00
C ALA A 39 6.45 -10.26 1.29
N HIS A 40 5.19 -9.85 1.25
CA HIS A 40 4.21 -10.62 0.53
C HIS A 40 4.12 -10.09 -0.89
N ASN A 41 4.12 -8.80 -1.05
CA ASN A 41 3.97 -8.18 -2.36
C ASN A 41 5.09 -8.51 -3.29
N ALA A 42 6.31 -8.49 -2.79
CA ALA A 42 7.46 -8.85 -3.59
C ALA A 42 7.35 -10.30 -4.01
N ARG A 43 6.92 -11.13 -3.07
CA ARG A 43 6.76 -12.55 -3.32
C ARG A 43 5.67 -12.80 -4.34
N ALA A 44 4.53 -12.18 -4.12
CA ALA A 44 3.41 -12.39 -5.00
C ALA A 44 3.53 -11.58 -6.31
N GLN A 45 4.64 -10.79 -6.44
CA GLN A 45 5.00 -10.04 -7.67
C GLN A 45 4.13 -8.80 -7.86
N LEU A 46 3.63 -8.35 -6.76
CA LEU A 46 2.79 -7.18 -6.63
C LEU A 46 3.62 -5.92 -6.46
N THR A 47 3.16 -4.86 -7.09
CA THR A 47 3.79 -3.58 -7.05
C THR A 47 2.81 -2.54 -6.47
N GLY A 48 3.29 -1.51 -5.83
CA GLY A 48 2.40 -0.72 -5.01
C GLY A 48 2.94 0.59 -4.53
N ALA A 49 2.11 1.28 -3.82
CA ALA A 49 2.48 2.49 -3.11
C ALA A 49 1.43 2.76 -2.03
N LEU A 50 1.82 3.47 -1.01
CA LEU A 50 0.96 3.74 0.12
C LEU A 50 1.01 5.21 0.42
N PHE A 51 -0.15 5.78 0.57
CA PHE A 51 -0.29 7.16 0.92
C PHE A 51 -1.12 7.25 2.18
N TYR A 52 -0.54 7.80 3.19
CA TYR A 52 -1.17 7.97 4.46
C TYR A 52 -1.37 9.46 4.62
N SER A 53 -2.58 9.91 4.51
CA SER A 53 -2.85 11.30 4.50
C SER A 53 -3.54 11.75 5.78
N GLN A 54 -2.74 12.28 6.73
CA GLN A 54 -3.25 12.93 7.97
C GLN A 54 -3.94 11.93 8.96
N GLY A 55 -4.20 10.73 8.51
CA GLY A 55 -4.86 9.74 9.31
C GLY A 55 -5.66 8.81 8.46
N VAL A 56 -6.00 9.28 7.27
CA VAL A 56 -6.72 8.44 6.34
C VAL A 56 -5.73 7.65 5.52
N PHE A 57 -6.08 6.46 5.21
CA PHE A 57 -5.24 5.60 4.41
C PHE A 57 -5.69 5.53 2.96
N PHE A 58 -4.74 5.47 2.08
CA PHE A 58 -4.96 5.12 0.71
C PHE A 58 -3.81 4.25 0.23
N GLN A 59 -4.12 3.04 -0.14
CA GLN A 59 -3.11 2.15 -0.65
C GLN A 59 -3.69 1.41 -1.80
N TRP A 60 -2.89 1.16 -2.78
CA TRP A 60 -3.32 0.35 -3.84
C TRP A 60 -2.16 -0.50 -4.28
N LEU A 61 -2.46 -1.60 -4.87
CA LEU A 61 -1.46 -2.51 -5.34
C LEU A 61 -1.79 -3.05 -6.70
N GLU A 62 -0.78 -3.22 -7.48
CA GLU A 62 -0.85 -3.77 -8.78
C GLU A 62 -0.41 -5.23 -8.64
N GLY A 63 -1.21 -6.15 -9.06
CA GLY A 63 -0.82 -7.52 -8.99
C GLY A 63 -1.77 -8.36 -9.77
N HIS A 64 -1.49 -9.64 -9.90
CA HIS A 64 -2.42 -10.56 -10.55
C HIS A 64 -3.65 -10.72 -9.66
N PRO A 65 -4.89 -10.55 -10.21
CA PRO A 65 -6.18 -10.49 -9.46
C PRO A 65 -6.26 -11.36 -8.20
N ALA A 66 -5.94 -12.62 -8.31
CA ALA A 66 -6.05 -13.50 -7.17
C ALA A 66 -4.98 -13.29 -6.13
N ALA A 67 -3.89 -12.78 -6.54
CA ALA A 67 -2.83 -12.45 -5.64
C ALA A 67 -3.26 -11.27 -4.84
N VAL A 68 -3.85 -10.33 -5.56
CA VAL A 68 -4.38 -9.12 -5.01
C VAL A 68 -5.42 -9.49 -3.99
N ALA A 69 -6.25 -10.44 -4.36
CA ALA A 69 -7.29 -10.91 -3.49
C ALA A 69 -6.78 -11.71 -2.32
N GLU A 70 -5.72 -12.47 -2.51
CA GLU A 70 -5.05 -13.16 -1.41
C GLU A 70 -4.58 -12.13 -0.43
N VAL A 71 -4.02 -11.09 -0.97
CA VAL A 71 -3.65 -9.95 -0.24
C VAL A 71 -4.89 -9.32 0.43
N MET A 72 -5.97 -9.05 -0.34
CA MET A 72 -7.22 -8.55 0.20
C MET A 72 -7.71 -9.39 1.34
N SER A 73 -7.79 -10.69 1.15
CA SER A 73 -8.26 -11.62 2.17
C SER A 73 -7.45 -11.43 3.49
N HIS A 74 -6.16 -11.24 3.34
CA HIS A 74 -5.32 -10.96 4.51
C HIS A 74 -5.58 -9.55 5.09
N ILE A 75 -5.62 -8.53 4.24
CA ILE A 75 -5.74 -7.15 4.72
C ILE A 75 -7.18 -6.80 5.15
N GLN A 76 -8.16 -7.48 4.62
CA GLN A 76 -9.55 -7.18 4.96
C GLN A 76 -9.91 -7.78 6.30
N ARG A 77 -9.12 -8.72 6.72
CA ARG A 77 -9.29 -9.30 8.02
C ARG A 77 -8.27 -8.69 8.97
N ASP A 78 -7.89 -7.44 8.69
CA ASP A 78 -6.92 -6.72 9.49
C ASP A 78 -7.58 -6.19 10.77
N ARG A 79 -7.03 -5.09 11.29
CA ARG A 79 -7.23 -4.67 12.65
C ARG A 79 -6.28 -3.51 13.01
N ARG A 80 -5.18 -3.38 12.26
CA ARG A 80 -4.22 -2.28 12.45
C ARG A 80 -4.94 -1.02 11.98
N HIS A 81 -5.41 -1.09 10.79
CA HIS A 81 -6.07 -0.03 10.13
C HIS A 81 -7.55 -0.09 10.35
N SER A 82 -8.19 0.91 9.87
CA SER A 82 -9.54 1.09 10.09
C SER A 82 -10.40 1.04 8.81
N ASN A 83 -11.30 0.10 8.86
CA ASN A 83 -12.39 -0.19 7.87
C ASN A 83 -11.99 -0.88 6.65
N VAL A 84 -10.91 -0.45 6.13
CA VAL A 84 -10.36 -0.84 4.87
C VAL A 84 -11.36 -1.14 3.79
N GLU A 85 -11.65 -0.15 3.02
CA GLU A 85 -12.62 -0.33 2.04
C GLU A 85 -12.07 -0.01 0.70
N ILE A 86 -11.68 -1.07 0.07
CA ILE A 86 -11.17 -1.13 -1.30
C ILE A 86 -11.92 -0.17 -2.17
N LEU A 87 -13.12 -0.52 -2.49
CA LEU A 87 -14.04 0.29 -3.28
C LEU A 87 -13.65 0.34 -4.74
N ALA A 88 -12.39 0.18 -5.04
CA ALA A 88 -11.94 0.22 -6.40
C ALA A 88 -11.05 -0.92 -6.73
N GLU A 89 -11.50 -1.78 -7.59
CA GLU A 89 -10.71 -2.85 -8.10
C GLU A 89 -10.75 -2.78 -9.62
N GLU A 90 -9.65 -2.44 -10.21
CA GLU A 90 -9.57 -2.19 -11.63
C GLU A 90 -8.53 -3.08 -12.30
N SER A 91 -8.88 -3.62 -13.42
CA SER A 91 -8.03 -4.52 -14.16
C SER A 91 -6.92 -3.74 -14.89
N ILE A 92 -5.69 -4.11 -14.63
CA ILE A 92 -4.54 -3.41 -15.21
C ILE A 92 -3.58 -4.27 -16.03
N ALA A 93 -2.57 -3.61 -16.57
CA ALA A 93 -1.47 -4.27 -17.26
C ALA A 93 -0.24 -4.12 -16.46
N LYS A 94 -0.44 -3.43 -15.39
CA LYS A 94 0.52 -3.10 -14.44
C LYS A 94 1.67 -2.28 -15.03
N ARG A 95 2.75 -2.21 -14.28
CA ARG A 95 3.98 -1.54 -14.66
C ARG A 95 3.82 -0.05 -14.40
N ARG A 96 3.21 0.27 -13.28
CA ARG A 96 3.07 1.63 -12.87
C ARG A 96 4.17 2.00 -11.88
N PHE A 97 4.23 1.30 -10.74
CA PHE A 97 5.23 1.65 -9.72
C PHE A 97 6.38 0.70 -9.66
N ALA A 98 6.19 -0.44 -10.27
CA ALA A 98 7.21 -1.53 -10.41
C ALA A 98 7.68 -2.17 -9.06
N GLY A 99 7.38 -1.54 -7.97
CA GLY A 99 7.61 -2.09 -6.64
C GLY A 99 6.60 -1.48 -5.72
N TRP A 100 6.37 -2.03 -4.54
CA TRP A 100 5.47 -1.40 -3.60
C TRP A 100 6.24 -0.40 -2.76
N HIS A 101 5.64 0.76 -2.52
CA HIS A 101 6.31 1.86 -1.86
C HIS A 101 5.51 2.29 -0.64
N MET A 102 6.16 2.91 0.32
CA MET A 102 5.48 3.37 1.53
C MET A 102 5.98 4.76 1.85
N GLN A 103 5.04 5.68 2.06
CA GLN A 103 5.29 7.10 2.36
C GLN A 103 6.30 7.31 3.51
N LEU A 104 6.28 6.39 4.49
CA LEU A 104 7.20 6.41 5.64
C LEU A 104 8.64 6.55 5.19
N SER A 105 8.97 5.83 4.11
CA SER A 105 10.27 5.85 3.45
C SER A 105 11.50 5.78 4.39
N CYS A 106 11.99 6.92 4.80
CA CYS A 106 13.15 7.03 5.66
C CYS A 106 12.85 7.82 6.93
N SER A 107 11.58 8.16 7.11
CA SER A 107 11.05 8.98 8.23
C SER A 107 11.63 10.42 8.28
N GLU A 108 10.75 11.38 8.38
CA GLU A 108 11.12 12.77 8.27
C GLU A 108 11.63 13.40 9.57
N ALA A 109 11.92 12.60 10.57
CA ALA A 109 12.52 13.11 11.80
C ALA A 109 13.97 13.48 11.52
N ASP A 110 14.46 13.00 10.40
CA ASP A 110 15.79 13.29 9.90
C ASP A 110 15.94 14.76 9.51
N MET A 111 14.92 15.33 8.86
CA MET A 111 14.96 16.77 8.53
C MET A 111 14.81 17.60 9.78
N ARG A 112 14.22 16.97 10.83
CA ARG A 112 14.10 17.51 12.19
C ARG A 112 13.14 18.71 12.29
N SER A 113 13.44 19.75 11.55
CA SER A 113 12.80 21.06 11.60
C SER A 113 11.31 21.08 11.23
N LEU A 114 10.72 19.96 10.85
CA LEU A 114 9.30 19.98 10.58
C LEU A 114 8.44 20.04 11.83
N GLY A 115 8.98 19.60 12.95
CA GLY A 115 8.19 19.53 14.15
C GLY A 115 8.98 19.05 15.34
N LEU A 116 9.98 18.22 15.10
CA LEU A 116 10.83 17.75 16.18
C LEU A 116 11.68 18.92 16.62
N ALA A 117 12.28 19.56 15.65
CA ALA A 117 13.03 20.73 15.93
C ALA A 117 12.10 21.89 15.76
N GLU A 118 11.46 22.22 16.82
CA GLU A 118 10.47 23.25 16.86
C GLU A 118 10.74 24.12 18.06
N SER A 119 10.42 25.37 17.95
CA SER A 119 10.60 26.28 19.03
C SER A 119 9.47 26.13 20.02
N ARG A 120 9.70 25.32 21.03
CA ARG A 120 8.68 25.08 22.03
C ARG A 120 8.89 26.02 23.21
N GLN A 121 10.06 26.70 23.18
CA GLN A 121 10.51 27.66 24.19
C GLN A 121 10.22 27.22 25.63
N LEU A 1 10.38 4.04 -37.49
CA LEU A 1 11.17 3.21 -36.60
C LEU A 1 10.48 1.85 -36.49
N GLU A 2 11.23 0.81 -36.13
CA GLU A 2 10.66 -0.51 -36.00
C GLU A 2 9.72 -0.58 -34.81
N ALA A 3 8.80 -1.52 -34.87
CA ALA A 3 7.82 -1.77 -33.85
C ALA A 3 8.48 -2.31 -32.59
N ASP A 4 8.06 -1.80 -31.48
CA ASP A 4 8.55 -2.23 -30.18
C ASP A 4 7.83 -3.49 -29.77
N VAL A 5 8.53 -4.35 -29.06
CA VAL A 5 8.00 -5.60 -28.58
C VAL A 5 6.79 -5.44 -27.65
N THR A 6 6.70 -4.29 -26.97
CA THR A 6 5.67 -3.93 -26.00
C THR A 6 5.62 -4.85 -24.79
N MET A 7 4.89 -4.46 -23.79
CA MET A 7 4.64 -5.30 -22.65
C MET A 7 3.22 -5.09 -22.22
N THR A 8 2.48 -6.15 -22.19
CA THR A 8 1.12 -6.07 -21.83
C THR A 8 0.86 -6.79 -20.53
N GLY A 9 -0.28 -6.54 -19.97
CA GLY A 9 -0.65 -7.14 -18.74
C GLY A 9 -2.08 -7.52 -18.76
N SER A 10 -2.33 -8.77 -18.86
CA SER A 10 -3.65 -9.28 -18.94
C SER A 10 -4.23 -9.58 -17.58
N ASP A 11 -3.40 -10.05 -16.71
CA ASP A 11 -3.81 -10.52 -15.46
C ASP A 11 -3.21 -9.80 -14.33
N LEU A 12 -3.35 -8.54 -14.36
CA LEU A 12 -3.06 -7.70 -13.29
C LEU A 12 -4.30 -6.97 -12.93
N VAL A 13 -4.33 -6.54 -11.74
CA VAL A 13 -5.42 -5.92 -11.14
C VAL A 13 -4.89 -4.92 -10.09
N SER A 14 -5.62 -3.86 -9.88
CA SER A 14 -5.34 -2.87 -8.90
C SER A 14 -6.50 -2.69 -7.96
N CYS A 15 -6.30 -3.02 -6.74
CA CYS A 15 -7.26 -2.73 -5.73
C CYS A 15 -6.84 -1.45 -5.07
N CYS A 16 -7.63 -0.43 -5.22
CA CYS A 16 -7.31 0.88 -4.74
C CYS A 16 -8.17 1.12 -3.56
N TYR A 17 -7.62 1.14 -2.37
CA TYR A 17 -8.46 1.21 -1.22
C TYR A 17 -8.18 2.40 -0.36
N ARG A 18 -9.14 2.77 0.44
CA ARG A 18 -8.91 3.81 1.39
C ARG A 18 -9.14 3.25 2.76
N SER A 19 -8.50 3.82 3.71
CA SER A 19 -8.72 3.45 5.05
C SER A 19 -8.60 4.66 5.92
N LEU A 20 -9.12 4.58 7.08
CA LEU A 20 -9.07 5.73 7.99
C LEU A 20 -8.12 5.46 9.15
N ALA A 21 -6.93 4.84 8.82
CA ALA A 21 -5.86 4.38 9.79
C ALA A 21 -6.31 4.33 11.23
N ALA A 22 -6.56 3.14 11.74
CA ALA A 22 -7.21 3.03 13.02
C ALA A 22 -6.36 3.59 14.16
N PRO A 23 -7.00 4.13 15.19
CA PRO A 23 -6.33 4.59 16.46
C PRO A 23 -5.66 3.42 17.21
N ASP A 24 -6.01 2.25 16.76
CA ASP A 24 -5.53 0.97 17.24
C ASP A 24 -4.08 0.74 16.79
N LEU A 25 -3.60 1.64 15.96
CA LEU A 25 -2.28 1.59 15.40
C LEU A 25 -1.21 2.14 16.31
N THR A 26 -0.02 1.73 16.00
CA THR A 26 1.17 2.19 16.60
C THR A 26 2.18 2.35 15.54
N LEU A 27 3.20 3.09 15.84
CA LEU A 27 4.31 3.24 14.96
C LEU A 27 4.91 1.89 14.71
N ARG A 28 5.01 1.06 15.76
CA ARG A 28 5.61 -0.23 15.52
C ARG A 28 4.70 -1.05 14.63
N ASP A 29 3.41 -0.82 14.71
CA ASP A 29 2.49 -1.51 13.85
C ASP A 29 2.74 -1.09 12.40
N LEU A 30 3.00 0.23 12.14
CA LEU A 30 3.27 0.66 10.71
C LEU A 30 4.54 0.04 10.24
N LEU A 31 5.49 0.05 11.11
CA LEU A 31 6.81 -0.46 10.83
C LEU A 31 6.79 -1.98 10.69
N ASP A 32 5.83 -2.59 11.34
CA ASP A 32 5.55 -4.04 11.17
C ASP A 32 4.91 -4.26 9.81
N ILE A 33 3.88 -3.45 9.53
CA ILE A 33 3.14 -3.47 8.26
C ILE A 33 4.11 -3.42 7.08
N VAL A 34 4.95 -2.40 7.06
CA VAL A 34 5.91 -2.23 5.98
C VAL A 34 6.87 -3.43 5.91
N GLU A 35 7.31 -3.92 7.07
CA GLU A 35 8.25 -5.03 7.16
C GLU A 35 7.68 -6.31 6.52
N THR A 36 6.43 -6.60 6.83
CA THR A 36 5.77 -7.79 6.33
C THR A 36 5.39 -7.64 4.83
N SER A 37 5.07 -6.42 4.43
CA SER A 37 4.52 -6.14 3.12
C SER A 37 5.44 -6.57 1.95
N GLN A 38 6.73 -6.06 1.91
CA GLN A 38 7.62 -6.37 0.74
C GLN A 38 7.74 -7.84 0.51
N ALA A 39 7.89 -8.56 1.58
CA ALA A 39 8.14 -9.99 1.55
C ALA A 39 7.07 -10.75 0.77
N HIS A 40 5.84 -10.32 0.85
CA HIS A 40 4.80 -11.00 0.14
C HIS A 40 4.54 -10.32 -1.20
N ASN A 41 4.60 -8.99 -1.26
CA ASN A 41 4.30 -8.31 -2.52
C ASN A 41 5.37 -8.58 -3.55
N ALA A 42 6.63 -8.57 -3.11
CA ALA A 42 7.76 -8.83 -4.00
C ALA A 42 7.67 -10.23 -4.54
N ARG A 43 7.34 -11.15 -3.66
CA ARG A 43 7.18 -12.53 -4.03
C ARG A 43 6.03 -12.71 -4.97
N ALA A 44 4.89 -12.13 -4.63
CA ALA A 44 3.74 -12.32 -5.46
C ALA A 44 3.75 -11.42 -6.71
N GLN A 45 4.83 -10.60 -6.86
CA GLN A 45 5.07 -9.75 -8.06
C GLN A 45 4.12 -8.56 -8.09
N LEU A 46 3.68 -8.22 -6.92
CA LEU A 46 2.82 -7.10 -6.66
C LEU A 46 3.61 -5.84 -6.48
N THR A 47 3.17 -4.81 -7.14
CA THR A 47 3.78 -3.53 -7.07
C THR A 47 2.76 -2.56 -6.49
N GLY A 48 3.20 -1.54 -5.84
CA GLY A 48 2.28 -0.80 -5.02
C GLY A 48 2.80 0.51 -4.55
N ALA A 49 1.96 1.20 -3.83
CA ALA A 49 2.29 2.42 -3.14
C ALA A 49 1.18 2.77 -2.19
N LEU A 50 1.49 3.46 -1.13
CA LEU A 50 0.48 3.89 -0.23
C LEU A 50 0.79 5.27 0.25
N PHE A 51 -0.22 6.05 0.37
CA PHE A 51 -0.10 7.38 0.84
C PHE A 51 -0.88 7.49 2.13
N TYR A 52 -0.16 7.59 3.19
CA TYR A 52 -0.74 7.80 4.49
C TYR A 52 -0.58 9.28 4.75
N SER A 53 -1.65 10.00 4.67
CA SER A 53 -1.59 11.42 4.84
C SER A 53 -2.30 11.84 6.12
N GLN A 54 -1.50 12.04 7.18
CA GLN A 54 -1.94 12.47 8.53
C GLN A 54 -2.73 11.36 9.25
N GLY A 55 -3.80 10.91 8.65
CA GLY A 55 -4.63 9.88 9.21
C GLY A 55 -5.30 9.03 8.17
N VAL A 56 -5.69 9.64 7.06
CA VAL A 56 -6.33 8.87 6.02
C VAL A 56 -5.32 8.03 5.24
N PHE A 57 -5.66 6.78 5.09
CA PHE A 57 -4.88 5.84 4.34
C PHE A 57 -5.38 5.76 2.90
N PHE A 58 -4.50 5.85 1.97
CA PHE A 58 -4.80 5.48 0.61
C PHE A 58 -3.76 4.48 0.20
N GLN A 59 -4.19 3.30 -0.11
CA GLN A 59 -3.26 2.22 -0.38
C GLN A 59 -3.77 1.46 -1.56
N TRP A 60 -2.97 1.25 -2.56
CA TRP A 60 -3.41 0.43 -3.64
C TRP A 60 -2.26 -0.42 -4.12
N LEU A 61 -2.56 -1.49 -4.81
CA LEU A 61 -1.55 -2.39 -5.27
C LEU A 61 -1.87 -2.93 -6.64
N GLU A 62 -0.85 -3.13 -7.41
CA GLU A 62 -0.91 -3.70 -8.71
C GLU A 62 -0.44 -5.15 -8.57
N GLY A 63 -1.22 -6.09 -8.98
CA GLY A 63 -0.77 -7.46 -8.89
C GLY A 63 -1.67 -8.37 -9.66
N HIS A 64 -1.32 -9.65 -9.76
CA HIS A 64 -2.21 -10.63 -10.40
C HIS A 64 -3.41 -10.84 -9.48
N PRO A 65 -4.66 -10.72 -10.01
CA PRO A 65 -5.94 -10.72 -9.24
C PRO A 65 -5.96 -11.56 -7.96
N ALA A 66 -5.61 -12.81 -8.05
CA ALA A 66 -5.67 -13.69 -6.87
C ALA A 66 -4.64 -13.39 -5.83
N ALA A 67 -3.56 -12.82 -6.23
CA ALA A 67 -2.53 -12.44 -5.32
C ALA A 67 -3.02 -11.26 -4.54
N VAL A 68 -3.66 -10.37 -5.28
CA VAL A 68 -4.22 -9.16 -4.75
C VAL A 68 -5.31 -9.53 -3.78
N ALA A 69 -6.07 -10.55 -4.15
CA ALA A 69 -7.16 -11.04 -3.33
C ALA A 69 -6.68 -11.76 -2.08
N GLU A 70 -5.57 -12.47 -2.15
CA GLU A 70 -4.96 -13.12 -0.96
C GLU A 70 -4.65 -12.01 0.01
N VAL A 71 -4.09 -10.97 -0.56
CA VAL A 71 -3.85 -9.75 0.14
C VAL A 71 -5.19 -9.17 0.66
N MET A 72 -6.21 -9.01 -0.22
CA MET A 72 -7.54 -8.54 0.16
C MET A 72 -8.11 -9.34 1.30
N SER A 73 -8.12 -10.64 1.20
CA SER A 73 -8.70 -11.50 2.22
C SER A 73 -8.07 -11.29 3.58
N HIS A 74 -6.75 -11.15 3.63
CA HIS A 74 -6.15 -10.84 4.94
C HIS A 74 -6.43 -9.40 5.34
N ILE A 75 -6.28 -8.51 4.39
CA ILE A 75 -6.51 -7.08 4.57
C ILE A 75 -7.95 -6.75 5.04
N GLN A 76 -8.93 -7.31 4.39
CA GLN A 76 -10.33 -7.16 4.72
C GLN A 76 -10.72 -7.90 6.02
N ARG A 77 -9.77 -8.59 6.59
CA ARG A 77 -9.92 -9.21 7.90
C ARG A 77 -9.08 -8.47 8.94
N ASP A 78 -8.63 -7.29 8.62
CA ASP A 78 -7.71 -6.53 9.49
C ASP A 78 -8.49 -5.73 10.55
N ARG A 79 -7.88 -4.63 10.95
CA ARG A 79 -8.27 -3.81 12.05
C ARG A 79 -7.38 -2.52 12.11
N ARG A 80 -6.08 -2.68 11.77
CA ARG A 80 -5.04 -1.61 11.82
C ARG A 80 -5.43 -0.45 10.90
N HIS A 81 -5.68 -0.77 9.70
CA HIS A 81 -6.19 0.15 8.73
C HIS A 81 -7.67 0.17 8.84
N SER A 82 -8.12 1.19 9.54
CA SER A 82 -9.44 1.37 10.10
C SER A 82 -10.57 0.50 9.57
N ASN A 83 -10.91 0.68 8.36
CA ASN A 83 -12.03 -0.09 7.79
C ASN A 83 -11.61 -0.90 6.61
N VAL A 84 -10.54 -0.47 6.07
CA VAL A 84 -10.08 -0.87 4.79
C VAL A 84 -11.15 -1.11 3.74
N GLU A 85 -11.62 -0.05 3.20
CA GLU A 85 -12.62 -0.12 2.17
C GLU A 85 -11.95 0.08 0.85
N ILE A 86 -11.67 -1.05 0.23
CA ILE A 86 -11.17 -1.14 -1.13
C ILE A 86 -11.97 -0.22 -1.99
N LEU A 87 -13.15 -0.62 -2.25
CA LEU A 87 -14.14 0.13 -2.98
C LEU A 87 -13.82 0.22 -4.48
N ALA A 88 -12.55 0.14 -4.83
CA ALA A 88 -12.14 0.20 -6.21
C ALA A 88 -11.24 -0.97 -6.55
N GLU A 89 -11.73 -1.82 -7.40
CA GLU A 89 -10.97 -2.96 -7.86
C GLU A 89 -11.04 -2.94 -9.38
N GLU A 90 -9.94 -2.67 -10.00
CA GLU A 90 -9.89 -2.57 -11.45
C GLU A 90 -8.84 -3.50 -12.04
N SER A 91 -9.11 -4.03 -13.21
CA SER A 91 -8.18 -4.88 -13.89
C SER A 91 -7.16 -4.03 -14.64
N ILE A 92 -5.89 -4.24 -14.35
CA ILE A 92 -4.83 -3.43 -14.96
C ILE A 92 -3.85 -4.21 -15.80
N ALA A 93 -2.93 -3.46 -16.42
CA ALA A 93 -1.82 -4.04 -17.16
C ALA A 93 -0.54 -3.87 -16.42
N LYS A 94 -0.71 -3.21 -15.34
CA LYS A 94 0.29 -2.88 -14.42
C LYS A 94 1.45 -2.11 -15.07
N ARG A 95 2.58 -2.08 -14.36
CA ARG A 95 3.84 -1.50 -14.82
C ARG A 95 3.87 -0.01 -14.50
N ARG A 96 3.25 0.36 -13.40
CA ARG A 96 3.25 1.74 -13.01
C ARG A 96 4.25 2.05 -11.90
N PHE A 97 4.26 1.24 -10.84
CA PHE A 97 5.18 1.55 -9.74
C PHE A 97 6.37 0.64 -9.63
N ALA A 98 6.27 -0.50 -10.28
CA ALA A 98 7.35 -1.55 -10.35
C ALA A 98 7.77 -2.19 -9.00
N GLY A 99 7.43 -1.53 -7.93
CA GLY A 99 7.61 -2.04 -6.59
C GLY A 99 6.56 -1.41 -5.71
N TRP A 100 6.34 -1.93 -4.53
CA TRP A 100 5.39 -1.32 -3.59
C TRP A 100 6.11 -0.26 -2.76
N HIS A 101 5.47 0.87 -2.57
CA HIS A 101 6.08 2.01 -1.94
C HIS A 101 5.30 2.44 -0.73
N MET A 102 5.96 2.83 0.32
CA MET A 102 5.25 3.33 1.48
C MET A 102 5.67 4.76 1.76
N GLN A 103 4.70 5.66 1.72
CA GLN A 103 4.96 7.09 1.90
C GLN A 103 5.31 7.41 3.34
N LEU A 104 4.76 6.66 4.27
CA LEU A 104 5.02 6.90 5.66
C LEU A 104 6.04 5.93 6.18
N SER A 105 7.28 6.27 6.03
CA SER A 105 8.34 5.48 6.60
C SER A 105 8.87 6.23 7.82
N CYS A 106 8.36 7.44 7.96
CA CYS A 106 8.69 8.36 9.00
C CYS A 106 7.74 9.53 8.84
N SER A 107 7.26 10.10 9.93
CA SER A 107 6.40 11.28 9.86
C SER A 107 7.21 12.39 9.20
N GLU A 108 8.34 12.64 9.82
CA GLU A 108 9.39 13.55 9.42
C GLU A 108 10.47 13.50 10.48
N ALA A 109 10.01 13.52 11.76
CA ALA A 109 10.83 13.33 12.97
C ALA A 109 12.05 14.26 13.00
N ASP A 110 11.92 15.40 12.37
CA ASP A 110 13.03 16.34 12.24
C ASP A 110 12.57 17.74 12.57
N MET A 111 11.39 18.05 12.13
CA MET A 111 10.80 19.34 12.34
C MET A 111 9.88 19.26 13.55
N ARG A 112 9.19 18.12 13.67
CA ARG A 112 8.28 17.78 14.77
C ARG A 112 7.02 18.64 14.80
N SER A 113 6.91 19.58 13.88
CA SER A 113 5.81 20.54 13.81
C SER A 113 4.49 19.90 13.35
N LEU A 114 4.52 18.61 13.01
CA LEU A 114 3.29 17.91 12.66
C LEU A 114 2.48 17.65 13.92
N GLY A 115 3.15 17.70 15.05
CA GLY A 115 2.50 17.48 16.30
C GLY A 115 3.20 16.46 17.13
N LEU A 116 4.51 16.46 17.07
CA LEU A 116 5.27 15.52 17.87
C LEU A 116 5.90 16.27 19.03
N ALA A 117 6.42 17.45 18.76
CA ALA A 117 7.03 18.23 19.78
C ALA A 117 5.99 19.14 20.39
N GLU A 118 5.32 18.61 21.34
CA GLU A 118 4.31 19.31 22.07
C GLU A 118 4.71 19.31 23.51
N SER A 119 4.27 20.30 24.26
CA SER A 119 4.54 20.32 25.65
C SER A 119 3.57 19.32 26.28
N ARG A 120 4.05 18.09 26.37
CA ARG A 120 3.25 16.95 26.82
C ARG A 120 2.81 17.04 28.27
N GLN A 121 3.55 17.72 29.09
CA GLN A 121 3.16 17.86 30.49
C GLN A 121 2.38 19.15 30.66
N LEU A 1 13.92 -0.52 -31.09
CA LEU A 1 14.13 -1.49 -30.01
C LEU A 1 12.96 -2.42 -29.96
N GLU A 2 13.07 -3.46 -29.17
CA GLU A 2 11.99 -4.39 -29.01
C GLU A 2 10.86 -3.72 -28.24
N ALA A 3 9.67 -4.10 -28.56
CA ALA A 3 8.49 -3.53 -27.98
C ALA A 3 8.35 -3.98 -26.55
N ASP A 4 7.98 -3.08 -25.71
CA ASP A 4 7.77 -3.37 -24.31
C ASP A 4 6.31 -3.76 -24.14
N VAL A 5 6.00 -4.58 -23.15
CA VAL A 5 4.64 -4.98 -22.89
C VAL A 5 3.70 -3.78 -22.67
N THR A 6 4.22 -2.74 -21.99
CA THR A 6 3.51 -1.51 -21.66
C THR A 6 2.15 -1.74 -20.98
N MET A 7 1.42 -0.67 -20.76
CA MET A 7 0.11 -0.76 -20.21
C MET A 7 -0.87 -1.07 -21.31
N THR A 8 -0.95 -2.32 -21.63
CA THR A 8 -1.84 -2.81 -22.62
C THR A 8 -3.04 -3.52 -21.99
N GLY A 9 -2.83 -4.76 -21.67
CA GLY A 9 -3.83 -5.58 -21.05
C GLY A 9 -3.17 -6.84 -20.60
N SER A 10 -3.27 -7.15 -19.34
CA SER A 10 -2.66 -8.27 -18.79
C SER A 10 -3.55 -8.75 -17.66
N ASP A 11 -3.03 -9.59 -16.85
CA ASP A 11 -3.72 -10.24 -15.82
C ASP A 11 -3.36 -9.67 -14.50
N LEU A 12 -3.35 -8.42 -14.46
CA LEU A 12 -3.15 -7.70 -13.29
C LEU A 12 -4.40 -6.99 -12.94
N VAL A 13 -4.44 -6.60 -11.75
CA VAL A 13 -5.50 -5.97 -11.15
C VAL A 13 -4.92 -5.03 -10.10
N SER A 14 -5.59 -3.96 -9.88
CA SER A 14 -5.19 -2.96 -8.95
C SER A 14 -6.35 -2.69 -8.01
N CYS A 15 -6.19 -3.04 -6.79
CA CYS A 15 -7.15 -2.74 -5.79
C CYS A 15 -6.66 -1.50 -5.08
N CYS A 16 -7.46 -0.47 -5.09
CA CYS A 16 -7.05 0.81 -4.58
C CYS A 16 -7.96 1.16 -3.46
N TYR A 17 -7.48 1.09 -2.24
CA TYR A 17 -8.38 1.23 -1.15
C TYR A 17 -8.24 2.50 -0.39
N ARG A 18 -9.36 2.96 0.10
CA ARG A 18 -9.44 4.13 0.91
C ARG A 18 -9.75 3.62 2.31
N SER A 19 -8.84 3.79 3.17
CA SER A 19 -8.99 3.36 4.50
C SER A 19 -8.74 4.52 5.41
N LEU A 20 -9.05 4.37 6.63
CA LEU A 20 -8.66 5.31 7.63
C LEU A 20 -7.59 4.60 8.42
N ALA A 21 -6.91 5.27 9.27
CA ALA A 21 -5.94 4.63 10.11
C ALA A 21 -6.54 4.54 11.48
N ALA A 22 -6.44 3.38 12.12
CA ALA A 22 -7.01 3.26 13.41
C ALA A 22 -6.16 3.94 14.45
N PRO A 23 -6.78 4.58 15.44
CA PRO A 23 -6.09 5.18 16.63
C PRO A 23 -5.41 4.10 17.46
N ASP A 24 -5.82 2.91 17.16
CA ASP A 24 -5.35 1.66 17.74
C ASP A 24 -3.93 1.37 17.29
N LEU A 25 -3.59 1.95 16.15
CA LEU A 25 -2.30 1.77 15.53
C LEU A 25 -1.16 2.26 16.33
N THR A 26 -0.06 1.65 16.07
CA THR A 26 1.16 1.96 16.65
C THR A 26 2.23 1.92 15.61
N LEU A 27 3.35 2.59 15.86
CA LEU A 27 4.47 2.64 14.91
C LEU A 27 4.93 1.27 14.54
N ARG A 28 5.09 0.38 15.52
CA ARG A 28 5.59 -0.94 15.22
C ARG A 28 4.61 -1.67 14.33
N ASP A 29 3.36 -1.28 14.41
CA ASP A 29 2.35 -1.79 13.53
C ASP A 29 2.58 -1.34 12.11
N LEU A 30 2.91 -0.04 11.89
CA LEU A 30 3.16 0.43 10.49
C LEU A 30 4.38 -0.24 9.94
N LEU A 31 5.35 -0.34 10.79
CA LEU A 31 6.63 -0.92 10.45
C LEU A 31 6.51 -2.41 10.20
N ASP A 32 5.68 -3.05 10.97
CA ASP A 32 5.41 -4.50 10.79
C ASP A 32 4.62 -4.70 9.49
N ILE A 33 3.71 -3.77 9.21
CA ILE A 33 2.96 -3.71 7.96
C ILE A 33 3.94 -3.64 6.78
N VAL A 34 4.81 -2.63 6.77
CA VAL A 34 5.78 -2.44 5.69
C VAL A 34 6.70 -3.66 5.50
N GLU A 35 7.22 -4.20 6.61
CA GLU A 35 8.07 -5.38 6.58
C GLU A 35 7.36 -6.61 6.00
N THR A 36 6.14 -6.87 6.45
CA THR A 36 5.33 -7.96 5.92
C THR A 36 4.95 -7.71 4.44
N SER A 37 4.46 -6.51 4.17
CA SER A 37 3.93 -6.13 2.88
C SER A 37 4.94 -6.38 1.75
N GLN A 38 6.10 -5.73 1.81
CA GLN A 38 7.14 -5.83 0.76
C GLN A 38 7.52 -7.23 0.50
N ALA A 39 7.75 -7.95 1.55
CA ALA A 39 8.24 -9.29 1.47
C ALA A 39 7.27 -10.23 0.78
N HIS A 40 5.99 -10.02 0.98
CA HIS A 40 5.00 -10.86 0.32
C HIS A 40 4.71 -10.34 -1.07
N ASN A 41 4.65 -9.03 -1.20
CA ASN A 41 4.32 -8.41 -2.49
C ASN A 41 5.40 -8.63 -3.48
N ALA A 42 6.65 -8.52 -3.05
CA ALA A 42 7.78 -8.74 -3.93
C ALA A 42 7.76 -10.14 -4.47
N ARG A 43 7.43 -11.08 -3.61
CA ARG A 43 7.36 -12.46 -4.03
C ARG A 43 6.14 -12.67 -4.91
N ALA A 44 5.02 -12.12 -4.51
CA ALA A 44 3.81 -12.33 -5.25
C ALA A 44 3.72 -11.47 -6.53
N GLN A 45 4.72 -10.58 -6.71
CA GLN A 45 4.87 -9.69 -7.90
C GLN A 45 3.87 -8.55 -7.88
N LEU A 46 3.54 -8.17 -6.70
CA LEU A 46 2.67 -7.08 -6.42
C LEU A 46 3.44 -5.80 -6.23
N THR A 47 3.01 -4.79 -6.91
CA THR A 47 3.65 -3.51 -6.88
C THR A 47 2.70 -2.49 -6.27
N GLY A 48 3.23 -1.53 -5.57
CA GLY A 48 2.38 -0.73 -4.75
C GLY A 48 3.01 0.51 -4.23
N ALA A 49 2.23 1.23 -3.52
CA ALA A 49 2.62 2.40 -2.76
C ALA A 49 1.47 2.75 -1.87
N LEU A 50 1.60 3.77 -1.07
CA LEU A 50 0.52 4.20 -0.24
C LEU A 50 0.73 5.63 0.10
N PHE A 51 -0.34 6.31 0.39
CA PHE A 51 -0.30 7.68 0.78
C PHE A 51 -1.14 7.85 2.02
N TYR A 52 -0.48 8.06 3.12
CA TYR A 52 -1.11 8.27 4.39
C TYR A 52 -1.09 9.76 4.62
N SER A 53 -2.23 10.38 4.64
CA SER A 53 -2.31 11.81 4.81
C SER A 53 -3.41 12.15 5.78
N GLN A 54 -3.07 12.88 6.85
CA GLN A 54 -4.01 13.37 7.88
C GLN A 54 -4.47 12.24 8.83
N GLY A 55 -4.62 11.07 8.28
CA GLY A 55 -5.14 9.95 8.99
C GLY A 55 -5.87 9.04 8.04
N VAL A 56 -6.16 9.55 6.85
CA VAL A 56 -6.77 8.74 5.85
C VAL A 56 -5.68 7.96 5.11
N PHE A 57 -5.93 6.72 4.91
CA PHE A 57 -5.03 5.82 4.23
C PHE A 57 -5.45 5.62 2.78
N PHE A 58 -4.60 5.95 1.86
CA PHE A 58 -4.82 5.50 0.52
C PHE A 58 -3.73 4.48 0.23
N GLN A 59 -4.12 3.28 0.01
CA GLN A 59 -3.15 2.21 -0.19
C GLN A 59 -3.67 1.36 -1.31
N TRP A 60 -2.86 1.10 -2.30
CA TRP A 60 -3.30 0.28 -3.38
C TRP A 60 -2.18 -0.63 -3.85
N LEU A 61 -2.51 -1.63 -4.61
CA LEU A 61 -1.55 -2.59 -5.09
C LEU A 61 -1.91 -3.10 -6.47
N GLU A 62 -0.88 -3.34 -7.26
CA GLU A 62 -1.00 -3.88 -8.58
C GLU A 62 -0.49 -5.34 -8.50
N GLY A 63 -1.28 -6.29 -8.92
CA GLY A 63 -0.84 -7.68 -8.91
C GLY A 63 -1.80 -8.54 -9.71
N HIS A 64 -1.52 -9.83 -9.89
CA HIS A 64 -2.49 -10.71 -10.55
C HIS A 64 -3.68 -10.92 -9.60
N PRO A 65 -4.94 -10.73 -10.09
CA PRO A 65 -6.19 -10.71 -9.29
C PRO A 65 -6.21 -11.58 -8.03
N ALA A 66 -5.83 -12.82 -8.13
CA ALA A 66 -5.89 -13.71 -6.98
C ALA A 66 -4.85 -13.43 -5.95
N ALA A 67 -3.73 -12.94 -6.35
CA ALA A 67 -2.70 -12.58 -5.43
C ALA A 67 -3.19 -11.40 -4.64
N VAL A 68 -3.76 -10.47 -5.38
CA VAL A 68 -4.31 -9.25 -4.84
C VAL A 68 -5.40 -9.61 -3.88
N ALA A 69 -6.18 -10.61 -4.25
CA ALA A 69 -7.28 -11.05 -3.43
C ALA A 69 -6.85 -11.79 -2.19
N GLU A 70 -5.77 -12.56 -2.26
CA GLU A 70 -5.26 -13.16 -1.03
C GLU A 70 -4.85 -12.03 -0.13
N VAL A 71 -4.22 -11.05 -0.74
CA VAL A 71 -3.85 -9.84 -0.07
C VAL A 71 -5.08 -9.15 0.49
N MET A 72 -6.13 -8.99 -0.33
CA MET A 72 -7.40 -8.49 0.13
C MET A 72 -7.87 -9.25 1.32
N SER A 73 -7.87 -10.56 1.24
CA SER A 73 -8.24 -11.41 2.37
C SER A 73 -7.40 -11.05 3.64
N HIS A 74 -6.09 -10.87 3.47
CA HIS A 74 -5.18 -10.47 4.58
C HIS A 74 -5.56 -9.10 5.15
N ILE A 75 -5.82 -8.15 4.26
CA ILE A 75 -6.02 -6.77 4.67
C ILE A 75 -7.46 -6.50 5.10
N GLN A 76 -8.42 -7.12 4.44
CA GLN A 76 -9.83 -6.99 4.77
C GLN A 76 -10.13 -7.58 6.12
N ARG A 77 -9.28 -8.50 6.55
CA ARG A 77 -9.30 -9.02 7.90
C ARG A 77 -8.65 -8.02 8.88
N ASP A 78 -8.76 -6.72 8.54
CA ASP A 78 -8.28 -5.58 9.30
C ASP A 78 -8.19 -5.74 10.77
N ARG A 79 -7.07 -5.27 11.19
CA ARG A 79 -6.54 -5.42 12.51
C ARG A 79 -5.42 -4.40 12.73
N ARG A 80 -5.43 -3.33 11.93
CA ARG A 80 -4.40 -2.33 11.97
C ARG A 80 -5.05 -0.96 11.77
N HIS A 81 -5.49 -0.74 10.57
CA HIS A 81 -6.05 0.48 10.08
C HIS A 81 -7.54 0.53 10.38
N SER A 82 -8.23 1.33 9.67
CA SER A 82 -9.60 1.47 9.87
C SER A 82 -10.45 1.33 8.62
N ASN A 83 -11.24 0.28 8.64
CA ASN A 83 -12.31 -0.04 7.64
C ASN A 83 -11.87 -0.65 6.34
N VAL A 84 -10.75 -0.24 5.88
CA VAL A 84 -10.17 -0.62 4.62
C VAL A 84 -11.17 -0.83 3.47
N GLU A 85 -11.69 0.25 2.99
CA GLU A 85 -12.67 0.20 1.96
C GLU A 85 -11.99 0.28 0.65
N ILE A 86 -11.66 -0.89 0.13
CA ILE A 86 -11.12 -1.08 -1.22
C ILE A 86 -11.86 -0.17 -2.14
N LEU A 87 -13.09 -0.50 -2.38
CA LEU A 87 -14.04 0.29 -3.16
C LEU A 87 -13.66 0.39 -4.65
N ALA A 88 -12.41 0.20 -4.94
CA ALA A 88 -11.92 0.26 -6.28
C ALA A 88 -11.07 -0.93 -6.58
N GLU A 89 -11.55 -1.75 -7.48
CA GLU A 89 -10.79 -2.87 -7.97
C GLU A 89 -10.84 -2.81 -9.48
N GLU A 90 -9.74 -2.54 -10.09
CA GLU A 90 -9.68 -2.39 -11.52
C GLU A 90 -8.69 -3.37 -12.13
N SER A 91 -9.02 -3.94 -13.26
CA SER A 91 -8.09 -4.80 -13.91
C SER A 91 -7.07 -3.95 -14.65
N ILE A 92 -5.83 -4.18 -14.34
CA ILE A 92 -4.76 -3.41 -14.93
C ILE A 92 -3.78 -4.22 -15.72
N ALA A 93 -2.85 -3.53 -16.34
CA ALA A 93 -1.75 -4.14 -17.06
C ALA A 93 -0.50 -3.81 -16.35
N LYS A 94 -0.71 -3.22 -15.24
CA LYS A 94 0.24 -2.80 -14.32
C LYS A 94 1.24 -1.83 -14.94
N ARG A 95 2.41 -1.77 -14.33
CA ARG A 95 3.56 -1.03 -14.82
C ARG A 95 3.61 0.38 -14.26
N ARG A 96 2.87 0.61 -13.21
CA ARG A 96 2.91 1.89 -12.57
C ARG A 96 4.09 1.93 -11.62
N PHE A 97 4.22 0.87 -10.84
CA PHE A 97 5.33 0.69 -9.94
C PHE A 97 5.95 -0.68 -10.20
N ALA A 98 7.11 -0.91 -9.64
CA ALA A 98 7.77 -2.21 -9.78
C ALA A 98 8.03 -2.83 -8.40
N GLY A 99 7.71 -2.06 -7.37
CA GLY A 99 7.75 -2.53 -6.02
C GLY A 99 6.76 -1.75 -5.20
N TRP A 100 6.24 -2.33 -4.14
CA TRP A 100 5.34 -1.62 -3.25
C TRP A 100 6.15 -0.66 -2.36
N HIS A 101 5.58 0.49 -2.05
CA HIS A 101 6.27 1.51 -1.30
C HIS A 101 5.44 1.98 -0.14
N MET A 102 6.08 2.37 0.92
CA MET A 102 5.41 2.96 2.04
C MET A 102 5.70 4.45 1.92
N GLN A 103 4.73 5.29 2.23
CA GLN A 103 4.90 6.73 2.05
C GLN A 103 5.96 7.28 3.00
N LEU A 104 5.65 7.29 4.27
CA LEU A 104 6.56 7.85 5.24
C LEU A 104 7.40 6.78 5.93
N SER A 105 6.90 5.54 5.89
CA SER A 105 7.53 4.36 6.51
C SER A 105 7.56 4.45 8.05
N CYS A 106 8.21 5.46 8.56
CA CYS A 106 8.29 5.71 9.98
C CYS A 106 8.14 7.20 10.18
N SER A 107 8.98 7.96 9.48
CA SER A 107 8.98 9.39 9.47
C SER A 107 9.99 9.84 8.43
N GLU A 108 10.16 11.11 8.26
CA GLU A 108 11.20 11.62 7.39
C GLU A 108 12.28 12.31 8.22
N ALA A 109 11.85 13.03 9.27
CA ALA A 109 12.72 13.73 10.22
C ALA A 109 13.53 14.84 9.54
N ASP A 110 13.08 15.27 8.39
CA ASP A 110 13.81 16.28 7.61
C ASP A 110 12.93 17.48 7.29
N MET A 111 11.65 17.24 7.19
CA MET A 111 10.72 18.32 6.95
C MET A 111 10.13 18.70 8.29
N ARG A 112 9.65 17.66 9.00
CA ARG A 112 8.96 17.76 10.30
C ARG A 112 7.57 18.38 10.18
N SER A 113 7.30 18.98 9.04
CA SER A 113 6.07 19.69 8.74
C SER A 113 4.84 18.76 8.64
N LEU A 114 5.07 17.46 8.64
CA LEU A 114 3.98 16.52 8.57
C LEU A 114 3.31 16.38 9.94
N GLY A 115 4.09 15.96 10.91
CA GLY A 115 3.58 15.78 12.25
C GLY A 115 4.70 15.51 13.20
N LEU A 116 5.75 16.30 13.13
CA LEU A 116 6.91 16.11 14.00
C LEU A 116 7.22 17.36 14.77
N ALA A 117 7.27 18.48 14.09
CA ALA A 117 7.63 19.71 14.73
C ALA A 117 6.44 20.37 15.38
N GLU A 118 6.01 19.75 16.41
CA GLU A 118 5.01 20.18 17.25
C GLU A 118 5.72 20.80 18.43
N SER A 119 5.20 21.87 18.94
CA SER A 119 5.82 22.52 20.05
C SER A 119 5.39 21.80 21.32
N ARG A 120 6.36 21.32 22.07
CA ARG A 120 6.09 20.55 23.29
C ARG A 120 5.55 21.40 24.43
N GLN A 121 5.77 22.72 24.33
CA GLN A 121 5.26 23.69 25.30
C GLN A 121 5.77 23.41 26.73
N LEU A 1 9.92 -8.20 -38.26
CA LEU A 1 10.38 -8.13 -36.89
C LEU A 1 9.30 -8.70 -36.02
N GLU A 2 9.70 -9.41 -35.00
CA GLU A 2 8.78 -10.05 -34.12
C GLU A 2 8.08 -9.04 -33.23
N ALA A 3 6.91 -9.39 -32.76
CA ALA A 3 6.10 -8.53 -31.91
C ALA A 3 6.83 -8.16 -30.63
N ASP A 4 6.58 -6.95 -30.15
CA ASP A 4 7.18 -6.48 -28.90
C ASP A 4 6.53 -7.19 -27.73
N VAL A 5 7.28 -7.41 -26.67
CA VAL A 5 6.79 -8.07 -25.50
C VAL A 5 5.59 -7.35 -24.87
N THR A 6 5.52 -6.02 -25.06
CA THR A 6 4.48 -5.14 -24.56
C THR A 6 4.30 -5.17 -23.02
N MET A 7 3.35 -4.39 -22.53
CA MET A 7 3.05 -4.33 -21.12
C MET A 7 2.22 -5.54 -20.73
N THR A 8 1.53 -6.08 -21.72
CA THR A 8 0.66 -7.23 -21.60
C THR A 8 -0.46 -7.05 -20.59
N GLY A 9 -1.62 -6.66 -21.07
CA GLY A 9 -2.80 -6.55 -20.23
C GLY A 9 -3.36 -7.92 -19.98
N SER A 10 -2.58 -8.71 -19.30
CA SER A 10 -2.90 -10.08 -19.09
C SER A 10 -3.82 -10.26 -17.90
N ASP A 11 -3.26 -10.26 -16.70
CA ASP A 11 -3.99 -10.51 -15.54
C ASP A 11 -3.44 -9.81 -14.36
N LEU A 12 -3.49 -8.54 -14.42
CA LEU A 12 -3.13 -7.72 -13.34
C LEU A 12 -4.31 -6.92 -12.95
N VAL A 13 -4.30 -6.51 -11.74
CA VAL A 13 -5.35 -5.83 -11.13
C VAL A 13 -4.76 -4.89 -10.06
N SER A 14 -5.43 -3.81 -9.82
CA SER A 14 -5.09 -2.87 -8.80
C SER A 14 -6.29 -2.62 -7.91
N CYS A 15 -6.18 -2.99 -6.68
CA CYS A 15 -7.18 -2.64 -5.72
C CYS A 15 -6.68 -1.39 -5.04
N CYS A 16 -7.42 -0.33 -5.18
CA CYS A 16 -7.00 0.96 -4.68
C CYS A 16 -7.91 1.30 -3.56
N TYR A 17 -7.44 1.22 -2.33
CA TYR A 17 -8.38 1.25 -1.24
C TYR A 17 -8.23 2.42 -0.29
N ARG A 18 -9.32 2.65 0.39
CA ARG A 18 -9.49 3.66 1.38
C ARG A 18 -9.52 3.04 2.78
N SER A 19 -8.84 3.62 3.68
CA SER A 19 -8.93 3.25 5.04
C SER A 19 -8.71 4.46 5.90
N LEU A 20 -9.24 4.46 7.07
CA LEU A 20 -9.06 5.60 7.98
C LEU A 20 -8.25 5.19 9.20
N ALA A 21 -6.94 4.89 8.96
CA ALA A 21 -5.99 4.25 9.95
C ALA A 21 -6.38 4.43 11.41
N ALA A 22 -6.61 3.29 12.05
CA ALA A 22 -7.12 3.20 13.35
C ALA A 22 -6.19 3.89 14.34
N PRO A 23 -6.76 4.72 15.21
CA PRO A 23 -6.02 5.47 16.24
C PRO A 23 -5.34 4.58 17.28
N ASP A 24 -5.61 3.32 17.20
CA ASP A 24 -5.07 2.35 18.16
C ASP A 24 -3.84 1.69 17.57
N LEU A 25 -3.48 2.12 16.40
CA LEU A 25 -2.33 1.62 15.71
C LEU A 25 -1.06 2.22 16.24
N THR A 26 -0.07 1.42 16.24
CA THR A 26 1.23 1.80 16.60
C THR A 26 2.10 1.85 15.41
N LEU A 27 2.94 2.85 15.37
CA LEU A 27 3.95 3.01 14.33
C LEU A 27 4.73 1.75 14.20
N ARG A 28 5.08 1.12 15.33
CA ARG A 28 5.87 -0.09 15.22
C ARG A 28 5.08 -1.17 14.48
N ASP A 29 3.78 -1.17 14.68
CA ASP A 29 2.94 -2.15 14.03
C ASP A 29 2.83 -1.82 12.55
N LEU A 30 2.83 -0.50 12.16
CA LEU A 30 2.82 -0.17 10.68
C LEU A 30 4.10 -0.61 10.06
N LEU A 31 5.14 -0.47 10.81
CA LEU A 31 6.46 -0.83 10.36
C LEU A 31 6.61 -2.33 10.24
N ASP A 32 6.05 -3.03 11.20
CA ASP A 32 6.01 -4.50 11.12
C ASP A 32 5.13 -4.95 9.97
N ILE A 33 4.02 -4.23 9.77
CA ILE A 33 3.14 -4.42 8.63
C ILE A 33 3.94 -4.28 7.34
N VAL A 34 4.58 -3.12 7.14
CA VAL A 34 5.27 -2.84 5.89
C VAL A 34 6.43 -3.82 5.61
N GLU A 35 7.18 -4.19 6.64
CA GLU A 35 8.28 -5.15 6.48
C GLU A 35 7.77 -6.53 6.06
N THR A 36 6.64 -6.94 6.60
CA THR A 36 6.04 -8.21 6.22
C THR A 36 5.37 -8.10 4.81
N SER A 37 4.67 -6.99 4.63
CA SER A 37 3.92 -6.66 3.44
C SER A 37 4.79 -6.68 2.18
N GLN A 38 5.88 -5.93 2.20
CA GLN A 38 6.71 -5.74 1.03
C GLN A 38 7.33 -7.06 0.57
N ALA A 39 7.69 -7.90 1.52
CA ALA A 39 8.33 -9.16 1.22
C ALA A 39 7.38 -10.11 0.51
N HIS A 40 6.10 -10.09 0.92
CA HIS A 40 5.08 -10.89 0.22
C HIS A 40 4.84 -10.28 -1.13
N ASN A 41 4.76 -8.98 -1.19
CA ASN A 41 4.50 -8.27 -2.45
C ASN A 41 5.56 -8.56 -3.46
N ALA A 42 6.81 -8.49 -3.05
CA ALA A 42 7.94 -8.79 -3.93
C ALA A 42 7.87 -10.23 -4.43
N ARG A 43 7.51 -11.13 -3.54
CA ARG A 43 7.39 -12.54 -3.86
C ARG A 43 6.20 -12.74 -4.78
N ALA A 44 5.09 -12.11 -4.45
CA ALA A 44 3.88 -12.28 -5.21
C ALA A 44 3.86 -11.45 -6.51
N GLN A 45 4.97 -10.70 -6.74
CA GLN A 45 5.22 -9.88 -7.99
C GLN A 45 4.36 -8.63 -8.03
N LEU A 46 3.93 -8.25 -6.87
CA LEU A 46 3.11 -7.09 -6.64
C LEU A 46 3.92 -5.80 -6.59
N THR A 47 3.42 -4.85 -7.30
CA THR A 47 3.95 -3.53 -7.45
C THR A 47 3.00 -2.58 -6.74
N GLY A 48 3.47 -1.48 -6.20
CA GLY A 48 2.62 -0.75 -5.30
C GLY A 48 3.08 0.61 -4.97
N ALA A 49 2.25 1.27 -4.22
CA ALA A 49 2.50 2.58 -3.66
C ALA A 49 1.38 2.88 -2.71
N LEU A 50 1.51 3.91 -1.92
CA LEU A 50 0.45 4.29 -1.02
C LEU A 50 0.65 5.70 -0.56
N PHE A 51 -0.41 6.31 -0.12
CA PHE A 51 -0.38 7.64 0.39
C PHE A 51 -1.13 7.68 1.69
N TYR A 52 -0.40 7.79 2.74
CA TYR A 52 -0.94 7.83 4.06
C TYR A 52 -0.78 9.25 4.58
N SER A 53 -1.86 9.80 5.03
CA SER A 53 -1.93 11.07 5.61
C SER A 53 -2.58 10.75 6.90
N GLN A 54 -2.25 11.43 7.93
CA GLN A 54 -2.73 11.09 9.25
C GLN A 54 -4.25 11.13 9.31
N GLY A 55 -4.81 9.95 9.20
CA GLY A 55 -6.21 9.77 9.15
C GLY A 55 -6.56 8.94 7.93
N VAL A 56 -6.62 9.59 6.78
CA VAL A 56 -6.93 8.91 5.54
C VAL A 56 -5.72 8.11 5.04
N PHE A 57 -5.89 6.85 5.13
CA PHE A 57 -4.90 5.89 4.78
C PHE A 57 -5.29 5.32 3.41
N PHE A 58 -4.55 5.67 2.38
CA PHE A 58 -4.84 5.19 1.04
C PHE A 58 -3.70 4.32 0.56
N GLN A 59 -4.01 3.14 0.15
CA GLN A 59 -3.00 2.23 -0.36
C GLN A 59 -3.57 1.53 -1.55
N TRP A 60 -2.75 1.21 -2.51
CA TRP A 60 -3.19 0.39 -3.56
C TRP A 60 -2.07 -0.53 -3.99
N LEU A 61 -2.40 -1.59 -4.67
CA LEU A 61 -1.42 -2.55 -5.08
C LEU A 61 -1.75 -3.11 -6.45
N GLU A 62 -0.73 -3.32 -7.24
CA GLU A 62 -0.88 -3.91 -8.54
C GLU A 62 -0.35 -5.33 -8.47
N GLY A 63 -1.15 -6.27 -8.86
CA GLY A 63 -0.72 -7.63 -8.84
C GLY A 63 -1.69 -8.49 -9.61
N HIS A 64 -1.39 -9.77 -9.75
CA HIS A 64 -2.38 -10.68 -10.36
C HIS A 64 -3.53 -10.81 -9.38
N PRO A 65 -4.80 -10.63 -9.85
CA PRO A 65 -6.03 -10.56 -9.02
C PRO A 65 -6.05 -11.40 -7.75
N ALA A 66 -5.64 -12.65 -7.83
CA ALA A 66 -5.70 -13.52 -6.66
C ALA A 66 -4.67 -13.20 -5.62
N ALA A 67 -3.59 -12.64 -6.02
CA ALA A 67 -2.56 -12.23 -5.10
C ALA A 67 -3.06 -11.04 -4.34
N VAL A 68 -3.70 -10.17 -5.09
CA VAL A 68 -4.27 -8.96 -4.58
C VAL A 68 -5.37 -9.34 -3.61
N ALA A 69 -6.14 -10.33 -3.99
CA ALA A 69 -7.22 -10.81 -3.18
C ALA A 69 -6.76 -11.55 -1.96
N GLU A 70 -5.64 -12.24 -2.04
CA GLU A 70 -5.04 -12.87 -0.85
C GLU A 70 -4.79 -11.75 0.14
N VAL A 71 -4.18 -10.71 -0.37
CA VAL A 71 -3.92 -9.49 0.34
C VAL A 71 -5.23 -8.92 0.88
N MET A 72 -6.25 -8.79 0.01
CA MET A 72 -7.56 -8.32 0.41
C MET A 72 -8.13 -9.16 1.51
N SER A 73 -8.11 -10.47 1.35
CA SER A 73 -8.65 -11.38 2.34
C SER A 73 -7.98 -11.15 3.70
N HIS A 74 -6.66 -11.03 3.73
CA HIS A 74 -5.96 -10.75 5.00
C HIS A 74 -6.42 -9.41 5.58
N ILE A 75 -6.38 -8.42 4.72
CA ILE A 75 -6.66 -7.04 5.02
C ILE A 75 -8.10 -6.74 5.45
N GLN A 76 -9.04 -7.33 4.76
CA GLN A 76 -10.44 -7.24 5.07
C GLN A 76 -10.80 -7.89 6.43
N ARG A 77 -9.88 -8.68 6.99
CA ARG A 77 -9.99 -9.15 8.40
C ARG A 77 -9.45 -8.07 9.36
N ASP A 78 -9.58 -6.82 8.93
CA ASP A 78 -9.21 -5.58 9.64
C ASP A 78 -9.22 -5.58 11.16
N ARG A 79 -8.28 -4.81 11.64
CA ARG A 79 -7.84 -4.76 13.01
C ARG A 79 -6.65 -3.77 13.04
N ARG A 80 -5.89 -3.78 11.95
CA ARG A 80 -4.72 -2.94 11.79
C ARG A 80 -4.98 -1.67 10.95
N HIS A 81 -6.19 -1.30 10.76
CA HIS A 81 -6.52 -0.10 10.01
C HIS A 81 -7.94 0.23 10.26
N SER A 82 -8.51 1.04 9.47
CA SER A 82 -9.88 1.34 9.70
C SER A 82 -10.75 1.28 8.46
N ASN A 83 -11.71 0.40 8.54
CA ASN A 83 -12.78 0.11 7.52
C ASN A 83 -12.32 -0.70 6.38
N VAL A 84 -11.20 -0.31 5.90
CA VAL A 84 -10.58 -0.80 4.74
C VAL A 84 -11.50 -1.07 3.59
N GLU A 85 -11.93 0.00 3.04
CA GLU A 85 -12.86 -0.07 1.98
C GLU A 85 -12.14 0.10 0.68
N ILE A 86 -11.94 -1.02 0.05
CA ILE A 86 -11.31 -1.18 -1.27
C ILE A 86 -11.82 -0.11 -2.20
N LEU A 87 -13.09 -0.16 -2.47
CA LEU A 87 -13.83 0.81 -3.30
C LEU A 87 -13.52 0.67 -4.77
N ALA A 88 -12.30 0.45 -5.08
CA ALA A 88 -11.86 0.40 -6.44
C ALA A 88 -10.98 -0.78 -6.70
N GLU A 89 -11.44 -1.63 -7.57
CA GLU A 89 -10.63 -2.72 -8.04
C GLU A 89 -10.64 -2.60 -9.55
N GLU A 90 -9.51 -2.27 -10.10
CA GLU A 90 -9.40 -2.03 -11.50
C GLU A 90 -8.47 -3.05 -12.14
N SER A 91 -8.84 -3.56 -13.28
CA SER A 91 -8.04 -4.52 -13.97
C SER A 91 -6.96 -3.80 -14.76
N ILE A 92 -5.73 -4.08 -14.42
CA ILE A 92 -4.61 -3.39 -15.02
C ILE A 92 -3.70 -4.24 -15.86
N ALA A 93 -2.69 -3.59 -16.43
CA ALA A 93 -1.63 -4.25 -17.16
C ALA A 93 -0.36 -4.17 -16.41
N LYS A 94 -0.47 -3.50 -15.33
CA LYS A 94 0.55 -3.24 -14.41
C LYS A 94 1.78 -2.60 -15.08
N ARG A 95 2.91 -2.67 -14.40
CA ARG A 95 4.19 -2.15 -14.87
C ARG A 95 4.18 -0.62 -14.70
N ARG A 96 3.36 -0.18 -13.80
CA ARG A 96 3.17 1.21 -13.52
C ARG A 96 3.94 1.59 -12.28
N PHE A 97 3.75 0.82 -11.22
CA PHE A 97 4.43 1.06 -9.97
C PHE A 97 5.22 -0.15 -9.58
N ALA A 98 6.15 -0.54 -10.48
CA ALA A 98 7.02 -1.75 -10.44
C ALA A 98 7.76 -1.94 -9.13
N GLY A 99 7.77 -0.94 -8.35
CA GLY A 99 8.36 -0.97 -7.10
C GLY A 99 7.39 -0.38 -6.15
N TRP A 100 7.00 -1.12 -5.15
CA TRP A 100 6.09 -0.59 -4.14
C TRP A 100 6.65 0.67 -3.44
N HIS A 101 5.80 1.66 -3.24
CA HIS A 101 6.18 2.88 -2.60
C HIS A 101 5.45 3.03 -1.29
N MET A 102 6.05 3.72 -0.38
CA MET A 102 5.45 3.99 0.90
C MET A 102 5.88 5.39 1.25
N GLN A 103 4.99 6.19 1.79
CA GLN A 103 5.34 7.56 2.16
C GLN A 103 6.36 7.57 3.30
N LEU A 104 6.30 6.56 4.12
CA LEU A 104 7.22 6.41 5.19
C LEU A 104 8.23 5.36 4.78
N SER A 105 9.14 5.77 3.94
CA SER A 105 10.26 4.94 3.55
C SER A 105 11.52 5.58 4.10
N CYS A 106 11.29 6.64 4.85
CA CYS A 106 12.31 7.43 5.45
C CYS A 106 11.84 7.74 6.86
N SER A 107 12.62 7.36 7.84
CA SER A 107 12.28 7.59 9.23
C SER A 107 12.61 9.05 9.61
N GLU A 108 12.27 9.43 10.81
CA GLU A 108 12.52 10.79 11.29
C GLU A 108 13.80 10.79 12.14
N ALA A 109 13.85 11.67 13.16
CA ALA A 109 14.99 11.81 14.10
C ALA A 109 16.19 12.50 13.43
N ASP A 110 16.04 12.83 12.19
CA ASP A 110 17.04 13.57 11.46
C ASP A 110 16.60 15.01 11.34
N MET A 111 15.30 15.19 11.11
CA MET A 111 14.77 16.52 10.93
C MET A 111 14.53 17.21 12.26
N ARG A 112 13.89 16.48 13.20
CA ARG A 112 13.54 17.01 14.56
C ARG A 112 12.48 18.11 14.51
N SER A 113 12.83 19.23 13.88
CA SER A 113 12.08 20.50 13.90
C SER A 113 10.73 20.45 13.10
N LEU A 114 10.15 19.27 13.01
CA LEU A 114 8.84 19.08 12.38
C LEU A 114 7.78 19.10 13.46
N GLY A 115 8.22 18.98 14.69
CA GLY A 115 7.32 18.83 15.79
C GLY A 115 7.48 17.46 16.39
N LEU A 116 8.62 16.86 16.13
CA LEU A 116 8.98 15.57 16.67
C LEU A 116 9.45 15.79 18.08
N ALA A 117 10.27 16.80 18.22
CA ALA A 117 10.82 17.15 19.46
C ALA A 117 9.91 18.16 20.09
N GLU A 118 9.10 17.64 20.97
CA GLU A 118 8.09 18.38 21.73
C GLU A 118 8.61 19.74 22.19
N SER A 119 8.01 20.77 21.68
CA SER A 119 8.42 22.12 21.99
C SER A 119 7.49 22.68 23.07
N ARG A 120 8.05 23.02 24.22
CA ARG A 120 7.27 23.52 25.30
C ARG A 120 8.07 24.52 26.11
N GLN A 121 7.46 25.60 26.38
CA GLN A 121 8.06 26.67 27.18
C GLN A 121 7.95 26.40 28.68
N LEU A 1 12.89 -7.48 -33.07
CA LEU A 1 12.77 -7.71 -31.65
C LEU A 1 11.35 -8.17 -31.40
N GLU A 2 11.18 -9.24 -30.68
CA GLU A 2 9.89 -9.75 -30.39
C GLU A 2 9.41 -9.23 -29.05
N ALA A 3 8.12 -9.18 -28.89
CA ALA A 3 7.52 -8.73 -27.66
C ALA A 3 7.70 -9.80 -26.60
N ASP A 4 7.94 -9.37 -25.37
CA ASP A 4 8.14 -10.28 -24.23
C ASP A 4 6.91 -11.13 -23.99
N VAL A 5 5.84 -10.51 -23.56
CA VAL A 5 4.60 -11.17 -23.32
C VAL A 5 3.46 -10.35 -23.90
N THR A 6 3.86 -9.35 -24.69
CA THR A 6 3.01 -8.35 -25.32
C THR A 6 2.45 -7.36 -24.30
N MET A 7 1.72 -6.35 -24.77
CA MET A 7 1.18 -5.35 -23.91
C MET A 7 0.08 -5.92 -23.00
N THR A 8 -0.30 -5.14 -22.00
CA THR A 8 -1.26 -5.51 -20.95
C THR A 8 -0.71 -6.48 -19.90
N GLY A 9 0.50 -6.97 -20.13
CA GLY A 9 1.17 -7.81 -19.17
C GLY A 9 0.67 -9.24 -19.19
N SER A 10 -0.34 -9.50 -18.39
CA SER A 10 -0.89 -10.83 -18.26
C SER A 10 -2.33 -10.78 -17.78
N ASP A 11 -2.52 -10.35 -16.54
CA ASP A 11 -3.79 -10.25 -15.89
C ASP A 11 -3.49 -9.65 -14.59
N LEU A 12 -3.48 -8.40 -14.58
CA LEU A 12 -3.25 -7.68 -13.41
C LEU A 12 -4.48 -6.96 -13.04
N VAL A 13 -4.52 -6.64 -11.82
CA VAL A 13 -5.58 -6.00 -11.21
C VAL A 13 -4.98 -5.09 -10.13
N SER A 14 -5.65 -4.05 -9.85
CA SER A 14 -5.23 -3.09 -8.89
C SER A 14 -6.40 -2.72 -8.01
N CYS A 15 -6.28 -3.07 -6.77
CA CYS A 15 -7.26 -2.73 -5.79
C CYS A 15 -6.80 -1.47 -5.09
N CYS A 16 -7.58 -0.43 -5.18
CA CYS A 16 -7.23 0.88 -4.68
C CYS A 16 -8.11 1.15 -3.52
N TYR A 17 -7.60 1.13 -2.33
CA TYR A 17 -8.47 1.22 -1.22
C TYR A 17 -8.35 2.50 -0.45
N ARG A 18 -9.48 2.95 0.03
CA ARG A 18 -9.60 4.10 0.85
C ARG A 18 -9.88 3.57 2.25
N SER A 19 -8.99 3.75 3.11
CA SER A 19 -9.12 3.29 4.43
C SER A 19 -8.85 4.44 5.36
N LEU A 20 -9.19 4.26 6.56
CA LEU A 20 -8.82 5.18 7.58
C LEU A 20 -7.79 4.46 8.39
N ALA A 21 -7.21 5.11 9.33
CA ALA A 21 -6.27 4.51 10.22
C ALA A 21 -6.76 4.70 11.59
N ALA A 22 -6.62 3.69 12.41
CA ALA A 22 -7.07 3.78 13.73
C ALA A 22 -6.16 4.72 14.50
N PRO A 23 -6.74 5.65 15.22
CA PRO A 23 -6.02 6.69 16.01
C PRO A 23 -5.09 6.14 17.09
N ASP A 24 -5.16 4.88 17.28
CA ASP A 24 -4.43 4.19 18.31
C ASP A 24 -3.50 3.15 17.72
N LEU A 25 -3.23 3.27 16.43
CA LEU A 25 -2.32 2.36 15.77
C LEU A 25 -0.92 2.49 16.27
N THR A 26 -0.36 1.37 16.54
CA THR A 26 0.95 1.25 16.96
C THR A 26 1.91 1.40 15.84
N LEU A 27 3.01 2.07 16.09
CA LEU A 27 4.09 2.22 15.14
C LEU A 27 4.54 0.87 14.71
N ARG A 28 4.58 -0.07 15.64
CA ARG A 28 5.03 -1.40 15.33
C ARG A 28 4.11 -2.03 14.30
N ASP A 29 2.86 -1.62 14.31
CA ASP A 29 1.89 -2.07 13.33
C ASP A 29 2.16 -1.46 11.98
N LEU A 30 2.64 -0.21 11.92
CA LEU A 30 2.92 0.39 10.59
C LEU A 30 4.15 -0.23 10.02
N LEU A 31 5.04 -0.52 10.90
CA LEU A 31 6.30 -1.13 10.56
C LEU A 31 6.07 -2.56 10.18
N ASP A 32 5.19 -3.21 10.89
CA ASP A 32 4.75 -4.59 10.57
C ASP A 32 4.17 -4.62 9.16
N ILE A 33 3.42 -3.57 8.81
CA ILE A 33 2.87 -3.40 7.47
C ILE A 33 4.02 -3.42 6.45
N VAL A 34 4.91 -2.45 6.56
CA VAL A 34 5.99 -2.26 5.59
C VAL A 34 6.96 -3.45 5.53
N GLU A 35 7.37 -3.94 6.67
CA GLU A 35 8.31 -5.03 6.76
C GLU A 35 7.74 -6.35 6.22
N THR A 36 6.43 -6.51 6.32
CA THR A 36 5.80 -7.69 5.77
C THR A 36 5.45 -7.52 4.27
N SER A 37 4.77 -6.41 3.95
CA SER A 37 4.22 -6.16 2.61
C SER A 37 5.23 -6.35 1.49
N GLN A 38 6.35 -5.65 1.55
CA GLN A 38 7.41 -5.73 0.53
C GLN A 38 7.81 -7.16 0.25
N ALA A 39 8.01 -7.90 1.29
CA ALA A 39 8.50 -9.26 1.20
C ALA A 39 7.42 -10.21 0.65
N HIS A 40 6.18 -9.93 0.95
CA HIS A 40 5.06 -10.71 0.43
C HIS A 40 4.76 -10.26 -0.99
N ASN A 41 4.83 -8.98 -1.24
CA ASN A 41 4.55 -8.40 -2.55
C ASN A 41 5.59 -8.79 -3.54
N ALA A 42 6.84 -8.87 -3.09
CA ALA A 42 7.92 -9.37 -3.93
C ALA A 42 7.56 -10.77 -4.40
N ARG A 43 7.08 -11.56 -3.44
CA ARG A 43 6.66 -12.93 -3.69
C ARG A 43 5.47 -12.98 -4.62
N ALA A 44 4.44 -12.25 -4.25
CA ALA A 44 3.21 -12.26 -4.99
C ALA A 44 3.33 -11.54 -6.34
N GLN A 45 4.48 -10.86 -6.58
CA GLN A 45 4.81 -10.14 -7.86
C GLN A 45 3.95 -8.88 -7.96
N LEU A 46 3.57 -8.43 -6.80
CA LEU A 46 2.78 -7.26 -6.57
C LEU A 46 3.61 -6.02 -6.39
N THR A 47 3.18 -4.96 -7.01
CA THR A 47 3.79 -3.68 -6.93
C THR A 47 2.79 -2.71 -6.29
N GLY A 48 3.24 -1.64 -5.69
CA GLY A 48 2.34 -0.87 -4.85
C GLY A 48 2.87 0.46 -4.43
N ALA A 49 2.05 1.16 -3.72
CA ALA A 49 2.40 2.43 -3.08
C ALA A 49 1.25 2.83 -2.18
N LEU A 50 1.48 3.76 -1.29
CA LEU A 50 0.41 4.21 -0.45
C LEU A 50 0.65 5.64 -0.03
N PHE A 51 -0.42 6.27 0.35
CA PHE A 51 -0.40 7.61 0.83
C PHE A 51 -1.20 7.66 2.11
N TYR A 52 -0.52 7.81 3.19
CA TYR A 52 -1.13 7.86 4.50
C TYR A 52 -0.75 9.17 5.15
N SER A 53 -1.73 9.96 5.53
CA SER A 53 -1.48 11.19 6.16
C SER A 53 -2.74 11.57 6.89
N GLN A 54 -2.59 12.09 8.10
CA GLN A 54 -3.70 12.64 8.90
C GLN A 54 -4.76 11.62 9.34
N GLY A 55 -4.54 10.36 9.08
CA GLY A 55 -5.48 9.37 9.52
C GLY A 55 -6.18 8.68 8.38
N VAL A 56 -6.05 9.20 7.19
CA VAL A 56 -6.65 8.57 6.05
C VAL A 56 -5.61 7.78 5.25
N PHE A 57 -5.94 6.56 4.98
CA PHE A 57 -5.12 5.66 4.23
C PHE A 57 -5.57 5.55 2.79
N PHE A 58 -4.74 5.86 1.87
CA PHE A 58 -4.99 5.49 0.52
C PHE A 58 -3.89 4.53 0.15
N GLN A 59 -4.23 3.32 -0.13
CA GLN A 59 -3.24 2.29 -0.37
C GLN A 59 -3.74 1.47 -1.51
N TRP A 60 -2.92 1.22 -2.48
CA TRP A 60 -3.35 0.37 -3.54
C TRP A 60 -2.21 -0.51 -3.98
N LEU A 61 -2.53 -1.55 -4.69
CA LEU A 61 -1.56 -2.51 -5.12
C LEU A 61 -1.85 -2.98 -6.53
N GLU A 62 -0.81 -3.31 -7.24
CA GLU A 62 -0.87 -3.83 -8.58
C GLU A 62 -0.43 -5.30 -8.50
N GLY A 63 -1.22 -6.21 -8.98
CA GLY A 63 -0.83 -7.59 -8.95
C GLY A 63 -1.74 -8.44 -9.80
N HIS A 64 -1.46 -9.73 -9.96
CA HIS A 64 -2.40 -10.63 -10.62
C HIS A 64 -3.62 -10.81 -9.68
N PRO A 65 -4.87 -10.61 -10.20
CA PRO A 65 -6.15 -10.61 -9.44
C PRO A 65 -6.19 -11.42 -8.15
N ALA A 66 -5.85 -12.66 -8.23
CA ALA A 66 -5.96 -13.53 -7.07
C ALA A 66 -4.90 -13.30 -6.04
N ALA A 67 -3.79 -12.81 -6.46
CA ALA A 67 -2.73 -12.48 -5.54
C ALA A 67 -3.16 -11.28 -4.76
N VAL A 68 -3.74 -10.35 -5.49
CA VAL A 68 -4.24 -9.12 -4.94
C VAL A 68 -5.29 -9.47 -3.93
N ALA A 69 -6.16 -10.39 -4.29
CA ALA A 69 -7.21 -10.85 -3.41
C ALA A 69 -6.71 -11.66 -2.23
N GLU A 70 -5.69 -12.46 -2.44
CA GLU A 70 -5.03 -13.20 -1.36
C GLU A 70 -4.56 -12.18 -0.35
N VAL A 71 -3.93 -11.17 -0.87
CA VAL A 71 -3.50 -10.04 -0.12
C VAL A 71 -4.72 -9.33 0.51
N MET A 72 -5.76 -9.02 -0.29
CA MET A 72 -6.99 -8.41 0.22
C MET A 72 -7.52 -9.18 1.38
N SER A 73 -7.67 -10.46 1.23
CA SER A 73 -8.18 -11.32 2.28
C SER A 73 -7.33 -11.19 3.56
N HIS A 74 -6.02 -11.19 3.39
CA HIS A 74 -5.12 -11.04 4.52
C HIS A 74 -5.19 -9.65 5.18
N ILE A 75 -5.53 -8.62 4.41
CA ILE A 75 -5.62 -7.27 4.95
C ILE A 75 -7.04 -6.96 5.44
N GLN A 76 -8.05 -7.49 4.73
CA GLN A 76 -9.48 -7.16 4.98
C GLN A 76 -10.01 -7.60 6.31
N ARG A 77 -9.30 -8.51 6.97
CA ARG A 77 -9.64 -8.86 8.33
C ARG A 77 -9.50 -7.63 9.25
N ASP A 78 -8.59 -6.73 8.83
CA ASP A 78 -8.30 -5.45 9.49
C ASP A 78 -7.85 -5.48 10.93
N ARG A 79 -6.88 -4.62 11.19
CA ARG A 79 -6.11 -4.60 12.41
C ARG A 79 -5.14 -3.41 12.40
N ARG A 80 -4.43 -3.23 11.30
CA ARG A 80 -3.46 -2.14 11.16
C ARG A 80 -4.07 -0.89 10.47
N HIS A 81 -5.39 -0.74 10.50
CA HIS A 81 -6.05 0.39 9.86
C HIS A 81 -7.47 0.49 10.32
N SER A 82 -8.27 1.18 9.60
CA SER A 82 -9.63 1.35 9.92
C SER A 82 -10.55 1.30 8.70
N ASN A 83 -11.49 0.38 8.74
CA ASN A 83 -12.59 0.18 7.73
C ASN A 83 -12.20 -0.46 6.44
N VAL A 84 -11.08 -0.11 5.97
CA VAL A 84 -10.51 -0.47 4.70
C VAL A 84 -11.49 -0.74 3.56
N GLU A 85 -11.85 0.30 2.90
CA GLU A 85 -12.76 0.24 1.81
C GLU A 85 -12.04 0.26 0.52
N ILE A 86 -11.67 -0.92 0.07
CA ILE A 86 -11.12 -1.14 -1.27
C ILE A 86 -11.97 -0.38 -2.23
N LEU A 87 -13.13 -0.91 -2.46
CA LEU A 87 -14.18 -0.35 -3.31
C LEU A 87 -13.79 -0.22 -4.77
N ALA A 88 -12.53 -0.13 -5.04
CA ALA A 88 -12.06 0.01 -6.39
C ALA A 88 -11.11 -1.10 -6.70
N GLU A 89 -11.51 -1.95 -7.58
CA GLU A 89 -10.67 -3.00 -8.04
C GLU A 89 -10.76 -2.98 -9.54
N GLU A 90 -9.70 -2.59 -10.17
CA GLU A 90 -9.68 -2.46 -11.60
C GLU A 90 -8.65 -3.36 -12.19
N SER A 91 -8.93 -3.87 -13.35
CA SER A 91 -8.00 -4.71 -14.02
C SER A 91 -6.95 -3.84 -14.68
N ILE A 92 -5.73 -4.05 -14.31
CA ILE A 92 -4.65 -3.25 -14.83
C ILE A 92 -3.66 -4.03 -15.65
N ALA A 93 -2.73 -3.31 -16.22
CA ALA A 93 -1.64 -3.92 -16.97
C ALA A 93 -0.40 -3.81 -16.18
N LYS A 94 -0.57 -3.23 -15.05
CA LYS A 94 0.40 -2.97 -14.09
C LYS A 94 1.52 -2.14 -14.68
N ARG A 95 2.69 -2.19 -14.05
CA ARG A 95 3.93 -1.56 -14.53
C ARG A 95 3.89 -0.08 -14.20
N ARG A 96 3.19 0.25 -13.16
CA ARG A 96 3.05 1.61 -12.75
C ARG A 96 4.09 1.99 -11.69
N PHE A 97 4.23 1.20 -10.63
CA PHE A 97 5.20 1.56 -9.58
C PHE A 97 6.37 0.64 -9.47
N ALA A 98 6.24 -0.50 -10.09
CA ALA A 98 7.30 -1.57 -10.18
C ALA A 98 7.71 -2.21 -8.82
N GLY A 99 7.38 -1.57 -7.75
CA GLY A 99 7.56 -2.12 -6.44
C GLY A 99 6.54 -1.51 -5.54
N TRP A 100 6.28 -2.08 -4.39
CA TRP A 100 5.36 -1.46 -3.45
C TRP A 100 6.11 -0.43 -2.64
N HIS A 101 5.49 0.72 -2.43
CA HIS A 101 6.15 1.80 -1.75
C HIS A 101 5.41 2.18 -0.50
N MET A 102 6.14 2.54 0.51
CA MET A 102 5.54 3.00 1.74
C MET A 102 5.64 4.50 1.76
N GLN A 103 4.63 5.17 2.25
CA GLN A 103 4.69 6.60 2.30
C GLN A 103 5.55 7.03 3.49
N LEU A 104 5.35 6.36 4.59
CA LEU A 104 6.11 6.64 5.78
C LEU A 104 7.25 5.67 5.87
N SER A 105 8.22 5.86 5.00
CA SER A 105 9.41 5.04 5.04
C SER A 105 10.30 5.50 6.18
N CYS A 106 10.47 6.80 6.25
CA CYS A 106 11.23 7.44 7.29
C CYS A 106 10.32 8.38 8.09
N SER A 107 9.10 8.55 7.57
CA SER A 107 8.09 9.51 8.05
C SER A 107 8.62 10.97 8.06
N GLU A 108 7.79 11.90 8.47
CA GLU A 108 8.18 13.30 8.51
C GLU A 108 8.11 13.82 9.93
N ALA A 109 8.21 12.91 10.87
CA ALA A 109 8.14 13.24 12.29
C ALA A 109 9.40 13.94 12.72
N ASP A 110 10.49 13.48 12.18
CA ASP A 110 11.81 14.03 12.45
C ASP A 110 11.99 15.37 11.76
N MET A 111 11.21 15.58 10.71
CA MET A 111 11.19 16.87 10.01
C MET A 111 10.38 17.84 10.83
N ARG A 112 9.55 17.26 11.71
CA ARG A 112 8.58 17.94 12.55
C ARG A 112 7.67 18.90 11.81
N SER A 113 7.50 18.64 10.52
CA SER A 113 6.64 19.43 9.67
C SER A 113 5.18 19.09 9.97
N LEU A 114 5.00 18.05 10.75
CA LEU A 114 3.69 17.61 11.19
C LEU A 114 3.26 18.37 12.45
N GLY A 115 4.16 19.17 13.00
CA GLY A 115 3.87 19.87 14.23
C GLY A 115 4.17 18.99 15.42
N LEU A 116 5.42 18.55 15.50
CA LEU A 116 5.85 17.64 16.56
C LEU A 116 6.26 18.45 17.78
N ALA A 117 6.72 19.65 17.55
CA ALA A 117 7.23 20.51 18.59
C ALA A 117 6.11 21.31 19.25
N GLU A 118 5.00 20.65 19.44
CA GLU A 118 3.84 21.22 20.07
C GLU A 118 4.09 21.20 21.57
N SER A 119 3.75 22.24 22.24
CA SER A 119 4.08 22.35 23.62
C SER A 119 2.84 22.60 24.44
N ARG A 120 2.98 22.45 25.75
CA ARG A 120 1.90 22.63 26.69
C ARG A 120 2.21 23.86 27.53
N GLN A 121 3.15 24.65 27.03
CA GLN A 121 3.66 25.87 27.67
C GLN A 121 2.53 26.87 28.03
N LEU A 1 13.20 0.06 -32.93
CA LEU A 1 13.24 -1.39 -32.99
C LEU A 1 11.81 -1.89 -33.03
N GLU A 2 11.59 -3.07 -33.59
CA GLU A 2 10.30 -3.68 -33.57
C GLU A 2 10.00 -4.13 -32.15
N ALA A 3 8.74 -4.14 -31.83
CA ALA A 3 8.25 -4.45 -30.51
C ALA A 3 8.75 -5.81 -30.05
N ASP A 4 9.25 -5.81 -28.85
CA ASP A 4 9.82 -6.98 -28.16
C ASP A 4 8.64 -7.67 -27.45
N VAL A 5 8.87 -8.21 -26.28
CA VAL A 5 7.84 -8.85 -25.51
C VAL A 5 6.78 -7.86 -25.00
N THR A 6 7.04 -6.56 -25.23
CA THR A 6 6.19 -5.43 -24.86
C THR A 6 5.98 -5.36 -23.34
N MET A 7 5.07 -4.55 -22.88
CA MET A 7 4.77 -4.50 -21.49
C MET A 7 3.94 -5.71 -21.14
N THR A 8 4.57 -6.68 -20.51
CA THR A 8 3.92 -7.89 -20.15
C THR A 8 2.93 -7.70 -19.00
N GLY A 9 1.76 -7.23 -19.36
CA GLY A 9 0.73 -7.00 -18.44
C GLY A 9 -0.60 -7.30 -19.05
N SER A 10 -1.27 -8.29 -18.51
CA SER A 10 -2.58 -8.68 -18.99
C SER A 10 -3.45 -9.22 -17.84
N ASP A 11 -2.84 -9.90 -16.87
CA ASP A 11 -3.54 -10.54 -15.79
C ASP A 11 -3.28 -9.86 -14.52
N LEU A 12 -3.39 -8.61 -14.55
CA LEU A 12 -3.17 -7.80 -13.44
C LEU A 12 -4.39 -7.05 -13.10
N VAL A 13 -4.43 -6.64 -11.88
CA VAL A 13 -5.49 -5.99 -11.29
C VAL A 13 -4.93 -5.02 -10.20
N SER A 14 -5.66 -3.98 -9.93
CA SER A 14 -5.35 -3.03 -8.90
C SER A 14 -6.52 -2.81 -8.00
N CYS A 15 -6.35 -3.16 -6.76
CA CYS A 15 -7.31 -2.80 -5.77
C CYS A 15 -6.79 -1.52 -5.16
N CYS A 16 -7.58 -0.50 -5.21
CA CYS A 16 -7.14 0.80 -4.80
C CYS A 16 -8.02 1.23 -3.67
N TYR A 17 -7.51 1.21 -2.44
CA TYR A 17 -8.41 1.29 -1.33
C TYR A 17 -8.21 2.50 -0.42
N ARG A 18 -9.27 2.80 0.32
CA ARG A 18 -9.34 3.92 1.22
C ARG A 18 -9.67 3.39 2.63
N SER A 19 -8.86 3.70 3.58
CA SER A 19 -9.09 3.28 4.94
C SER A 19 -9.02 4.47 5.86
N LEU A 20 -9.44 4.29 7.07
CA LEU A 20 -9.46 5.40 8.01
C LEU A 20 -8.44 5.27 9.14
N ALA A 21 -7.27 4.65 8.83
CA ALA A 21 -6.13 4.32 9.80
C ALA A 21 -6.50 4.34 11.27
N ALA A 22 -6.50 3.14 11.89
CA ALA A 22 -7.02 2.98 13.20
C ALA A 22 -6.23 3.77 14.22
N PRO A 23 -6.91 4.55 15.03
CA PRO A 23 -6.30 5.35 16.12
C PRO A 23 -5.60 4.48 17.16
N ASP A 24 -5.86 3.22 17.08
CA ASP A 24 -5.39 2.23 18.03
C ASP A 24 -4.10 1.57 17.51
N LEU A 25 -3.53 2.20 16.51
CA LEU A 25 -2.31 1.75 15.86
C LEU A 25 -1.06 2.07 16.62
N THR A 26 -0.03 1.37 16.25
CA THR A 26 1.28 1.59 16.71
C THR A 26 2.17 1.78 15.56
N LEU A 27 3.20 2.56 15.73
CA LEU A 27 4.19 2.78 14.71
C LEU A 27 4.80 1.47 14.35
N ARG A 28 5.02 0.61 15.35
CA ARG A 28 5.64 -0.65 15.05
C ARG A 28 4.71 -1.50 14.21
N ASP A 29 3.43 -1.21 14.25
CA ASP A 29 2.48 -1.95 13.45
C ASP A 29 2.53 -1.46 12.01
N LEU A 30 2.86 -0.16 11.79
CA LEU A 30 3.00 0.34 10.38
C LEU A 30 4.27 -0.17 9.81
N LEU A 31 5.25 -0.17 10.66
CA LEU A 31 6.57 -0.60 10.32
C LEU A 31 6.57 -2.11 10.14
N ASP A 32 5.70 -2.77 10.87
CA ASP A 32 5.49 -4.21 10.71
C ASP A 32 4.87 -4.48 9.36
N ILE A 33 3.84 -3.68 9.03
CA ILE A 33 3.20 -3.71 7.72
C ILE A 33 4.26 -3.58 6.63
N VAL A 34 5.04 -2.50 6.63
CA VAL A 34 6.05 -2.27 5.58
C VAL A 34 7.05 -3.43 5.43
N GLU A 35 7.66 -3.83 6.55
CA GLU A 35 8.65 -4.91 6.56
C GLU A 35 8.08 -6.19 5.95
N THR A 36 6.90 -6.54 6.40
CA THR A 36 6.30 -7.78 5.99
C THR A 36 5.64 -7.66 4.57
N SER A 37 5.09 -6.49 4.26
CA SER A 37 4.39 -6.24 3.00
C SER A 37 5.29 -6.52 1.82
N GLN A 38 6.52 -5.99 1.86
CA GLN A 38 7.50 -6.18 0.77
C GLN A 38 7.78 -7.61 0.53
N ALA A 39 7.90 -8.33 1.59
CA ALA A 39 8.22 -9.71 1.56
C ALA A 39 7.06 -10.54 1.02
N HIS A 40 5.88 -9.98 1.01
CA HIS A 40 4.72 -10.62 0.43
C HIS A 40 4.52 -10.14 -1.00
N ASN A 41 4.64 -8.83 -1.24
CA ASN A 41 4.42 -8.30 -2.57
C ASN A 41 5.53 -8.68 -3.51
N ALA A 42 6.73 -8.89 -3.00
CA ALA A 42 7.84 -9.38 -3.82
C ALA A 42 7.47 -10.77 -4.32
N ARG A 43 6.95 -11.57 -3.40
CA ARG A 43 6.53 -12.91 -3.71
C ARG A 43 5.36 -12.89 -4.66
N ALA A 44 4.40 -12.08 -4.36
CA ALA A 44 3.22 -12.05 -5.16
C ALA A 44 3.39 -11.25 -6.48
N GLN A 45 4.58 -10.61 -6.64
CA GLN A 45 4.96 -9.80 -7.84
C GLN A 45 4.16 -8.52 -7.90
N LEU A 46 3.64 -8.18 -6.79
CA LEU A 46 2.82 -7.01 -6.59
C LEU A 46 3.65 -5.75 -6.47
N THR A 47 3.17 -4.71 -7.10
CA THR A 47 3.79 -3.42 -7.11
C THR A 47 2.80 -2.42 -6.50
N GLY A 48 3.29 -1.38 -5.86
CA GLY A 48 2.42 -0.59 -5.02
C GLY A 48 2.99 0.71 -4.57
N ALA A 49 2.20 1.43 -3.84
CA ALA A 49 2.59 2.66 -3.18
C ALA A 49 1.56 3.02 -2.12
N LEU A 50 1.88 3.99 -1.31
CA LEU A 50 1.04 4.33 -0.19
C LEU A 50 0.93 5.84 -0.04
N PHE A 51 -0.24 6.29 0.36
CA PHE A 51 -0.50 7.66 0.72
C PHE A 51 -1.27 7.67 2.04
N TYR A 52 -0.61 8.05 3.09
CA TYR A 52 -1.22 8.12 4.41
C TYR A 52 -1.14 9.58 4.85
N SER A 53 -2.26 10.24 4.86
CA SER A 53 -2.27 11.60 5.20
C SER A 53 -3.02 11.83 6.50
N GLN A 54 -2.25 11.79 7.59
CA GLN A 54 -2.64 12.10 8.99
C GLN A 54 -3.73 11.21 9.61
N GLY A 55 -4.44 10.45 8.81
CA GLY A 55 -5.47 9.58 9.33
C GLY A 55 -6.14 8.81 8.24
N VAL A 56 -6.27 9.41 7.09
CA VAL A 56 -6.87 8.72 6.01
C VAL A 56 -5.83 7.91 5.25
N PHE A 57 -6.10 6.65 5.14
CA PHE A 57 -5.23 5.73 4.45
C PHE A 57 -5.65 5.57 2.99
N PHE A 58 -4.74 5.75 2.10
CA PHE A 58 -4.95 5.41 0.72
C PHE A 58 -3.81 4.50 0.30
N GLN A 59 -4.12 3.28 -0.01
CA GLN A 59 -3.11 2.31 -0.36
C GLN A 59 -3.64 1.48 -1.50
N TRP A 60 -2.84 1.21 -2.48
CA TRP A 60 -3.29 0.39 -3.55
C TRP A 60 -2.17 -0.52 -4.01
N LEU A 61 -2.52 -1.53 -4.74
CA LEU A 61 -1.57 -2.52 -5.17
C LEU A 61 -1.88 -3.04 -6.57
N GLU A 62 -0.85 -3.21 -7.35
CA GLU A 62 -0.93 -3.77 -8.67
C GLU A 62 -0.45 -5.23 -8.58
N GLY A 63 -1.25 -6.15 -9.01
CA GLY A 63 -0.84 -7.53 -8.98
C GLY A 63 -1.78 -8.41 -9.76
N HIS A 64 -1.46 -9.68 -9.88
CA HIS A 64 -2.38 -10.64 -10.51
C HIS A 64 -3.58 -10.85 -9.55
N PRO A 65 -4.85 -10.71 -10.05
CA PRO A 65 -6.10 -10.69 -9.25
C PRO A 65 -6.13 -11.53 -7.96
N ALA A 66 -5.82 -12.80 -8.06
CA ALA A 66 -5.86 -13.65 -6.88
C ALA A 66 -4.78 -13.35 -5.89
N ALA A 67 -3.69 -12.85 -6.34
CA ALA A 67 -2.63 -12.47 -5.46
C ALA A 67 -3.10 -11.32 -4.65
N VAL A 68 -3.71 -10.39 -5.35
CA VAL A 68 -4.26 -9.17 -4.80
C VAL A 68 -5.33 -9.53 -3.79
N ALA A 69 -6.11 -10.54 -4.11
CA ALA A 69 -7.17 -10.99 -3.23
C ALA A 69 -6.68 -11.77 -2.04
N GLU A 70 -5.64 -12.53 -2.22
CA GLU A 70 -5.00 -13.26 -1.12
C GLU A 70 -4.44 -12.22 -0.17
N VAL A 71 -3.97 -11.15 -0.76
CA VAL A 71 -3.60 -9.98 -0.05
C VAL A 71 -4.85 -9.40 0.65
N MET A 72 -5.91 -9.05 -0.13
CA MET A 72 -7.18 -8.52 0.40
C MET A 72 -7.67 -9.34 1.57
N SER A 73 -7.76 -10.65 1.40
CA SER A 73 -8.24 -11.54 2.44
C SER A 73 -7.45 -11.39 3.76
N HIS A 74 -6.15 -11.16 3.66
CA HIS A 74 -5.37 -10.87 4.88
C HIS A 74 -5.72 -9.51 5.46
N ILE A 75 -5.87 -8.54 4.60
CA ILE A 75 -6.01 -7.16 5.04
C ILE A 75 -7.46 -6.79 5.35
N GLN A 76 -8.39 -7.54 4.80
CA GLN A 76 -9.79 -7.30 5.04
C GLN A 76 -10.22 -7.69 6.41
N ARG A 77 -9.45 -8.54 7.03
CA ARG A 77 -9.67 -8.84 8.42
C ARG A 77 -8.91 -7.82 9.30
N ASP A 78 -9.07 -6.58 8.85
CA ASP A 78 -8.64 -5.32 9.48
C ASP A 78 -8.72 -5.25 11.00
N ARG A 79 -7.93 -4.33 11.46
CA ARG A 79 -7.48 -4.14 12.80
C ARG A 79 -6.45 -2.98 12.79
N ARG A 80 -5.78 -2.78 11.63
CA ARG A 80 -4.75 -1.76 11.51
C ARG A 80 -5.26 -0.52 10.75
N HIS A 81 -6.12 -0.71 9.83
CA HIS A 81 -6.49 0.34 8.91
C HIS A 81 -7.99 0.55 8.92
N SER A 82 -8.37 1.37 9.85
CA SER A 82 -9.72 1.62 10.44
C SER A 82 -11.01 1.55 9.57
N ASN A 83 -11.01 0.80 8.54
CA ASN A 83 -12.17 0.74 7.66
C ASN A 83 -12.00 -0.24 6.58
N VAL A 84 -10.97 -0.02 5.94
CA VAL A 84 -10.62 -0.56 4.69
C VAL A 84 -11.70 -0.79 3.69
N GLU A 85 -11.94 0.21 2.95
CA GLU A 85 -12.78 0.08 1.85
C GLU A 85 -12.01 0.14 0.60
N ILE A 86 -11.88 -1.02 0.05
CA ILE A 86 -11.27 -1.28 -1.25
C ILE A 86 -11.80 -0.29 -2.22
N LEU A 87 -13.10 -0.24 -2.34
CA LEU A 87 -13.87 0.72 -3.15
C LEU A 87 -13.72 0.51 -4.63
N ALA A 88 -12.54 0.17 -5.04
CA ALA A 88 -12.22 0.04 -6.42
C ALA A 88 -11.26 -1.11 -6.66
N GLU A 89 -11.60 -1.92 -7.62
CA GLU A 89 -10.78 -3.00 -8.07
C GLU A 89 -10.85 -3.02 -9.58
N GLU A 90 -9.79 -2.69 -10.23
CA GLU A 90 -9.80 -2.62 -11.67
C GLU A 90 -8.76 -3.54 -12.25
N SER A 91 -9.00 -4.04 -13.43
CA SER A 91 -8.05 -4.87 -14.10
C SER A 91 -7.02 -4.00 -14.81
N ILE A 92 -5.79 -4.21 -14.47
CA ILE A 92 -4.72 -3.41 -15.00
C ILE A 92 -3.74 -4.18 -15.85
N ALA A 93 -2.74 -3.48 -16.34
CA ALA A 93 -1.67 -4.09 -17.10
C ALA A 93 -0.39 -3.96 -16.35
N LYS A 94 -0.54 -3.38 -15.22
CA LYS A 94 0.47 -3.09 -14.30
C LYS A 94 1.61 -2.30 -14.94
N ARG A 95 2.75 -2.36 -14.29
CA ARG A 95 4.02 -1.79 -14.77
C ARG A 95 4.03 -0.29 -14.48
N ARG A 96 3.16 0.11 -13.58
CA ARG A 96 2.99 1.48 -13.22
C ARG A 96 4.03 1.90 -12.20
N PHE A 97 4.12 1.19 -11.08
CA PHE A 97 5.05 1.58 -10.04
C PHE A 97 6.25 0.69 -9.91
N ALA A 98 6.13 -0.47 -10.48
CA ALA A 98 7.19 -1.54 -10.57
C ALA A 98 7.64 -2.14 -9.20
N GLY A 99 7.38 -1.45 -8.15
CA GLY A 99 7.63 -1.94 -6.82
C GLY A 99 6.65 -1.30 -5.89
N TRP A 100 6.47 -1.83 -4.70
CA TRP A 100 5.59 -1.22 -3.72
C TRP A 100 6.34 -0.20 -2.86
N HIS A 101 5.69 0.91 -2.57
CA HIS A 101 6.33 2.01 -1.88
C HIS A 101 5.57 2.35 -0.62
N MET A 102 6.25 2.86 0.39
CA MET A 102 5.59 3.25 1.64
C MET A 102 6.15 4.59 2.06
N GLN A 103 5.33 5.44 2.64
CA GLN A 103 5.76 6.78 3.05
C GLN A 103 6.40 6.78 4.44
N LEU A 104 5.91 5.92 5.32
CA LEU A 104 6.31 5.89 6.75
C LEU A 104 7.73 5.36 7.00
N SER A 105 8.47 5.19 5.93
CA SER A 105 9.85 4.83 6.01
C SER A 105 10.67 6.11 6.21
N CYS A 106 10.02 7.22 5.92
CA CYS A 106 10.57 8.52 6.03
C CYS A 106 9.64 9.34 6.91
N SER A 107 10.20 10.04 7.85
CA SER A 107 9.42 10.85 8.76
C SER A 107 9.10 12.20 8.12
N GLU A 108 8.15 12.89 8.68
CA GLU A 108 7.72 14.18 8.19
C GLU A 108 8.30 15.28 9.07
N ALA A 109 9.47 15.00 9.61
CA ALA A 109 10.16 15.84 10.60
C ALA A 109 10.55 17.24 10.07
N ASP A 110 10.42 17.44 8.78
CA ASP A 110 10.69 18.74 8.19
C ASP A 110 9.40 19.50 7.94
N MET A 111 8.30 18.82 8.10
CA MET A 111 6.99 19.39 7.94
C MET A 111 6.40 19.64 9.29
N ARG A 112 6.19 18.54 10.05
CA ARG A 112 5.70 18.56 11.43
C ARG A 112 4.29 19.10 11.55
N SER A 113 3.65 19.27 10.42
CA SER A 113 2.35 19.87 10.35
C SER A 113 1.24 18.84 10.55
N LEU A 114 1.60 17.57 10.63
CA LEU A 114 0.60 16.52 10.79
C LEU A 114 0.24 16.27 12.25
N GLY A 115 0.80 17.06 13.15
CA GLY A 115 0.42 16.92 14.54
C GLY A 115 1.52 17.26 15.51
N LEU A 116 2.76 17.14 15.08
CA LEU A 116 3.90 17.39 15.96
C LEU A 116 3.96 18.86 16.37
N ALA A 117 3.90 19.72 15.36
CA ALA A 117 3.91 21.15 15.49
C ALA A 117 5.04 21.71 16.30
N GLU A 118 4.72 21.96 17.47
CA GLU A 118 5.58 22.58 18.48
C GLU A 118 6.85 21.77 18.69
N SER A 119 6.69 20.51 19.07
CA SER A 119 7.82 19.66 19.36
C SER A 119 7.33 18.23 19.63
N ARG A 120 8.24 17.37 20.04
CA ARG A 120 7.94 15.98 20.32
C ARG A 120 8.10 15.74 21.81
N GLN A 121 8.26 16.84 22.55
CA GLN A 121 8.61 16.83 23.97
C GLN A 121 9.91 16.02 24.15
N LEU A 1 11.19 -15.05 -38.83
CA LEU A 1 10.67 -13.96 -38.00
C LEU A 1 10.70 -14.40 -36.57
N GLU A 2 11.08 -13.51 -35.70
CA GLU A 2 11.15 -13.82 -34.32
C GLU A 2 9.79 -13.67 -33.69
N ALA A 3 9.51 -14.47 -32.71
CA ALA A 3 8.23 -14.48 -32.06
C ALA A 3 8.07 -13.28 -31.16
N ASP A 4 6.93 -12.63 -31.28
CA ASP A 4 6.61 -11.45 -30.48
C ASP A 4 6.50 -11.84 -29.01
N VAL A 5 7.08 -11.05 -28.13
CA VAL A 5 7.09 -11.31 -26.71
C VAL A 5 5.72 -11.24 -26.03
N THR A 6 4.74 -10.68 -26.75
CA THR A 6 3.38 -10.47 -26.28
C THR A 6 3.29 -9.53 -25.06
N MET A 7 2.10 -9.28 -24.57
CA MET A 7 1.93 -8.42 -23.45
C MET A 7 2.36 -9.14 -22.20
N THR A 8 3.31 -8.58 -21.53
CA THR A 8 3.86 -9.18 -20.35
C THR A 8 3.07 -8.83 -19.09
N GLY A 9 2.07 -8.01 -19.25
CA GLY A 9 1.23 -7.64 -18.16
C GLY A 9 -0.16 -7.32 -18.62
N SER A 10 -1.05 -8.26 -18.47
CA SER A 10 -2.46 -8.06 -18.85
C SER A 10 -3.41 -8.56 -17.74
N ASP A 11 -2.88 -9.41 -16.92
CA ASP A 11 -3.59 -10.12 -15.90
C ASP A 11 -3.33 -9.53 -14.57
N LEU A 12 -3.36 -8.29 -14.54
CA LEU A 12 -3.16 -7.56 -13.39
C LEU A 12 -4.39 -6.83 -13.03
N VAL A 13 -4.42 -6.42 -11.83
CA VAL A 13 -5.49 -5.76 -11.24
C VAL A 13 -4.92 -4.82 -10.15
N SER A 14 -5.57 -3.72 -9.96
CA SER A 14 -5.23 -2.76 -8.93
C SER A 14 -6.38 -2.58 -7.98
N CYS A 15 -6.20 -3.03 -6.79
CA CYS A 15 -7.15 -2.79 -5.76
C CYS A 15 -6.67 -1.56 -5.02
N CYS A 16 -7.41 -0.50 -5.14
CA CYS A 16 -6.99 0.76 -4.60
C CYS A 16 -7.87 1.07 -3.46
N TYR A 17 -7.36 0.95 -2.26
CA TYR A 17 -8.22 1.03 -1.13
C TYR A 17 -7.93 2.21 -0.28
N ARG A 18 -8.87 2.50 0.57
CA ARG A 18 -8.71 3.53 1.54
C ARG A 18 -8.95 2.93 2.91
N SER A 19 -8.50 3.58 3.89
CA SER A 19 -8.85 3.25 5.23
C SER A 19 -8.82 4.50 6.04
N LEU A 20 -9.61 4.58 7.02
CA LEU A 20 -9.59 5.76 7.88
C LEU A 20 -8.62 5.57 9.06
N ALA A 21 -7.47 4.89 8.75
CA ALA A 21 -6.35 4.49 9.68
C ALA A 21 -6.63 4.69 11.16
N ALA A 22 -6.77 3.58 11.92
CA ALA A 22 -7.16 3.62 13.27
C ALA A 22 -6.15 4.40 14.06
N PRO A 23 -6.60 5.47 14.69
CA PRO A 23 -5.75 6.37 15.50
C PRO A 23 -5.15 5.69 16.72
N ASP A 24 -5.55 4.48 16.93
CA ASP A 24 -5.13 3.71 18.08
C ASP A 24 -4.05 2.72 17.71
N LEU A 25 -3.54 2.82 16.51
CA LEU A 25 -2.48 1.94 16.07
C LEU A 25 -1.15 2.37 16.66
N THR A 26 -0.17 1.54 16.47
CA THR A 26 1.14 1.79 16.91
C THR A 26 2.10 1.85 15.77
N LEU A 27 3.06 2.75 15.87
CA LEU A 27 4.08 2.96 14.85
C LEU A 27 4.81 1.69 14.56
N ARG A 28 5.19 0.94 15.59
CA ARG A 28 5.94 -0.30 15.32
C ARG A 28 5.10 -1.25 14.47
N ASP A 29 3.81 -1.19 14.65
CA ASP A 29 2.91 -2.01 13.92
C ASP A 29 2.78 -1.54 12.48
N LEU A 30 2.97 -0.22 12.20
CA LEU A 30 2.99 0.26 10.77
C LEU A 30 4.26 -0.22 10.14
N LEU A 31 5.26 -0.18 10.95
CA LEU A 31 6.59 -0.56 10.56
C LEU A 31 6.68 -2.08 10.38
N ASP A 32 5.82 -2.80 11.04
CA ASP A 32 5.69 -4.25 10.78
C ASP A 32 4.90 -4.46 9.49
N ILE A 33 3.81 -3.68 9.33
CA ILE A 33 2.98 -3.66 8.13
C ILE A 33 3.83 -3.52 6.87
N VAL A 34 4.66 -2.48 6.82
CA VAL A 34 5.55 -2.25 5.67
C VAL A 34 6.43 -3.48 5.37
N GLU A 35 6.94 -4.11 6.43
CA GLU A 35 7.78 -5.29 6.29
C GLU A 35 7.01 -6.45 5.62
N THR A 36 5.89 -6.84 6.22
CA THR A 36 5.10 -7.97 5.72
C THR A 36 4.48 -7.64 4.34
N SER A 37 4.16 -6.37 4.12
CA SER A 37 3.58 -5.92 2.87
C SER A 37 4.55 -6.23 1.72
N GLN A 38 5.75 -5.67 1.79
CA GLN A 38 6.79 -5.85 0.77
C GLN A 38 7.11 -7.29 0.55
N ALA A 39 7.23 -8.00 1.64
CA ALA A 39 7.67 -9.36 1.62
C ALA A 39 6.71 -10.29 0.85
N HIS A 40 5.42 -10.14 1.06
CA HIS A 40 4.46 -10.98 0.33
C HIS A 40 4.23 -10.39 -1.05
N ASN A 41 4.23 -9.08 -1.15
CA ASN A 41 3.96 -8.43 -2.41
C ASN A 41 5.08 -8.61 -3.40
N ALA A 42 6.31 -8.53 -2.94
CA ALA A 42 7.47 -8.76 -3.80
C ALA A 42 7.39 -10.17 -4.35
N ARG A 43 7.03 -11.09 -3.47
CA ARG A 43 6.87 -12.48 -3.83
C ARG A 43 5.77 -12.63 -4.85
N ALA A 44 4.62 -12.07 -4.56
CA ALA A 44 3.51 -12.24 -5.45
C ALA A 44 3.59 -11.33 -6.69
N GLN A 45 4.65 -10.48 -6.76
CA GLN A 45 4.96 -9.57 -7.93
C GLN A 45 4.01 -8.38 -7.95
N LEU A 46 3.49 -8.11 -6.81
CA LEU A 46 2.59 -7.02 -6.55
C LEU A 46 3.34 -5.72 -6.34
N THR A 47 2.98 -4.76 -7.11
CA THR A 47 3.58 -3.48 -7.06
C THR A 47 2.64 -2.50 -6.39
N GLY A 48 3.17 -1.50 -5.76
CA GLY A 48 2.35 -0.74 -4.88
C GLY A 48 2.96 0.54 -4.43
N ALA A 49 2.20 1.23 -3.67
CA ALA A 49 2.58 2.44 -2.99
C ALA A 49 1.45 2.80 -2.04
N LEU A 50 1.69 3.65 -1.09
CA LEU A 50 0.63 4.08 -0.23
C LEU A 50 0.89 5.47 0.23
N PHE A 51 -0.16 6.17 0.47
CA PHE A 51 -0.12 7.49 0.96
C PHE A 51 -0.98 7.57 2.21
N TYR A 52 -0.34 7.78 3.31
CA TYR A 52 -1.00 7.92 4.57
C TYR A 52 -0.95 9.40 4.89
N SER A 53 -2.08 10.04 4.77
CA SER A 53 -2.14 11.46 4.97
C SER A 53 -3.04 11.78 6.15
N GLN A 54 -2.41 12.14 7.26
CA GLN A 54 -3.06 12.54 8.51
C GLN A 54 -3.85 11.38 9.14
N GLY A 55 -5.03 11.11 8.65
CA GLY A 55 -5.82 10.04 9.17
C GLY A 55 -6.30 9.10 8.10
N VAL A 56 -6.09 9.46 6.85
CA VAL A 56 -6.57 8.62 5.79
C VAL A 56 -5.45 7.77 5.20
N PHE A 57 -5.72 6.51 5.15
CA PHE A 57 -4.87 5.55 4.51
C PHE A 57 -5.31 5.39 3.06
N PHE A 58 -4.42 5.59 2.15
CA PHE A 58 -4.68 5.21 0.78
C PHE A 58 -3.58 4.26 0.39
N GLN A 59 -3.92 3.06 0.09
CA GLN A 59 -2.95 2.03 -0.18
C GLN A 59 -3.48 1.25 -1.36
N TRP A 60 -2.69 1.05 -2.37
CA TRP A 60 -3.16 0.28 -3.46
C TRP A 60 -2.07 -0.63 -3.98
N LEU A 61 -2.48 -1.69 -4.59
CA LEU A 61 -1.58 -2.68 -5.05
C LEU A 61 -1.95 -3.16 -6.45
N GLU A 62 -0.95 -3.33 -7.26
CA GLU A 62 -1.07 -3.82 -8.59
C GLU A 62 -0.56 -5.26 -8.58
N GLY A 63 -1.35 -6.19 -9.01
CA GLY A 63 -0.91 -7.56 -9.02
C GLY A 63 -1.84 -8.41 -9.80
N HIS A 64 -1.53 -9.67 -10.00
CA HIS A 64 -2.47 -10.59 -10.67
C HIS A 64 -3.64 -10.82 -9.71
N PRO A 65 -4.91 -10.58 -10.17
CA PRO A 65 -6.15 -10.55 -9.34
C PRO A 65 -6.18 -11.44 -8.10
N ALA A 66 -5.81 -12.68 -8.25
CA ALA A 66 -5.88 -13.62 -7.14
C ALA A 66 -4.79 -13.42 -6.12
N ALA A 67 -3.72 -12.86 -6.54
CA ALA A 67 -2.64 -12.56 -5.65
C ALA A 67 -3.06 -11.39 -4.81
N VAL A 68 -3.68 -10.45 -5.49
CA VAL A 68 -4.18 -9.24 -4.91
C VAL A 68 -5.22 -9.63 -3.90
N ALA A 69 -6.05 -10.59 -4.25
CA ALA A 69 -7.11 -11.08 -3.39
C ALA A 69 -6.59 -11.92 -2.23
N GLU A 70 -5.57 -12.70 -2.47
CA GLU A 70 -4.89 -13.48 -1.40
C GLU A 70 -4.38 -12.48 -0.37
N VAL A 71 -3.92 -11.38 -0.89
CA VAL A 71 -3.54 -10.26 -0.12
C VAL A 71 -4.79 -9.63 0.53
N MET A 72 -5.84 -9.29 -0.27
CA MET A 72 -7.10 -8.73 0.22
C MET A 72 -7.64 -9.51 1.37
N SER A 73 -7.78 -10.81 1.22
CA SER A 73 -8.31 -11.65 2.27
C SER A 73 -7.49 -11.50 3.55
N HIS A 74 -6.16 -11.53 3.40
CA HIS A 74 -5.27 -11.36 4.55
C HIS A 74 -5.43 -9.94 5.19
N ILE A 75 -5.79 -8.96 4.38
CA ILE A 75 -5.93 -7.57 4.83
C ILE A 75 -7.35 -7.26 5.31
N GLN A 76 -8.33 -7.91 4.71
CA GLN A 76 -9.73 -7.65 5.00
C GLN A 76 -10.15 -8.21 6.33
N ARG A 77 -9.22 -8.90 6.97
CA ARG A 77 -9.33 -9.30 8.37
C ARG A 77 -8.85 -8.12 9.28
N ASP A 78 -8.99 -6.89 8.75
CA ASP A 78 -8.71 -5.58 9.41
C ASP A 78 -8.66 -5.52 10.92
N ARG A 79 -7.73 -4.69 11.32
CA ARG A 79 -7.15 -4.59 12.64
C ARG A 79 -6.00 -3.59 12.54
N ARG A 80 -5.34 -3.59 11.37
CA ARG A 80 -4.18 -2.73 11.09
C ARG A 80 -4.57 -1.40 10.44
N HIS A 81 -5.80 -1.08 10.45
CA HIS A 81 -6.30 0.10 9.85
C HIS A 81 -7.62 0.39 10.42
N SER A 82 -8.38 1.24 9.84
CA SER A 82 -9.61 1.57 10.48
C SER A 82 -10.84 1.05 9.79
N ASN A 83 -10.68 0.44 8.63
CA ASN A 83 -11.89 0.12 7.84
C ASN A 83 -11.64 -0.76 6.67
N VAL A 84 -10.67 -0.35 5.97
CA VAL A 84 -10.26 -0.84 4.71
C VAL A 84 -11.33 -1.07 3.69
N GLU A 85 -11.59 -0.03 3.01
CA GLU A 85 -12.54 -0.01 1.99
C GLU A 85 -11.82 0.07 0.70
N ILE A 86 -11.54 -1.10 0.15
CA ILE A 86 -10.98 -1.27 -1.19
C ILE A 86 -11.71 -0.34 -2.10
N LEU A 87 -12.95 -0.64 -2.33
CA LEU A 87 -13.89 0.21 -3.07
C LEU A 87 -13.58 0.27 -4.57
N ALA A 88 -12.32 0.18 -4.91
CA ALA A 88 -11.89 0.26 -6.28
C ALA A 88 -10.97 -0.87 -6.63
N GLU A 89 -11.39 -1.68 -7.57
CA GLU A 89 -10.58 -2.76 -8.06
C GLU A 89 -10.70 -2.76 -9.57
N GLU A 90 -9.63 -2.43 -10.22
CA GLU A 90 -9.63 -2.31 -11.67
C GLU A 90 -8.65 -3.28 -12.31
N SER A 91 -9.00 -3.78 -13.48
CA SER A 91 -8.13 -4.66 -14.22
C SER A 91 -7.06 -3.84 -14.92
N ILE A 92 -5.84 -4.06 -14.52
CA ILE A 92 -4.73 -3.27 -15.04
C ILE A 92 -3.72 -4.05 -15.84
N ALA A 93 -2.75 -3.31 -16.37
CA ALA A 93 -1.63 -3.88 -17.11
C ALA A 93 -0.39 -3.77 -16.31
N LYS A 94 -0.57 -3.17 -15.19
CA LYS A 94 0.40 -2.91 -14.21
C LYS A 94 1.61 -2.17 -14.79
N ARG A 95 2.70 -2.22 -14.07
CA ARG A 95 3.99 -1.72 -14.49
C ARG A 95 4.10 -0.22 -14.26
N ARG A 96 3.40 0.26 -13.27
CA ARG A 96 3.47 1.66 -12.94
C ARG A 96 4.53 1.91 -11.89
N PHE A 97 4.44 1.22 -10.77
CA PHE A 97 5.38 1.47 -9.68
C PHE A 97 6.50 0.45 -9.58
N ALA A 98 6.34 -0.64 -10.27
CA ALA A 98 7.35 -1.77 -10.39
C ALA A 98 7.68 -2.50 -9.05
N GLY A 99 7.41 -1.87 -7.95
CA GLY A 99 7.52 -2.46 -6.63
C GLY A 99 6.53 -1.76 -5.72
N TRP A 100 6.30 -2.25 -4.51
CA TRP A 100 5.41 -1.58 -3.57
C TRP A 100 6.23 -0.56 -2.77
N HIS A 101 5.63 0.61 -2.48
CA HIS A 101 6.33 1.71 -1.82
C HIS A 101 5.53 2.20 -0.63
N MET A 102 6.18 2.80 0.33
CA MET A 102 5.46 3.38 1.44
C MET A 102 5.93 4.80 1.69
N GLN A 103 5.00 5.72 1.69
CA GLN A 103 5.28 7.14 1.93
C GLN A 103 5.89 7.35 3.32
N LEU A 104 5.22 6.84 4.34
CA LEU A 104 5.64 7.06 5.72
C LEU A 104 6.68 6.06 6.22
N SER A 105 7.57 5.62 5.34
CA SER A 105 8.69 4.83 5.78
C SER A 105 9.64 5.78 6.52
N CYS A 106 9.67 7.00 6.04
CA CYS A 106 10.43 8.04 6.62
C CYS A 106 9.47 8.99 7.32
N SER A 107 9.48 8.96 8.61
CA SER A 107 8.63 9.82 9.40
C SER A 107 9.28 11.21 9.51
N GLU A 108 8.55 12.21 9.98
CA GLU A 108 9.12 13.54 10.07
C GLU A 108 10.11 13.69 11.24
N ALA A 109 9.69 13.29 12.45
CA ALA A 109 10.51 13.36 13.67
C ALA A 109 10.98 14.79 13.95
N ASP A 110 10.23 15.76 13.47
CA ASP A 110 10.63 17.16 13.55
C ASP A 110 9.58 17.96 14.24
N MET A 111 8.37 17.76 13.82
CA MET A 111 7.22 18.46 14.33
C MET A 111 6.86 17.82 15.62
N ARG A 112 6.76 16.48 15.57
CA ARG A 112 6.54 15.59 16.74
C ARG A 112 5.23 15.81 17.53
N SER A 113 4.59 16.94 17.35
CA SER A 113 3.36 17.28 18.05
C SER A 113 2.16 16.49 17.53
N LEU A 114 2.40 15.70 16.49
CA LEU A 114 1.34 14.93 15.86
C LEU A 114 0.87 13.83 16.82
N GLY A 115 1.75 13.40 17.69
CA GLY A 115 1.39 12.39 18.66
C GLY A 115 2.45 12.18 19.71
N LEU A 116 3.71 12.31 19.34
CA LEU A 116 4.84 12.07 20.24
C LEU A 116 4.90 13.14 21.33
N ALA A 117 4.84 14.38 20.93
CA ALA A 117 4.95 15.47 21.85
C ALA A 117 3.65 15.76 22.59
N GLU A 118 3.40 14.93 23.57
CA GLU A 118 2.31 15.11 24.50
C GLU A 118 2.92 15.70 25.77
N SER A 119 4.22 15.77 25.73
CA SER A 119 5.00 16.21 26.81
C SER A 119 5.19 17.71 26.82
N ARG A 120 4.32 18.38 27.54
CA ARG A 120 4.50 19.80 27.79
C ARG A 120 5.34 19.97 29.04
N GLN A 121 5.50 18.88 29.74
CA GLN A 121 6.26 18.80 30.96
C GLN A 121 7.03 17.51 30.94
N LEU A 1 15.96 -4.78 -35.99
CA LEU A 1 15.13 -5.26 -34.89
C LEU A 1 13.82 -5.78 -35.41
N GLU A 2 13.02 -6.31 -34.55
CA GLU A 2 11.74 -6.83 -34.86
C GLU A 2 10.71 -6.19 -33.98
N ALA A 3 9.46 -6.33 -34.37
CA ALA A 3 8.31 -5.83 -33.61
C ALA A 3 8.40 -6.27 -32.16
N ASP A 4 8.12 -5.36 -31.28
CA ASP A 4 8.25 -5.59 -29.87
C ASP A 4 7.10 -6.46 -29.39
N VAL A 5 7.43 -7.49 -28.61
CA VAL A 5 6.47 -8.42 -28.09
C VAL A 5 5.49 -7.80 -27.10
N THR A 6 5.83 -6.61 -26.58
CA THR A 6 5.04 -5.85 -25.63
C THR A 6 4.74 -6.61 -24.32
N MET A 7 5.42 -6.23 -23.24
CA MET A 7 5.23 -6.88 -21.94
C MET A 7 3.83 -6.64 -21.46
N THR A 8 3.30 -5.47 -21.84
CA THR A 8 1.94 -5.03 -21.58
C THR A 8 1.48 -5.22 -20.15
N GLY A 9 0.81 -6.32 -19.93
CA GLY A 9 0.18 -6.61 -18.71
C GLY A 9 -1.24 -6.97 -18.98
N SER A 10 -1.64 -8.10 -18.50
CA SER A 10 -2.99 -8.55 -18.72
C SER A 10 -3.66 -8.98 -17.42
N ASP A 11 -3.02 -9.84 -16.71
CA ASP A 11 -3.56 -10.46 -15.55
C ASP A 11 -3.12 -9.78 -14.31
N LEU A 12 -3.19 -8.52 -14.38
CA LEU A 12 -2.96 -7.70 -13.29
C LEU A 12 -4.21 -6.97 -12.98
N VAL A 13 -4.30 -6.59 -11.79
CA VAL A 13 -5.38 -5.97 -11.22
C VAL A 13 -4.84 -5.07 -10.12
N SER A 14 -5.49 -4.00 -9.89
CA SER A 14 -5.15 -3.12 -8.83
C SER A 14 -6.36 -2.84 -7.99
N CYS A 15 -6.31 -3.28 -6.77
CA CYS A 15 -7.32 -2.99 -5.83
C CYS A 15 -6.89 -1.73 -5.12
N CYS A 16 -7.69 -0.70 -5.23
CA CYS A 16 -7.35 0.59 -4.72
C CYS A 16 -8.30 0.89 -3.63
N TYR A 17 -7.82 1.01 -2.41
CA TYR A 17 -8.74 1.13 -1.34
C TYR A 17 -8.57 2.37 -0.47
N ARG A 18 -9.51 2.50 0.40
CA ARG A 18 -9.62 3.54 1.36
C ARG A 18 -9.52 2.98 2.78
N SER A 19 -8.86 3.68 3.64
CA SER A 19 -8.80 3.36 5.04
C SER A 19 -8.70 4.62 5.86
N LEU A 20 -9.39 4.69 6.93
CA LEU A 20 -9.26 5.88 7.81
C LEU A 20 -8.36 5.58 9.01
N ALA A 21 -7.09 5.12 8.73
CA ALA A 21 -6.08 4.59 9.71
C ALA A 21 -6.38 4.85 11.17
N ALA A 22 -6.52 3.76 11.91
CA ALA A 22 -6.88 3.79 13.26
C ALA A 22 -5.81 4.50 14.07
N PRO A 23 -6.15 5.55 14.76
CA PRO A 23 -5.22 6.28 15.67
C PRO A 23 -4.75 5.42 16.84
N ASP A 24 -5.30 4.25 16.92
CA ASP A 24 -5.05 3.30 17.97
C ASP A 24 -4.01 2.28 17.56
N LEU A 25 -3.48 2.44 16.37
CA LEU A 25 -2.53 1.50 15.83
C LEU A 25 -1.20 1.57 16.53
N THR A 26 -0.60 0.45 16.60
CA THR A 26 0.68 0.31 17.12
C THR A 26 1.73 0.58 16.10
N LEU A 27 2.77 1.26 16.51
CA LEU A 27 3.90 1.61 15.67
C LEU A 27 4.48 0.39 15.04
N ARG A 28 4.63 -0.67 15.79
CA ARG A 28 5.28 -1.81 15.20
C ARG A 28 4.36 -2.55 14.28
N ASP A 29 3.13 -2.16 14.27
CA ASP A 29 2.23 -2.63 13.26
C ASP A 29 2.52 -1.89 11.99
N LEU A 30 2.86 -0.57 12.08
CA LEU A 30 3.17 0.22 10.84
C LEU A 30 4.47 -0.27 10.28
N LEU A 31 5.38 -0.47 11.18
CA LEU A 31 6.72 -0.92 10.85
C LEU A 31 6.68 -2.34 10.33
N ASP A 32 5.81 -3.13 10.89
CA ASP A 32 5.60 -4.50 10.33
C ASP A 32 4.98 -4.41 8.93
N ILE A 33 4.09 -3.42 8.69
CA ILE A 33 3.49 -3.20 7.35
C ILE A 33 4.59 -3.03 6.33
N VAL A 34 5.47 -2.09 6.60
CA VAL A 34 6.57 -1.76 5.69
C VAL A 34 7.61 -2.91 5.58
N GLU A 35 7.52 -3.85 6.50
CA GLU A 35 8.37 -5.00 6.51
C GLU A 35 7.69 -6.14 5.69
N THR A 36 6.54 -6.56 6.13
CA THR A 36 5.82 -7.69 5.59
C THR A 36 5.24 -7.45 4.17
N SER A 37 4.74 -6.24 3.92
CA SER A 37 4.07 -5.91 2.66
C SER A 37 4.96 -6.22 1.44
N GLN A 38 6.18 -5.73 1.49
CA GLN A 38 7.15 -5.90 0.40
C GLN A 38 7.46 -7.35 0.18
N ALA A 39 7.64 -8.05 1.25
CA ALA A 39 8.07 -9.42 1.22
C ALA A 39 7.09 -10.33 0.48
N HIS A 40 5.81 -10.13 0.70
CA HIS A 40 4.80 -10.90 -0.03
C HIS A 40 4.61 -10.31 -1.40
N ASN A 41 4.64 -8.99 -1.51
CA ASN A 41 4.46 -8.33 -2.80
C ASN A 41 5.52 -8.70 -3.77
N ALA A 42 6.76 -8.65 -3.33
CA ALA A 42 7.89 -8.98 -4.18
C ALA A 42 7.80 -10.42 -4.63
N ARG A 43 7.37 -11.26 -3.72
CA ARG A 43 7.24 -12.67 -3.98
C ARG A 43 6.11 -12.90 -4.97
N ALA A 44 4.95 -12.35 -4.69
CA ALA A 44 3.81 -12.57 -5.55
C ALA A 44 3.82 -11.72 -6.83
N GLN A 45 4.85 -10.84 -6.94
CA GLN A 45 5.10 -9.98 -8.13
C GLN A 45 4.09 -8.83 -8.18
N LEU A 46 3.70 -8.45 -7.01
CA LEU A 46 2.81 -7.36 -6.71
C LEU A 46 3.59 -6.09 -6.43
N THR A 47 3.09 -5.00 -6.93
CA THR A 47 3.68 -3.71 -6.75
C THR A 47 2.65 -2.79 -6.08
N GLY A 48 3.09 -1.72 -5.46
CA GLY A 48 2.17 -0.99 -4.60
C GLY A 48 2.67 0.34 -4.18
N ALA A 49 1.83 1.03 -3.46
CA ALA A 49 2.19 2.26 -2.79
C ALA A 49 1.10 2.63 -1.80
N LEU A 50 1.43 3.42 -0.80
CA LEU A 50 0.43 3.89 0.11
C LEU A 50 0.73 5.30 0.53
N PHE A 51 -0.30 6.05 0.71
CA PHE A 51 -0.22 7.40 1.13
C PHE A 51 -0.99 7.55 2.43
N TYR A 52 -0.28 7.77 3.50
CA TYR A 52 -0.90 7.99 4.78
C TYR A 52 -0.92 9.49 4.97
N SER A 53 -2.06 10.09 4.83
CA SER A 53 -2.18 11.52 4.92
C SER A 53 -3.07 11.91 6.10
N GLN A 54 -2.44 12.18 7.25
CA GLN A 54 -3.11 12.63 8.49
C GLN A 54 -3.99 11.51 9.09
N GLY A 55 -5.10 11.24 8.46
CA GLY A 55 -6.00 10.21 8.89
C GLY A 55 -6.39 9.31 7.73
N VAL A 56 -6.50 9.88 6.54
CA VAL A 56 -6.83 9.08 5.39
C VAL A 56 -5.64 8.23 4.94
N PHE A 57 -5.79 6.97 5.14
CA PHE A 57 -4.81 6.00 4.80
C PHE A 57 -5.22 5.38 3.47
N PHE A 58 -4.50 5.67 2.43
CA PHE A 58 -4.83 5.17 1.11
C PHE A 58 -3.77 4.21 0.64
N GLN A 59 -4.16 2.99 0.34
CA GLN A 59 -3.21 2.02 -0.15
C GLN A 59 -3.85 1.24 -1.27
N TRP A 60 -3.08 1.00 -2.29
CA TRP A 60 -3.54 0.19 -3.36
C TRP A 60 -2.36 -0.63 -3.84
N LEU A 61 -2.62 -1.66 -4.59
CA LEU A 61 -1.56 -2.50 -5.09
C LEU A 61 -1.89 -3.02 -6.46
N GLU A 62 -0.86 -3.24 -7.22
CA GLU A 62 -0.92 -3.77 -8.55
C GLU A 62 -0.46 -5.23 -8.45
N GLY A 63 -1.24 -6.16 -8.89
CA GLY A 63 -0.82 -7.53 -8.82
C GLY A 63 -1.71 -8.42 -9.62
N HIS A 64 -1.38 -9.70 -9.71
CA HIS A 64 -2.29 -10.65 -10.37
C HIS A 64 -3.52 -10.84 -9.46
N PRO A 65 -4.77 -10.67 -10.00
CA PRO A 65 -6.06 -10.65 -9.26
C PRO A 65 -6.13 -11.45 -7.97
N ALA A 66 -5.79 -12.71 -8.03
CA ALA A 66 -5.92 -13.56 -6.85
C ALA A 66 -4.89 -13.29 -5.81
N ALA A 67 -3.76 -12.82 -6.21
CA ALA A 67 -2.72 -12.48 -5.27
C ALA A 67 -3.14 -11.24 -4.53
N VAL A 68 -3.79 -10.37 -5.28
CA VAL A 68 -4.31 -9.13 -4.77
C VAL A 68 -5.39 -9.47 -3.77
N ALA A 69 -6.25 -10.39 -4.14
CA ALA A 69 -7.33 -10.82 -3.30
C ALA A 69 -6.86 -11.61 -2.09
N GLU A 70 -5.77 -12.28 -2.25
CA GLU A 70 -5.14 -13.04 -1.18
C GLU A 70 -4.63 -12.06 -0.15
N VAL A 71 -4.20 -10.89 -0.58
CA VAL A 71 -3.88 -9.92 0.37
C VAL A 71 -5.16 -9.19 0.84
N MET A 72 -6.16 -8.97 -0.07
CA MET A 72 -7.46 -8.41 0.30
C MET A 72 -8.07 -9.18 1.43
N SER A 73 -8.14 -10.49 1.29
CA SER A 73 -8.69 -11.36 2.31
C SER A 73 -7.98 -11.15 3.67
N HIS A 74 -6.67 -11.04 3.64
CA HIS A 74 -5.92 -10.72 4.88
C HIS A 74 -6.25 -9.31 5.38
N ILE A 75 -6.10 -8.37 4.48
CA ILE A 75 -6.27 -6.94 4.71
C ILE A 75 -7.67 -6.54 5.21
N GLN A 76 -8.70 -7.02 4.55
CA GLN A 76 -10.10 -6.78 4.84
C GLN A 76 -10.55 -7.20 6.21
N ARG A 77 -9.84 -8.11 6.81
CA ARG A 77 -10.09 -8.46 8.21
C ARG A 77 -9.80 -7.23 9.12
N ASP A 78 -8.79 -6.47 8.73
CA ASP A 78 -8.31 -5.22 9.39
C ASP A 78 -7.77 -5.48 10.77
N ARG A 79 -6.85 -4.64 11.14
CA ARG A 79 -5.94 -4.85 12.24
C ARG A 79 -4.94 -3.70 12.26
N ARG A 80 -4.64 -3.18 11.07
CA ARG A 80 -3.66 -2.12 10.92
C ARG A 80 -4.18 -0.98 10.05
N HIS A 81 -5.47 -0.82 9.98
CA HIS A 81 -6.08 0.26 9.25
C HIS A 81 -7.23 0.64 10.10
N SER A 82 -8.21 1.31 9.58
CA SER A 82 -9.35 1.58 10.42
C SER A 82 -10.64 1.02 9.86
N ASN A 83 -10.62 0.58 8.63
CA ASN A 83 -11.87 0.22 7.94
C ASN A 83 -11.61 -0.74 6.84
N VAL A 84 -10.72 -0.28 6.07
CA VAL A 84 -10.31 -0.76 4.81
C VAL A 84 -11.39 -1.18 3.87
N GLU A 85 -11.89 -0.20 3.17
CA GLU A 85 -12.83 -0.47 2.13
C GLU A 85 -12.21 -0.23 0.79
N ILE A 86 -12.07 -1.30 0.07
CA ILE A 86 -11.51 -1.36 -1.28
C ILE A 86 -12.20 -0.34 -2.17
N LEU A 87 -13.39 -0.66 -2.55
CA LEU A 87 -14.27 0.18 -3.38
C LEU A 87 -13.88 0.14 -4.84
N ALA A 88 -12.59 0.04 -5.10
CA ALA A 88 -12.12 0.07 -6.46
C ALA A 88 -11.21 -1.08 -6.77
N GLU A 89 -11.58 -1.88 -7.73
CA GLU A 89 -10.76 -2.97 -8.18
C GLU A 89 -10.80 -2.98 -9.69
N GLU A 90 -9.72 -2.65 -10.30
CA GLU A 90 -9.66 -2.55 -11.74
C GLU A 90 -8.57 -3.44 -12.30
N SER A 91 -8.81 -4.01 -13.46
CA SER A 91 -7.85 -4.84 -14.11
C SER A 91 -6.82 -3.99 -14.81
N ILE A 92 -5.59 -4.17 -14.43
CA ILE A 92 -4.52 -3.35 -14.95
C ILE A 92 -3.49 -4.08 -15.77
N ALA A 93 -2.55 -3.29 -16.27
CA ALA A 93 -1.41 -3.82 -17.00
C ALA A 93 -0.19 -3.73 -16.16
N LYS A 94 -0.41 -3.12 -15.05
CA LYS A 94 0.53 -2.88 -14.06
C LYS A 94 1.77 -2.14 -14.60
N ARG A 95 2.87 -2.25 -13.87
CA ARG A 95 4.19 -1.77 -14.24
C ARG A 95 4.33 -0.29 -13.92
N ARG A 96 3.50 0.15 -13.02
CA ARG A 96 3.48 1.53 -12.64
C ARG A 96 4.49 1.82 -11.55
N PHE A 97 4.40 1.13 -10.44
CA PHE A 97 5.28 1.47 -9.32
C PHE A 97 6.45 0.55 -9.17
N ALA A 98 6.32 -0.60 -9.79
CA ALA A 98 7.37 -1.66 -9.86
C ALA A 98 7.72 -2.32 -8.50
N GLY A 99 7.39 -1.68 -7.44
CA GLY A 99 7.50 -2.23 -6.12
C GLY A 99 6.48 -1.57 -5.26
N TRP A 100 6.17 -2.12 -4.12
CA TRP A 100 5.28 -1.45 -3.20
C TRP A 100 6.04 -0.35 -2.48
N HIS A 101 5.46 0.81 -2.42
CA HIS A 101 6.08 1.96 -1.84
C HIS A 101 5.27 2.45 -0.66
N MET A 102 5.88 3.20 0.20
CA MET A 102 5.19 3.78 1.32
C MET A 102 5.65 5.21 1.43
N GLN A 103 4.70 6.14 1.42
CA GLN A 103 5.06 7.55 1.42
C GLN A 103 5.72 7.95 2.73
N LEU A 104 5.04 7.71 3.83
CA LEU A 104 5.63 7.99 5.09
C LEU A 104 6.31 6.71 5.55
N SER A 105 7.44 6.43 4.94
CA SER A 105 8.24 5.29 5.31
C SER A 105 9.35 5.79 6.22
N CYS A 106 9.54 7.10 6.16
CA CYS A 106 10.49 7.83 6.93
C CYS A 106 9.92 9.21 7.10
N SER A 107 10.27 9.87 8.16
CA SER A 107 9.82 11.20 8.40
C SER A 107 10.62 12.18 7.52
N GLU A 108 10.15 13.40 7.40
CA GLU A 108 10.81 14.41 6.62
C GLU A 108 12.13 14.88 7.26
N ALA A 109 13.22 14.30 6.81
CA ALA A 109 14.52 14.64 7.33
C ALA A 109 15.12 15.80 6.58
N ASP A 110 14.87 15.84 5.30
CA ASP A 110 15.45 16.85 4.43
C ASP A 110 14.54 18.04 4.33
N MET A 111 13.24 17.82 4.45
CA MET A 111 12.32 18.95 4.44
C MET A 111 12.48 19.65 5.78
N ARG A 112 12.32 18.85 6.87
CA ARG A 112 12.56 19.23 8.28
C ARG A 112 11.80 20.49 8.68
N SER A 113 10.66 20.63 8.07
CA SER A 113 9.84 21.77 8.27
C SER A 113 8.67 21.48 9.19
N LEU A 114 8.54 20.24 9.63
CA LEU A 114 7.49 19.90 10.57
C LEU A 114 7.99 19.01 11.70
N GLY A 115 8.95 18.14 11.39
CA GLY A 115 9.55 17.33 12.41
C GLY A 115 10.46 18.17 13.28
N LEU A 116 11.07 19.15 12.65
CA LEU A 116 11.96 20.06 13.36
C LEU A 116 11.30 21.38 13.65
N ALA A 117 10.50 21.85 12.72
CA ALA A 117 9.87 23.12 12.90
C ALA A 117 8.49 22.93 13.52
N GLU A 118 8.49 22.84 14.83
CA GLU A 118 7.28 22.69 15.59
C GLU A 118 7.54 23.23 17.00
N SER A 119 7.20 24.46 17.19
CA SER A 119 7.34 25.10 18.47
C SER A 119 6.15 26.01 18.62
N ARG A 120 5.82 26.36 19.85
CA ARG A 120 4.69 27.22 20.06
C ARG A 120 5.19 28.61 20.40
N GLN A 121 6.49 28.74 20.45
CA GLN A 121 7.13 30.00 20.78
C GLN A 121 8.25 30.31 19.79
N LEU A 1 17.62 -1.84 -32.76
CA LEU A 1 16.38 -1.38 -32.11
C LEU A 1 15.17 -2.04 -32.74
N GLU A 2 14.44 -2.76 -31.93
CA GLU A 2 13.21 -3.36 -32.32
C GLU A 2 12.14 -2.79 -31.42
N ALA A 3 10.94 -2.76 -31.88
CA ALA A 3 9.84 -2.21 -31.11
C ALA A 3 9.40 -3.18 -30.03
N ASP A 4 8.90 -2.64 -28.95
CA ASP A 4 8.41 -3.43 -27.84
C ASP A 4 7.09 -4.10 -28.22
N VAL A 5 6.78 -5.20 -27.58
CA VAL A 5 5.59 -5.96 -27.85
C VAL A 5 4.32 -5.25 -27.39
N THR A 6 4.49 -4.29 -26.49
CA THR A 6 3.42 -3.56 -25.86
C THR A 6 2.42 -4.49 -25.20
N MET A 7 2.82 -5.02 -24.07
CA MET A 7 1.98 -5.92 -23.35
C MET A 7 0.82 -5.14 -22.80
N THR A 8 -0.34 -5.61 -23.08
CA THR A 8 -1.54 -4.97 -22.69
C THR A 8 -1.91 -5.28 -21.26
N GLY A 9 -1.28 -6.32 -20.71
CA GLY A 9 -1.49 -6.70 -19.33
C GLY A 9 -2.90 -7.10 -19.04
N SER A 10 -3.17 -8.35 -19.14
CA SER A 10 -4.49 -8.83 -18.94
C SER A 10 -4.73 -9.26 -17.51
N ASP A 11 -3.78 -9.96 -16.95
CA ASP A 11 -3.94 -10.54 -15.68
C ASP A 11 -3.29 -9.80 -14.58
N LEU A 12 -3.45 -8.55 -14.63
CA LEU A 12 -3.11 -7.71 -13.58
C LEU A 12 -4.34 -6.97 -13.16
N VAL A 13 -4.35 -6.61 -11.94
CA VAL A 13 -5.39 -5.95 -11.31
C VAL A 13 -4.77 -5.11 -10.18
N SER A 14 -5.35 -4.00 -9.91
CA SER A 14 -4.92 -3.18 -8.83
C SER A 14 -6.11 -2.83 -8.00
N CYS A 15 -6.05 -3.15 -6.76
CA CYS A 15 -7.09 -2.81 -5.87
C CYS A 15 -6.64 -1.54 -5.17
N CYS A 16 -7.47 -0.55 -5.14
CA CYS A 16 -7.11 0.74 -4.59
C CYS A 16 -7.98 0.98 -3.41
N TYR A 17 -7.42 0.92 -2.21
CA TYR A 17 -8.26 0.99 -1.08
C TYR A 17 -7.99 2.18 -0.21
N ARG A 18 -9.01 2.62 0.46
CA ARG A 18 -8.98 3.75 1.31
C ARG A 18 -9.31 3.30 2.73
N SER A 19 -8.40 3.49 3.62
CA SER A 19 -8.58 3.17 5.00
C SER A 19 -8.45 4.45 5.81
N LEU A 20 -8.77 4.38 7.06
CA LEU A 20 -8.66 5.56 7.94
C LEU A 20 -7.78 5.26 9.12
N ALA A 21 -6.58 4.66 8.83
CA ALA A 21 -5.53 4.22 9.82
C ALA A 21 -5.99 4.31 11.26
N ALA A 22 -6.29 3.16 11.83
CA ALA A 22 -6.91 3.10 13.11
C ALA A 22 -6.08 3.79 14.19
N PRO A 23 -6.74 4.47 15.13
CA PRO A 23 -6.10 5.20 16.26
C PRO A 23 -5.26 4.31 17.18
N ASP A 24 -5.38 3.05 16.97
CA ASP A 24 -4.71 2.06 17.78
C ASP A 24 -3.47 1.52 17.06
N LEU A 25 -3.05 2.25 16.07
CA LEU A 25 -1.83 1.97 15.36
C LEU A 25 -0.63 2.52 16.07
N THR A 26 0.46 1.89 15.91
CA THR A 26 1.71 2.37 16.38
C THR A 26 2.60 2.55 15.23
N LEU A 27 3.65 3.29 15.44
CA LEU A 27 4.69 3.43 14.45
C LEU A 27 5.26 2.08 14.17
N ARG A 28 5.40 1.25 15.21
CA ARG A 28 6.03 -0.01 14.97
C ARG A 28 5.11 -0.88 14.15
N ASP A 29 3.82 -0.63 14.25
CA ASP A 29 2.89 -1.36 13.45
C ASP A 29 2.96 -0.88 12.01
N LEU A 30 3.26 0.44 11.75
CA LEU A 30 3.42 0.88 10.33
C LEU A 30 4.63 0.23 9.74
N LEU A 31 5.64 0.16 10.56
CA LEU A 31 6.91 -0.38 10.17
C LEU A 31 6.86 -1.91 10.11
N ASP A 32 5.85 -2.46 10.73
CA ASP A 32 5.53 -3.89 10.61
C ASP A 32 4.73 -4.09 9.30
N ILE A 33 3.73 -3.22 9.11
CA ILE A 33 2.88 -3.16 7.92
C ILE A 33 3.69 -3.17 6.65
N VAL A 34 4.66 -2.27 6.56
CA VAL A 34 5.51 -2.18 5.37
C VAL A 34 6.22 -3.52 5.08
N GLU A 35 6.64 -4.21 6.12
CA GLU A 35 7.31 -5.49 5.96
C GLU A 35 6.36 -6.62 5.60
N THR A 36 5.25 -6.75 6.33
CA THR A 36 4.28 -7.81 6.07
C THR A 36 3.63 -7.67 4.69
N SER A 37 3.61 -6.47 4.15
CA SER A 37 3.06 -6.24 2.87
C SER A 37 4.06 -6.58 1.79
N GLN A 38 5.17 -5.87 1.79
CA GLN A 38 6.19 -5.96 0.77
C GLN A 38 6.72 -7.39 0.59
N ALA A 39 6.93 -8.08 1.71
CA ALA A 39 7.54 -9.41 1.66
C ALA A 39 6.65 -10.41 0.95
N HIS A 40 5.36 -10.32 1.15
CA HIS A 40 4.45 -11.25 0.50
C HIS A 40 4.17 -10.76 -0.91
N ASN A 41 4.13 -9.46 -1.06
CA ASN A 41 3.85 -8.85 -2.34
C ASN A 41 4.96 -9.06 -3.31
N ALA A 42 6.20 -8.92 -2.86
CA ALA A 42 7.37 -9.18 -3.68
C ALA A 42 7.34 -10.61 -4.18
N ARG A 43 6.98 -11.50 -3.26
CA ARG A 43 6.86 -12.91 -3.54
C ARG A 43 5.75 -13.14 -4.55
N ALA A 44 4.63 -12.45 -4.35
CA ALA A 44 3.51 -12.58 -5.24
C ALA A 44 3.70 -11.76 -6.56
N GLN A 45 4.81 -11.01 -6.64
CA GLN A 45 5.20 -10.19 -7.82
C GLN A 45 4.33 -8.93 -7.96
N LEU A 46 3.84 -8.54 -6.83
CA LEU A 46 2.99 -7.38 -6.62
C LEU A 46 3.80 -6.13 -6.32
N THR A 47 3.35 -5.05 -6.87
CA THR A 47 3.95 -3.77 -6.73
C THR A 47 2.92 -2.82 -6.13
N GLY A 48 3.34 -1.78 -5.45
CA GLY A 48 2.39 -1.04 -4.64
C GLY A 48 2.87 0.27 -4.19
N ALA A 49 2.01 0.97 -3.52
CA ALA A 49 2.32 2.25 -2.93
C ALA A 49 1.24 2.61 -1.93
N LEU A 50 1.55 3.50 -1.01
CA LEU A 50 0.58 3.96 -0.06
C LEU A 50 0.92 5.35 0.38
N PHE A 51 -0.09 6.07 0.75
CA PHE A 51 0.04 7.41 1.23
C PHE A 51 -0.76 7.55 2.50
N TYR A 52 -0.06 7.66 3.60
CA TYR A 52 -0.68 7.84 4.88
C TYR A 52 -0.64 9.33 5.16
N SER A 53 -1.79 9.95 5.13
CA SER A 53 -1.84 11.35 5.37
C SER A 53 -2.78 11.69 6.53
N GLN A 54 -2.19 11.92 7.70
CA GLN A 54 -2.88 12.34 8.93
C GLN A 54 -3.74 11.21 9.51
N GLY A 55 -4.76 10.84 8.80
CA GLY A 55 -5.65 9.81 9.23
C GLY A 55 -6.08 8.94 8.09
N VAL A 56 -6.26 9.53 6.92
CA VAL A 56 -6.64 8.75 5.77
C VAL A 56 -5.45 7.98 5.24
N PHE A 57 -5.60 6.70 5.29
CA PHE A 57 -4.60 5.78 4.92
C PHE A 57 -4.96 5.20 3.54
N PHE A 58 -4.25 5.57 2.52
CA PHE A 58 -4.56 5.08 1.20
C PHE A 58 -3.48 4.12 0.76
N GLN A 59 -3.86 2.94 0.39
CA GLN A 59 -2.91 1.92 -0.01
C GLN A 59 -3.49 1.21 -1.22
N TRP A 60 -2.72 1.03 -2.25
CA TRP A 60 -3.20 0.27 -3.37
C TRP A 60 -2.06 -0.56 -3.92
N LEU A 61 -2.39 -1.71 -4.45
CA LEU A 61 -1.39 -2.60 -4.97
C LEU A 61 -1.75 -3.08 -6.35
N GLU A 62 -0.76 -3.16 -7.19
CA GLU A 62 -0.90 -3.66 -8.52
C GLU A 62 -0.24 -5.04 -8.61
N GLY A 63 -0.99 -6.01 -9.03
CA GLY A 63 -0.51 -7.37 -9.05
C GLY A 63 -1.46 -8.25 -9.85
N HIS A 64 -1.16 -9.51 -10.00
CA HIS A 64 -2.10 -10.46 -10.63
C HIS A 64 -3.32 -10.67 -9.71
N PRO A 65 -4.59 -10.55 -10.25
CA PRO A 65 -5.88 -10.56 -9.51
C PRO A 65 -5.97 -11.44 -8.28
N ALA A 66 -5.64 -12.70 -8.39
CA ALA A 66 -5.76 -13.58 -7.25
C ALA A 66 -4.76 -13.30 -6.18
N ALA A 67 -3.65 -12.78 -6.53
CA ALA A 67 -2.66 -12.41 -5.57
C ALA A 67 -3.21 -11.27 -4.77
N VAL A 68 -3.79 -10.34 -5.49
CA VAL A 68 -4.40 -9.16 -4.94
C VAL A 68 -5.46 -9.58 -3.97
N ALA A 69 -6.29 -10.53 -4.40
CA ALA A 69 -7.38 -11.01 -3.59
C ALA A 69 -6.94 -11.83 -2.40
N GLU A 70 -5.89 -12.58 -2.55
CA GLU A 70 -5.32 -13.34 -1.44
C GLU A 70 -4.82 -12.31 -0.43
N VAL A 71 -4.19 -11.28 -0.94
CA VAL A 71 -3.81 -10.12 -0.17
C VAL A 71 -5.06 -9.45 0.46
N MET A 72 -6.13 -9.28 -0.33
CA MET A 72 -7.40 -8.78 0.16
C MET A 72 -7.92 -9.61 1.29
N SER A 73 -7.93 -10.91 1.13
CA SER A 73 -8.36 -11.83 2.18
C SER A 73 -7.51 -11.64 3.48
N HIS A 74 -6.23 -11.36 3.33
CA HIS A 74 -5.39 -10.97 4.48
C HIS A 74 -5.92 -9.67 5.08
N ILE A 75 -5.94 -8.69 4.22
CA ILE A 75 -6.22 -7.31 4.52
C ILE A 75 -7.62 -6.99 5.06
N GLN A 76 -8.64 -7.50 4.44
CA GLN A 76 -10.02 -7.30 4.82
C GLN A 76 -10.41 -7.88 6.17
N ARG A 77 -9.61 -8.77 6.71
CA ARG A 77 -9.90 -9.32 8.04
C ARG A 77 -9.07 -8.60 9.12
N ASP A 78 -8.59 -7.41 8.80
CA ASP A 78 -7.74 -6.66 9.73
C ASP A 78 -8.59 -5.82 10.72
N ARG A 79 -8.06 -4.69 11.15
CA ARG A 79 -8.57 -3.93 12.28
C ARG A 79 -7.87 -2.54 12.35
N ARG A 80 -6.56 -2.53 12.11
CA ARG A 80 -5.76 -1.35 12.31
C ARG A 80 -5.62 -0.43 11.08
N HIS A 81 -5.87 -0.93 9.94
CA HIS A 81 -6.11 -0.06 8.81
C HIS A 81 -7.56 0.11 8.72
N SER A 82 -7.96 1.05 9.52
CA SER A 82 -9.30 1.26 10.03
C SER A 82 -10.46 0.46 9.43
N ASN A 83 -10.75 0.69 8.21
CA ASN A 83 -11.90 0.02 7.57
C ASN A 83 -11.50 -0.82 6.40
N VAL A 84 -10.37 -0.51 5.91
CA VAL A 84 -9.89 -0.97 4.66
C VAL A 84 -10.91 -1.13 3.55
N GLU A 85 -11.41 0.00 3.15
CA GLU A 85 -12.39 0.07 2.11
C GLU A 85 -11.72 0.10 0.79
N ILE A 86 -11.50 -1.08 0.25
CA ILE A 86 -11.02 -1.24 -1.12
C ILE A 86 -11.88 -0.39 -1.99
N LEU A 87 -13.04 -0.87 -2.24
CA LEU A 87 -14.09 -0.20 -2.99
C LEU A 87 -13.68 0.20 -4.43
N ALA A 88 -12.42 -0.01 -4.79
CA ALA A 88 -11.96 0.20 -6.14
C ALA A 88 -11.07 -0.93 -6.52
N GLU A 89 -11.51 -1.71 -7.46
CA GLU A 89 -10.74 -2.81 -7.94
C GLU A 89 -10.77 -2.73 -9.46
N GLU A 90 -9.65 -2.42 -10.04
CA GLU A 90 -9.58 -2.27 -11.48
C GLU A 90 -8.56 -3.21 -12.08
N SER A 91 -8.86 -3.71 -13.25
CA SER A 91 -7.97 -4.57 -13.95
C SER A 91 -6.94 -3.72 -14.64
N ILE A 92 -5.71 -4.06 -14.46
CA ILE A 92 -4.62 -3.26 -14.97
C ILE A 92 -3.64 -4.03 -15.79
N ALA A 93 -2.65 -3.30 -16.29
CA ALA A 93 -1.52 -3.90 -16.99
C ALA A 93 -0.32 -3.86 -16.15
N LYS A 94 -0.52 -3.29 -15.03
CA LYS A 94 0.45 -3.08 -14.05
C LYS A 94 1.64 -2.28 -14.62
N ARG A 95 2.73 -2.30 -13.88
CA ARG A 95 3.98 -1.63 -14.25
C ARG A 95 3.89 -0.16 -13.98
N ARG A 96 3.10 0.19 -13.01
CA ARG A 96 2.94 1.56 -12.65
C ARG A 96 3.96 1.96 -11.60
N PHE A 97 4.12 1.17 -10.55
CA PHE A 97 5.09 1.53 -9.54
C PHE A 97 6.31 0.66 -9.55
N ALA A 98 6.11 -0.53 -10.04
CA ALA A 98 7.16 -1.59 -10.21
C ALA A 98 7.85 -2.04 -8.89
N GLY A 99 7.58 -1.33 -7.83
CA GLY A 99 8.05 -1.63 -6.51
C GLY A 99 7.06 -1.05 -5.57
N TRP A 100 7.07 -1.45 -4.31
CA TRP A 100 6.18 -0.78 -3.33
C TRP A 100 6.70 0.65 -3.00
N HIS A 101 5.80 1.58 -2.74
CA HIS A 101 6.17 2.93 -2.36
C HIS A 101 5.41 3.35 -1.11
N MET A 102 6.03 3.17 0.02
CA MET A 102 5.36 3.42 1.31
C MET A 102 5.66 4.86 1.73
N GLN A 103 4.63 5.68 1.81
CA GLN A 103 4.77 7.05 2.21
C GLN A 103 4.16 7.35 3.57
N LEU A 104 5.02 7.32 4.54
CA LEU A 104 4.74 7.71 5.89
C LEU A 104 5.99 8.39 6.41
N SER A 105 5.83 9.64 6.84
CA SER A 105 6.92 10.50 7.29
C SER A 105 7.89 10.84 6.15
N CYS A 106 8.82 11.70 6.44
CA CYS A 106 9.91 11.99 5.56
C CYS A 106 10.89 10.84 5.64
N SER A 107 11.51 10.49 4.51
CA SER A 107 12.44 9.38 4.46
C SER A 107 13.62 9.62 5.40
N GLU A 108 14.09 10.84 5.46
CA GLU A 108 15.15 11.17 6.37
C GLU A 108 14.58 11.58 7.70
N ALA A 109 14.16 12.85 7.81
CA ALA A 109 13.59 13.46 9.04
C ALA A 109 14.57 13.52 10.21
N ASP A 110 15.76 12.99 10.01
CA ASP A 110 16.75 12.84 11.08
C ASP A 110 17.24 14.16 11.58
N MET A 111 17.36 15.13 10.68
CA MET A 111 17.81 16.47 11.04
C MET A 111 16.78 17.17 11.90
N ARG A 112 15.53 16.69 11.80
CA ARG A 112 14.35 17.14 12.57
C ARG A 112 14.01 18.64 12.52
N SER A 113 14.79 19.42 11.80
CA SER A 113 14.59 20.85 11.63
C SER A 113 13.30 21.16 10.86
N LEU A 114 12.75 20.11 10.27
CA LEU A 114 11.49 20.15 9.52
C LEU A 114 10.32 20.57 10.41
N GLY A 115 10.45 20.34 11.70
CA GLY A 115 9.36 20.65 12.62
C GLY A 115 9.23 19.62 13.73
N LEU A 116 10.08 18.61 13.68
CA LEU A 116 10.09 17.58 14.70
C LEU A 116 10.93 18.05 15.89
N ALA A 117 11.81 18.99 15.62
CA ALA A 117 12.64 19.55 16.63
C ALA A 117 11.85 20.62 17.34
N GLU A 118 11.14 20.21 18.33
CA GLU A 118 10.34 21.10 19.10
C GLU A 118 11.21 21.97 20.00
N SER A 119 11.24 23.24 19.67
CA SER A 119 11.89 24.23 20.47
C SER A 119 11.02 24.47 21.70
N ARG A 120 11.63 24.50 22.84
CA ARG A 120 10.91 24.64 24.05
C ARG A 120 11.56 25.65 24.94
N GLN A 121 10.77 26.56 25.33
CA GLN A 121 11.15 27.65 26.19
C GLN A 121 10.90 27.33 27.66
N LEU A 1 12.31 -4.93 -35.09
CA LEU A 1 12.67 -4.62 -33.71
C LEU A 1 12.33 -5.83 -32.88
N GLU A 2 13.09 -6.07 -31.84
CA GLU A 2 12.80 -7.17 -30.96
C GLU A 2 11.55 -6.84 -30.16
N ALA A 3 10.80 -7.85 -29.83
CA ALA A 3 9.53 -7.70 -29.17
C ALA A 3 9.68 -7.05 -27.81
N ASP A 4 8.88 -6.07 -27.57
CA ASP A 4 8.88 -5.36 -26.34
C ASP A 4 7.59 -5.68 -25.62
N VAL A 5 7.55 -5.52 -24.31
CA VAL A 5 6.38 -5.75 -23.55
C VAL A 5 5.20 -4.87 -23.99
N THR A 6 5.52 -3.62 -24.40
CA THR A 6 4.54 -2.64 -24.85
C THR A 6 3.34 -2.53 -23.91
N MET A 7 2.17 -2.48 -24.47
CA MET A 7 0.96 -2.48 -23.71
C MET A 7 0.61 -3.92 -23.41
N THR A 8 0.81 -4.32 -22.18
CA THR A 8 0.53 -5.65 -21.76
C THR A 8 -0.98 -5.90 -21.67
N GLY A 9 -1.60 -5.30 -20.66
CA GLY A 9 -3.03 -5.48 -20.44
C GLY A 9 -3.36 -6.92 -20.18
N SER A 10 -2.68 -7.48 -19.22
CA SER A 10 -2.76 -8.86 -18.94
C SER A 10 -3.62 -9.11 -17.68
N ASP A 11 -3.17 -10.03 -16.86
CA ASP A 11 -3.88 -10.51 -15.71
C ASP A 11 -3.38 -9.83 -14.50
N LEU A 12 -3.35 -8.58 -14.58
CA LEU A 12 -3.04 -7.76 -13.49
C LEU A 12 -4.26 -7.05 -13.10
N VAL A 13 -4.29 -6.65 -11.91
CA VAL A 13 -5.37 -6.04 -11.31
C VAL A 13 -4.83 -5.10 -10.25
N SER A 14 -5.53 -4.05 -10.00
CA SER A 14 -5.18 -3.14 -8.96
C SER A 14 -6.38 -2.90 -8.09
N CYS A 15 -6.27 -3.31 -6.87
CA CYS A 15 -7.27 -3.02 -5.89
C CYS A 15 -6.81 -1.81 -5.12
N CYS A 16 -7.50 -0.73 -5.29
CA CYS A 16 -7.14 0.51 -4.69
C CYS A 16 -8.03 0.67 -3.52
N TYR A 17 -7.53 1.09 -2.37
CA TYR A 17 -8.39 1.19 -1.25
C TYR A 17 -8.08 2.37 -0.36
N ARG A 18 -9.06 2.73 0.43
CA ARG A 18 -8.93 3.79 1.39
C ARG A 18 -8.97 3.18 2.80
N SER A 19 -8.46 3.88 3.75
CA SER A 19 -8.64 3.51 5.12
C SER A 19 -8.64 4.72 5.99
N LEU A 20 -9.50 4.73 6.93
CA LEU A 20 -9.61 5.87 7.84
C LEU A 20 -8.72 5.69 9.07
N ALA A 21 -7.50 5.11 8.83
CA ALA A 21 -6.43 4.73 9.84
C ALA A 21 -6.78 4.91 11.32
N ALA A 22 -6.75 3.82 12.07
CA ALA A 22 -7.14 3.82 13.42
C ALA A 22 -6.08 4.53 14.25
N PRO A 23 -6.45 5.58 14.93
CA PRO A 23 -5.54 6.36 15.80
C PRO A 23 -5.08 5.61 17.04
N ASP A 24 -5.55 4.42 17.16
CA ASP A 24 -5.26 3.57 18.30
C ASP A 24 -4.32 2.46 17.91
N LEU A 25 -3.64 2.63 16.78
CA LEU A 25 -2.70 1.65 16.31
C LEU A 25 -1.32 1.86 16.88
N THR A 26 -0.50 0.88 16.67
CA THR A 26 0.86 0.93 17.02
C THR A 26 1.73 1.05 15.80
N LEU A 27 2.56 2.07 15.81
CA LEU A 27 3.51 2.38 14.75
C LEU A 27 4.37 1.19 14.44
N ARG A 28 4.79 0.46 15.47
CA ARG A 28 5.68 -0.66 15.23
C ARG A 28 4.99 -1.70 14.36
N ASP A 29 3.70 -1.80 14.51
CA ASP A 29 2.93 -2.72 13.73
C ASP A 29 2.78 -2.23 12.32
N LEU A 30 2.77 -0.89 12.11
CA LEU A 30 2.75 -0.37 10.72
C LEU A 30 4.03 -0.67 10.06
N LEU A 31 5.07 -0.56 10.81
CA LEU A 31 6.40 -0.73 10.26
C LEU A 31 6.77 -2.20 10.22
N ASP A 32 5.96 -2.99 10.85
CA ASP A 32 6.05 -4.43 10.61
C ASP A 32 5.35 -4.70 9.29
N ILE A 33 4.16 -4.12 9.16
CA ILE A 33 3.35 -4.18 7.94
C ILE A 33 4.18 -3.83 6.72
N VAL A 34 4.89 -2.70 6.78
CA VAL A 34 5.73 -2.26 5.69
C VAL A 34 6.70 -3.38 5.24
N GLU A 35 7.32 -4.04 6.21
CA GLU A 35 8.27 -5.08 5.96
C GLU A 35 7.60 -6.33 5.41
N THR A 36 6.52 -6.73 6.06
CA THR A 36 5.76 -7.90 5.70
C THR A 36 5.12 -7.74 4.30
N SER A 37 4.71 -6.51 3.97
CA SER A 37 4.11 -6.20 2.69
C SER A 37 5.13 -6.33 1.56
N GLN A 38 6.30 -5.69 1.72
CA GLN A 38 7.37 -5.75 0.71
C GLN A 38 7.73 -7.15 0.36
N ALA A 39 7.99 -7.92 1.38
CA ALA A 39 8.45 -9.27 1.25
C ALA A 39 7.40 -10.18 0.61
N HIS A 40 6.14 -9.80 0.73
CA HIS A 40 5.05 -10.57 0.17
C HIS A 40 4.78 -10.10 -1.24
N ASN A 41 4.85 -8.79 -1.43
CA ASN A 41 4.60 -8.17 -2.72
C ASN A 41 5.65 -8.53 -3.71
N ALA A 42 6.91 -8.48 -3.30
CA ALA A 42 8.01 -8.87 -4.16
C ALA A 42 7.85 -10.33 -4.57
N ARG A 43 7.39 -11.12 -3.63
CA ARG A 43 7.21 -12.53 -3.84
C ARG A 43 6.07 -12.78 -4.82
N ALA A 44 4.93 -12.18 -4.54
CA ALA A 44 3.78 -12.41 -5.37
C ALA A 44 3.83 -11.58 -6.68
N GLN A 45 4.87 -10.71 -6.80
CA GLN A 45 5.14 -9.85 -8.00
C GLN A 45 4.19 -8.67 -8.07
N LEU A 46 3.72 -8.33 -6.92
CA LEU A 46 2.82 -7.23 -6.67
C LEU A 46 3.56 -5.94 -6.44
N THR A 47 3.14 -4.92 -7.13
CA THR A 47 3.70 -3.61 -7.01
C THR A 47 2.69 -2.71 -6.32
N GLY A 48 3.13 -1.62 -5.74
CA GLY A 48 2.25 -0.93 -4.84
C GLY A 48 2.72 0.42 -4.45
N ALA A 49 1.92 1.06 -3.67
CA ALA A 49 2.24 2.33 -3.04
C ALA A 49 1.22 2.65 -1.99
N LEU A 50 1.62 3.40 -1.00
CA LEU A 50 0.77 3.73 0.11
C LEU A 50 0.95 5.19 0.45
N PHE A 51 -0.15 5.87 0.51
CA PHE A 51 -0.21 7.23 0.94
C PHE A 51 -0.88 7.23 2.30
N TYR A 52 -0.32 7.95 3.21
CA TYR A 52 -0.85 8.00 4.54
C TYR A 52 -0.63 9.43 5.01
N SER A 53 -1.67 10.13 5.25
CA SER A 53 -1.56 11.50 5.66
C SER A 53 -2.70 11.84 6.58
N GLN A 54 -2.40 12.66 7.59
CA GLN A 54 -3.36 13.14 8.58
C GLN A 54 -3.92 11.98 9.41
N GLY A 55 -4.92 11.30 8.90
CA GLY A 55 -5.49 10.16 9.55
C GLY A 55 -6.12 9.27 8.52
N VAL A 56 -5.68 9.40 7.29
CA VAL A 56 -6.25 8.64 6.22
C VAL A 56 -5.19 7.87 5.46
N PHE A 57 -5.56 6.68 5.17
CA PHE A 57 -4.78 5.76 4.39
C PHE A 57 -5.29 5.71 2.97
N PHE A 58 -4.40 5.61 2.03
CA PHE A 58 -4.75 5.24 0.69
C PHE A 58 -3.67 4.29 0.22
N GLN A 59 -4.04 3.07 -0.05
CA GLN A 59 -3.06 2.07 -0.41
C GLN A 59 -3.63 1.24 -1.52
N TRP A 60 -2.86 0.98 -2.52
CA TRP A 60 -3.31 0.12 -3.56
C TRP A 60 -2.16 -0.74 -4.04
N LEU A 61 -2.46 -1.78 -4.75
CA LEU A 61 -1.47 -2.68 -5.24
C LEU A 61 -1.82 -3.20 -6.61
N GLU A 62 -0.81 -3.37 -7.42
CA GLU A 62 -0.92 -3.90 -8.75
C GLU A 62 -0.41 -5.34 -8.69
N GLY A 63 -1.20 -6.27 -9.08
CA GLY A 63 -0.77 -7.64 -9.06
C GLY A 63 -1.72 -8.53 -9.81
N HIS A 64 -1.41 -9.81 -9.93
CA HIS A 64 -2.35 -10.75 -10.54
C HIS A 64 -3.55 -10.95 -9.57
N PRO A 65 -4.82 -10.84 -10.06
CA PRO A 65 -6.07 -10.80 -9.25
C PRO A 65 -6.08 -11.61 -7.96
N ALA A 66 -5.73 -12.87 -8.02
CA ALA A 66 -5.78 -13.70 -6.83
C ALA A 66 -4.71 -13.40 -5.83
N ALA A 67 -3.64 -12.87 -6.28
CA ALA A 67 -2.60 -12.48 -5.37
C ALA A 67 -3.08 -11.29 -4.60
N VAL A 68 -3.68 -10.38 -5.34
CA VAL A 68 -4.23 -9.14 -4.83
C VAL A 68 -5.30 -9.48 -3.82
N ALA A 69 -6.11 -10.49 -4.14
CA ALA A 69 -7.18 -10.92 -3.29
C ALA A 69 -6.72 -11.71 -2.09
N GLU A 70 -5.65 -12.46 -2.24
CA GLU A 70 -5.04 -13.15 -1.11
C GLU A 70 -4.55 -12.10 -0.14
N VAL A 71 -3.99 -11.06 -0.72
CA VAL A 71 -3.62 -9.89 0.00
C VAL A 71 -4.88 -9.25 0.63
N MET A 72 -5.93 -8.97 -0.18
CA MET A 72 -7.19 -8.43 0.32
C MET A 72 -7.72 -9.23 1.50
N SER A 73 -7.84 -10.54 1.34
CA SER A 73 -8.40 -11.39 2.39
C SER A 73 -7.63 -11.25 3.71
N HIS A 74 -6.30 -11.17 3.62
CA HIS A 74 -5.49 -10.92 4.83
C HIS A 74 -5.86 -9.57 5.42
N ILE A 75 -5.73 -8.54 4.62
CA ILE A 75 -5.84 -7.17 5.10
C ILE A 75 -7.31 -6.76 5.43
N GLN A 76 -8.29 -7.38 4.75
CA GLN A 76 -9.71 -7.01 4.94
C GLN A 76 -10.26 -7.41 6.27
N ARG A 77 -9.54 -8.30 6.98
CA ARG A 77 -9.94 -8.65 8.36
C ARG A 77 -10.02 -7.38 9.22
N ASP A 78 -9.15 -6.41 8.88
CA ASP A 78 -9.07 -5.07 9.48
C ASP A 78 -8.98 -4.94 10.96
N ARG A 79 -7.87 -4.39 11.32
CA ARG A 79 -7.42 -4.30 12.66
C ARG A 79 -6.28 -3.30 12.72
N ARG A 80 -5.39 -3.32 11.72
CA ARG A 80 -4.29 -2.37 11.68
C ARG A 80 -4.60 -1.19 10.74
N HIS A 81 -5.85 -0.84 10.68
CA HIS A 81 -6.39 0.30 9.98
C HIS A 81 -7.79 0.50 10.46
N SER A 82 -8.52 1.41 9.87
CA SER A 82 -9.82 1.74 10.40
C SER A 82 -10.97 1.53 9.45
N ASN A 83 -10.75 0.83 8.38
CA ASN A 83 -11.81 0.74 7.38
C ASN A 83 -11.58 -0.28 6.34
N VAL A 84 -10.56 -0.06 5.69
CA VAL A 84 -10.17 -0.69 4.48
C VAL A 84 -11.26 -0.91 3.48
N GLU A 85 -11.62 0.16 2.84
CA GLU A 85 -12.53 0.07 1.79
C GLU A 85 -11.90 0.31 0.50
N ILE A 86 -11.71 -0.80 -0.10
CA ILE A 86 -11.17 -0.95 -1.45
C ILE A 86 -11.98 -0.07 -2.37
N LEU A 87 -13.14 -0.51 -2.67
CA LEU A 87 -14.11 0.19 -3.53
C LEU A 87 -13.63 0.29 -4.99
N ALA A 88 -12.37 0.05 -5.24
CA ALA A 88 -11.90 0.05 -6.62
C ALA A 88 -11.06 -1.15 -6.89
N GLU A 89 -11.56 -2.03 -7.71
CA GLU A 89 -10.83 -3.20 -8.12
C GLU A 89 -10.99 -3.32 -9.61
N GLU A 90 -9.93 -3.11 -10.32
CA GLU A 90 -9.98 -3.14 -11.76
C GLU A 90 -8.79 -3.87 -12.34
N SER A 91 -9.01 -4.49 -13.48
CA SER A 91 -8.01 -5.23 -14.20
C SER A 91 -7.05 -4.25 -14.86
N ILE A 92 -5.80 -4.35 -14.52
CA ILE A 92 -4.81 -3.45 -15.05
C ILE A 92 -3.72 -4.12 -15.86
N ALA A 93 -2.78 -3.29 -16.33
CA ALA A 93 -1.64 -3.75 -17.10
C ALA A 93 -0.39 -3.75 -16.29
N LYS A 94 -0.56 -3.27 -15.12
CA LYS A 94 0.44 -3.07 -14.16
C LYS A 94 1.59 -2.20 -14.71
N ARG A 95 2.66 -2.14 -13.96
CA ARG A 95 3.91 -1.48 -14.32
C ARG A 95 3.85 0.02 -14.01
N ARG A 96 2.99 0.37 -13.10
CA ARG A 96 2.82 1.75 -12.73
C ARG A 96 3.84 2.14 -11.69
N PHE A 97 3.92 1.41 -10.60
CA PHE A 97 4.90 1.78 -9.60
C PHE A 97 6.09 0.89 -9.60
N ALA A 98 5.94 -0.23 -10.27
CA ALA A 98 7.01 -1.26 -10.50
C ALA A 98 7.54 -1.93 -9.20
N GLY A 99 7.24 -1.34 -8.10
CA GLY A 99 7.53 -1.86 -6.81
C GLY A 99 6.49 -1.32 -5.88
N TRP A 100 6.44 -1.79 -4.67
CA TRP A 100 5.52 -1.24 -3.68
C TRP A 100 6.21 -0.10 -2.93
N HIS A 101 5.48 0.99 -2.71
CA HIS A 101 6.02 2.17 -2.06
C HIS A 101 5.21 2.46 -0.80
N MET A 102 5.72 3.27 0.07
CA MET A 102 5.02 3.55 1.32
C MET A 102 5.39 4.95 1.77
N GLN A 103 4.42 5.72 2.23
CA GLN A 103 4.68 7.04 2.77
C GLN A 103 5.39 6.95 4.11
N LEU A 104 5.02 5.98 4.90
CA LEU A 104 5.60 5.79 6.20
C LEU A 104 6.65 4.66 6.08
N SER A 105 7.82 5.03 5.66
CA SER A 105 8.94 4.14 5.40
C SER A 105 10.17 5.02 5.28
N CYS A 106 10.94 5.11 6.38
CA CYS A 106 12.08 6.04 6.54
C CYS A 106 11.53 7.47 6.70
N SER A 107 10.77 7.90 5.71
CA SER A 107 9.97 9.10 5.73
C SER A 107 10.73 10.40 6.01
N GLU A 108 9.97 11.44 6.25
CA GLU A 108 10.51 12.73 6.45
C GLU A 108 10.79 13.00 7.91
N ALA A 109 11.53 14.03 8.10
CA ALA A 109 11.80 14.66 9.37
C ALA A 109 11.78 16.13 9.02
N ASP A 110 10.97 16.40 8.02
CA ASP A 110 10.81 17.69 7.40
C ASP A 110 9.53 18.35 7.89
N MET A 111 8.40 17.72 7.64
CA MET A 111 7.14 18.24 8.13
C MET A 111 6.76 17.64 9.47
N ARG A 112 6.61 16.31 9.48
CA ARG A 112 6.16 15.52 10.65
C ARG A 112 4.71 15.81 11.07
N SER A 113 4.38 17.08 11.28
CA SER A 113 3.06 17.52 11.75
C SER A 113 1.90 17.16 10.79
N LEU A 114 2.22 16.58 9.64
CA LEU A 114 1.21 16.17 8.66
C LEU A 114 0.46 14.89 9.07
N GLY A 115 0.74 14.39 10.26
CA GLY A 115 0.08 13.18 10.73
C GLY A 115 1.09 12.12 11.10
N LEU A 116 2.34 12.42 10.85
CA LEU A 116 3.44 11.50 11.17
C LEU A 116 4.09 11.98 12.46
N ALA A 117 3.42 12.90 13.09
CA ALA A 117 3.89 13.51 14.29
C ALA A 117 3.77 12.57 15.47
N GLU A 118 4.79 11.77 15.64
CA GLU A 118 4.92 10.90 16.77
C GLU A 118 5.31 11.78 17.95
N SER A 119 6.11 12.78 17.64
CA SER A 119 6.58 13.77 18.56
C SER A 119 5.39 14.51 19.18
N ARG A 120 5.24 14.35 20.48
CA ARG A 120 4.09 14.94 21.18
C ARG A 120 4.41 16.37 21.64
N GLN A 121 5.60 16.80 21.34
CA GLN A 121 6.05 18.13 21.65
C GLN A 121 7.03 18.59 20.58
#